data_6N0M
#
_entry.id   6N0M
#
_cell.length_a   290.410
_cell.length_b   290.410
_cell.length_c   290.410
_cell.angle_alpha   90.000
_cell.angle_beta   90.000
_cell.angle_gamma   90.000
#
_symmetry.space_group_name_H-M   'I 2 3'
#
loop_
_entity.id
_entity.type
_entity.pdbx_description
1 polymer Sestrin-2
2 non-polymer 4-(difluoromethyl)-L-leucine
#
_entity_poly.entity_id   1
_entity_poly.type   'polypeptide(L)'
_entity_poly.pdbx_seq_one_letter_code
;GLEALMSSGRVDNLAVVMGLHPDYFTSFWRLHYLLLHTDGPLASSWRHYIAIMAAARHQCSYLVGSHMAEFLQTGGDPEW
LLGLHRAPEKLRKLSEINKLLAHRPWLITKEHIQALLKTGEHTWSLAELIQALVLLTHCHSLSSFVFGCGILPEGDADGS
PAPQAPTPPSEQSSPPSRDPLNNSGGFESARDVEALMERMQQLQESLLRDEGTSQEEMESRFELEKSESLLVTPSADILE
PSPHPDMLCFVEDPTFGYEDFTRRGAQAPPTFRAQDYTWEDHGYSLIQRLYPEGGQLLDEKFQAAYSLTYNTIAMHSGVD
TSVLRRAIWNYIHCVFGIRYDDYDYGEVNQLLERNLKVYIKTVACYPEKTTRRMYNLFWRHFRHSEKVHVNLLLLEARMQ
AALLYALRAITRYMT
;
_entity_poly.pdbx_strand_id   A,B,C,D,E
#
# COMPACT_ATOMS: atom_id res chain seq x y z
N GLY A 1 5.56 -40.67 -13.14
CA GLY A 1 6.17 -40.95 -14.52
C GLY A 1 6.29 -42.44 -14.93
N LEU A 2 6.41 -42.75 -16.22
CA LEU A 2 6.54 -44.17 -16.68
C LEU A 2 8.01 -44.67 -16.61
N GLU A 3 8.61 -44.62 -15.41
CA GLU A 3 10.07 -44.82 -15.20
C GLU A 3 10.58 -46.08 -15.93
N ALA A 4 9.86 -47.20 -15.77
CA ALA A 4 10.33 -48.50 -16.22
C ALA A 4 10.50 -48.53 -17.73
N LEU A 5 9.47 -48.07 -18.45
CA LEU A 5 9.51 -47.90 -19.94
C LEU A 5 10.60 -46.92 -20.39
N MET A 6 10.64 -45.77 -19.72
CA MET A 6 11.59 -44.70 -20.06
C MET A 6 13.05 -45.22 -20.09
N SER A 7 13.45 -45.91 -19.01
CA SER A 7 14.77 -46.57 -18.92
C SER A 7 14.88 -48.03 -19.46
N SER A 8 13.78 -48.61 -19.94
CA SER A 8 13.91 -49.81 -20.78
C SER A 8 14.85 -49.51 -21.95
N GLY A 9 14.74 -48.29 -22.46
CA GLY A 9 15.41 -47.92 -23.67
C GLY A 9 15.06 -48.94 -24.74
N ARG A 10 13.78 -49.19 -24.94
CA ARG A 10 13.29 -49.79 -26.19
C ARG A 10 12.32 -48.84 -26.87
N VAL A 11 12.16 -47.61 -26.33
CA VAL A 11 11.45 -46.54 -27.03
C VAL A 11 12.40 -45.37 -27.15
N ASP A 12 12.25 -44.62 -28.24
CA ASP A 12 13.17 -43.52 -28.54
C ASP A 12 13.12 -42.41 -27.49
N ASN A 13 14.22 -41.67 -27.42
CA ASN A 13 14.37 -40.48 -26.57
C ASN A 13 13.15 -39.55 -26.50
N LEU A 14 12.54 -39.27 -27.67
CA LEU A 14 11.35 -38.43 -27.77
C LEU A 14 10.27 -38.98 -26.87
N ALA A 15 9.99 -40.27 -27.05
CA ALA A 15 8.93 -40.95 -26.31
C ALA A 15 9.25 -41.07 -24.83
N VAL A 16 10.54 -41.23 -24.53
CA VAL A 16 11.01 -41.20 -23.14
C VAL A 16 10.62 -39.91 -22.46
N VAL A 17 10.93 -38.79 -23.09
CA VAL A 17 10.64 -37.50 -22.47
C VAL A 17 9.13 -37.29 -22.34
N MET A 18 8.34 -37.76 -23.30
CA MET A 18 6.87 -37.67 -23.19
C MET A 18 6.38 -38.39 -21.96
N GLY A 19 7.03 -39.51 -21.64
CA GLY A 19 6.77 -40.26 -20.42
C GLY A 19 6.67 -39.46 -19.12
N LEU A 20 7.45 -38.38 -19.04
CA LEU A 20 7.34 -37.45 -17.91
C LEU A 20 5.89 -37.03 -17.59
N HIS A 21 4.95 -37.24 -18.52
CA HIS A 21 3.53 -36.89 -18.34
C HIS A 21 2.63 -37.97 -18.88
N PRO A 22 2.45 -39.05 -18.10
CA PRO A 22 1.72 -40.22 -18.60
C PRO A 22 0.33 -39.90 -19.16
N ASP A 23 -0.38 -38.97 -18.53
CA ASP A 23 -1.70 -38.62 -19.03
C ASP A 23 -1.66 -37.95 -20.41
N TYR A 24 -0.53 -37.36 -20.78
CA TYR A 24 -0.37 -36.88 -22.16
C TYR A 24 0.16 -37.98 -23.05
N PHE A 25 1.19 -38.65 -22.55
CA PHE A 25 1.83 -39.76 -23.24
C PHE A 25 0.88 -40.77 -23.87
N THR A 26 -0.24 -41.05 -23.19
CA THR A 26 -1.18 -42.03 -23.71
C THR A 26 -1.80 -41.47 -24.96
N SER A 27 -2.33 -40.25 -24.87
CA SER A 27 -2.92 -39.63 -26.06
C SER A 27 -1.88 -39.40 -27.15
N PHE A 28 -0.65 -39.07 -26.76
CA PHE A 28 0.44 -38.93 -27.72
C PHE A 28 0.71 -40.21 -28.45
N TRP A 29 0.83 -41.30 -27.70
CA TRP A 29 1.19 -42.59 -28.27
C TRP A 29 0.10 -43.04 -29.23
N ARG A 30 -1.17 -42.92 -28.84
CA ARG A 30 -2.26 -43.39 -29.70
C ARG A 30 -2.23 -42.75 -31.07
N LEU A 31 -1.98 -41.44 -31.12
CA LEU A 31 -1.90 -40.75 -32.38
C LEU A 31 -0.65 -41.18 -33.08
N HIS A 32 0.47 -41.30 -32.38
CA HIS A 32 1.71 -41.64 -33.08
C HIS A 32 1.58 -43.07 -33.64
N TYR A 33 1.19 -44.04 -32.81
CA TYR A 33 1.03 -45.42 -33.31
C TYR A 33 0.15 -45.41 -34.55
N LEU A 34 -1.01 -44.74 -34.46
CA LEU A 34 -1.89 -44.56 -35.61
C LEU A 34 -1.15 -44.02 -36.85
N LEU A 35 -0.61 -42.81 -36.78
CA LEU A 35 -0.13 -42.12 -38.00
C LEU A 35 1.00 -42.85 -38.66
N LEU A 36 1.85 -43.47 -37.86
CA LEU A 36 3.06 -44.03 -38.41
C LEU A 36 3.00 -45.55 -38.52
N HIS A 37 2.18 -46.22 -37.72
CA HIS A 37 2.28 -47.68 -37.62
C HIS A 37 0.97 -48.47 -37.63
N THR A 38 -0.02 -47.93 -38.36
CA THR A 38 -1.39 -48.46 -38.50
C THR A 38 -1.89 -48.19 -39.93
N ASP A 39 -2.87 -48.96 -40.38
CA ASP A 39 -3.57 -48.69 -41.63
C ASP A 39 -4.20 -47.31 -41.68
N GLY A 40 -4.64 -46.96 -42.88
CA GLY A 40 -5.21 -45.64 -43.20
C GLY A 40 -4.88 -45.31 -44.65
N PRO A 41 -5.43 -44.22 -45.16
CA PRO A 41 -5.47 -43.94 -46.60
C PRO A 41 -4.13 -43.99 -47.36
N LEU A 42 -3.03 -43.56 -46.74
CA LEU A 42 -1.73 -43.49 -47.42
C LEU A 42 -0.84 -44.64 -46.96
N ALA A 43 -0.04 -45.20 -47.86
CA ALA A 43 0.88 -46.30 -47.50
C ALA A 43 1.96 -45.87 -46.53
N SER A 44 2.46 -46.83 -45.76
CA SER A 44 3.44 -46.54 -44.72
C SER A 44 4.58 -45.66 -45.26
N SER A 45 5.22 -46.10 -46.34
CA SER A 45 6.30 -45.33 -46.96
C SER A 45 5.89 -43.88 -47.15
N TRP A 46 4.75 -43.64 -47.78
CA TRP A 46 4.27 -42.26 -48.00
C TRP A 46 4.10 -41.46 -46.70
N ARG A 47 3.61 -42.13 -45.66
CA ARG A 47 3.40 -41.47 -44.38
C ARG A 47 4.74 -41.13 -43.78
N HIS A 48 5.72 -42.00 -43.92
CA HIS A 48 7.07 -41.69 -43.44
C HIS A 48 7.82 -40.66 -44.27
N TYR A 49 7.48 -40.54 -45.54
CA TYR A 49 8.18 -39.60 -46.40
C TYR A 49 7.54 -38.23 -46.22
N ILE A 50 6.22 -38.20 -46.05
CA ILE A 50 5.51 -36.98 -45.66
C ILE A 50 6.09 -36.44 -44.36
N ALA A 51 6.35 -37.34 -43.42
CA ALA A 51 6.98 -36.97 -42.14
C ALA A 51 8.35 -36.31 -42.30
N ILE A 52 9.13 -36.83 -43.25
CA ILE A 52 10.44 -36.25 -43.56
C ILE A 52 10.25 -34.82 -44.05
N MET A 53 9.27 -34.61 -44.91
CA MET A 53 9.12 -33.33 -45.56
C MET A 53 8.73 -32.27 -44.56
N ALA A 54 7.90 -32.67 -43.61
CA ALA A 54 7.49 -31.78 -42.55
C ALA A 54 8.65 -31.51 -41.62
N ALA A 55 9.37 -32.57 -41.27
CA ALA A 55 10.50 -32.42 -40.36
C ALA A 55 11.60 -31.52 -40.98
N ALA A 56 11.86 -31.72 -42.26
CA ALA A 56 12.81 -30.90 -42.98
C ALA A 56 12.59 -29.40 -42.75
N ARG A 57 11.34 -28.94 -42.75
CA ARG A 57 11.06 -27.51 -42.59
C ARG A 57 11.72 -26.90 -41.40
N HIS A 58 11.90 -27.66 -40.31
CA HIS A 58 12.69 -27.18 -39.15
C HIS A 58 14.04 -27.86 -38.98
N GLN A 59 14.62 -28.31 -40.10
CA GLN A 59 15.96 -28.81 -40.10
C GLN A 59 16.10 -29.85 -38.94
N CYS A 60 15.02 -30.61 -38.64
CA CYS A 60 14.95 -31.43 -37.42
C CYS A 60 15.42 -32.83 -37.70
N SER A 61 16.74 -33.03 -37.69
CA SER A 61 17.33 -34.31 -38.08
C SER A 61 16.93 -35.46 -37.15
N TYR A 62 16.45 -35.17 -35.96
CA TYR A 62 15.94 -36.25 -35.15
C TYR A 62 14.83 -36.96 -35.89
N LEU A 63 13.86 -36.19 -36.36
CA LEU A 63 12.67 -36.74 -36.99
C LEU A 63 12.97 -37.11 -38.43
N VAL A 64 13.87 -36.39 -39.09
CA VAL A 64 14.23 -36.73 -40.46
C VAL A 64 15.01 -38.03 -40.51
N GLY A 65 16.01 -38.15 -39.67
CA GLY A 65 16.78 -39.38 -39.60
C GLY A 65 15.89 -40.57 -39.27
N SER A 66 15.12 -40.43 -38.18
CA SER A 66 14.14 -41.42 -37.77
C SER A 66 13.26 -41.84 -38.95
N HIS A 67 12.52 -40.90 -39.53
CA HIS A 67 11.62 -41.28 -40.60
C HIS A 67 12.31 -41.79 -41.87
N MET A 68 13.51 -41.30 -42.17
CA MET A 68 14.26 -41.88 -43.27
C MET A 68 14.33 -43.36 -43.01
N ALA A 69 14.70 -43.73 -41.79
CA ALA A 69 14.97 -45.14 -41.50
C ALA A 69 13.70 -45.97 -41.47
N GLU A 70 12.59 -45.38 -41.05
CA GLU A 70 11.32 -46.09 -41.05
C GLU A 70 10.91 -46.24 -42.49
N PHE A 71 10.96 -45.15 -43.23
CA PHE A 71 10.69 -45.19 -44.66
C PHE A 71 11.45 -46.34 -45.30
N LEU A 72 12.71 -46.52 -44.92
CA LEU A 72 13.50 -47.59 -45.51
C LEU A 72 13.09 -48.98 -45.00
N GLN A 73 12.87 -49.14 -43.70
CA GLN A 73 12.46 -50.46 -43.13
C GLN A 73 11.13 -50.91 -43.72
N THR A 74 10.27 -49.94 -44.03
CA THR A 74 8.95 -50.22 -44.58
C THR A 74 8.95 -50.42 -46.11
N GLY A 75 10.13 -50.45 -46.73
CA GLY A 75 10.28 -50.73 -48.15
C GLY A 75 9.95 -49.53 -48.98
N GLY A 76 10.45 -48.36 -48.59
CA GLY A 76 10.25 -47.14 -49.36
C GLY A 76 11.27 -47.21 -50.45
N ASP A 77 11.02 -46.55 -51.58
CA ASP A 77 12.00 -46.51 -52.65
C ASP A 77 13.18 -45.68 -52.18
N PRO A 78 14.33 -46.32 -51.90
CA PRO A 78 15.38 -45.55 -51.23
C PRO A 78 15.82 -44.35 -52.05
N GLU A 79 15.54 -44.36 -53.35
CA GLU A 79 15.85 -43.22 -54.18
C GLU A 79 15.17 -41.94 -53.79
N TRP A 80 14.05 -42.00 -53.10
CA TRP A 80 13.38 -40.77 -52.65
C TRP A 80 14.22 -40.02 -51.60
N LEU A 81 15.14 -40.72 -50.94
CA LEU A 81 16.03 -40.06 -49.99
C LEU A 81 17.08 -39.16 -50.66
N LEU A 82 17.18 -39.26 -51.97
CA LEU A 82 18.05 -38.36 -52.68
C LEU A 82 17.48 -36.96 -52.87
N GLY A 83 16.20 -36.78 -52.55
CA GLY A 83 15.57 -35.46 -52.67
C GLY A 83 14.16 -35.55 -53.21
N LEU A 84 13.38 -34.50 -53.03
CA LEU A 84 12.00 -34.48 -53.53
C LEU A 84 11.89 -34.74 -55.01
N HIS A 85 12.83 -34.21 -55.82
CA HIS A 85 12.73 -34.38 -57.27
C HIS A 85 12.45 -35.85 -57.64
N ARG A 86 12.99 -36.82 -56.87
CA ARG A 86 12.72 -38.25 -57.06
C ARG A 86 11.40 -38.79 -56.49
N ALA A 87 10.78 -38.04 -55.59
CA ALA A 87 9.44 -38.39 -55.08
C ALA A 87 8.42 -38.33 -56.22
N PRO A 88 7.29 -39.05 -56.09
CA PRO A 88 6.25 -38.94 -57.08
C PRO A 88 5.60 -37.57 -56.99
N GLU A 89 5.03 -37.10 -58.10
CA GLU A 89 4.59 -35.71 -58.19
C GLU A 89 3.50 -35.42 -57.16
N LYS A 90 2.62 -36.39 -56.93
CA LYS A 90 1.56 -36.24 -55.93
C LYS A 90 2.09 -35.82 -54.55
N LEU A 91 3.20 -36.42 -54.17
CA LEU A 91 3.83 -36.16 -52.89
C LEU A 91 4.49 -34.79 -52.87
N ARG A 92 4.92 -34.29 -54.03
CA ARG A 92 5.55 -32.95 -54.14
C ARG A 92 4.61 -31.77 -54.16
N LYS A 93 3.37 -31.98 -54.63
CA LYS A 93 2.33 -30.95 -54.56
C LYS A 93 2.10 -30.53 -53.10
N LEU A 94 2.49 -31.41 -52.20
CA LEU A 94 2.37 -31.19 -50.78
C LEU A 94 3.34 -30.15 -50.21
N SER A 95 4.38 -29.79 -50.97
CA SER A 95 5.41 -28.90 -50.43
C SER A 95 4.86 -27.57 -50.05
N GLU A 96 3.97 -27.03 -50.90
CA GLU A 96 3.46 -25.69 -50.67
C GLU A 96 2.72 -25.61 -49.35
N ILE A 97 1.75 -26.52 -49.18
CA ILE A 97 1.01 -26.57 -47.93
C ILE A 97 1.86 -27.04 -46.73
N ASN A 98 2.91 -27.82 -46.97
CA ASN A 98 3.82 -28.24 -45.89
C ASN A 98 4.51 -27.01 -45.32
N LYS A 99 5.12 -26.24 -46.20
CA LYS A 99 5.78 -24.97 -45.84
C LYS A 99 4.89 -24.08 -45.01
N LEU A 100 3.69 -23.84 -45.51
CA LEU A 100 2.79 -22.91 -44.86
C LEU A 100 2.33 -23.41 -43.50
N LEU A 101 1.97 -24.68 -43.40
CA LEU A 101 1.58 -25.21 -42.10
C LEU A 101 2.69 -25.01 -41.07
N ALA A 102 3.92 -25.27 -41.52
CA ALA A 102 5.08 -25.09 -40.67
C ALA A 102 5.31 -23.65 -40.21
N HIS A 103 5.14 -22.68 -41.09
CA HIS A 103 5.64 -21.34 -40.84
C HIS A 103 4.58 -20.24 -40.79
N ARG A 104 3.70 -20.20 -41.78
CA ARG A 104 2.68 -19.17 -41.88
C ARG A 104 1.34 -19.79 -42.27
N PRO A 105 0.74 -20.56 -41.36
CA PRO A 105 -0.44 -21.36 -41.69
C PRO A 105 -1.70 -20.58 -42.00
N TRP A 106 -1.79 -19.38 -41.44
CA TRP A 106 -2.77 -18.38 -41.87
C TRP A 106 -2.77 -18.04 -43.38
N LEU A 107 -1.71 -18.32 -44.12
CA LEU A 107 -1.70 -18.13 -45.58
C LEU A 107 -2.37 -19.23 -46.41
N ILE A 108 -2.77 -20.33 -45.76
CA ILE A 108 -3.39 -21.45 -46.46
C ILE A 108 -4.78 -21.03 -46.89
N THR A 109 -5.08 -21.28 -48.16
CA THR A 109 -6.25 -20.76 -48.81
C THR A 109 -6.83 -21.77 -49.78
N LYS A 110 -8.14 -21.76 -49.93
CA LYS A 110 -8.84 -22.67 -50.83
C LYS A 110 -8.09 -23.00 -52.14
N GLU A 111 -7.36 -22.05 -52.74
CA GLU A 111 -6.61 -22.35 -53.96
C GLU A 111 -5.57 -23.44 -53.72
N HIS A 112 -4.85 -23.33 -52.60
CA HIS A 112 -3.85 -24.34 -52.18
C HIS A 112 -4.46 -25.73 -52.06
N ILE A 113 -5.68 -25.78 -51.53
CA ILE A 113 -6.46 -27.00 -51.37
C ILE A 113 -6.98 -27.51 -52.71
N GLN A 114 -7.55 -26.60 -53.48
CA GLN A 114 -7.99 -26.85 -54.87
C GLN A 114 -6.86 -27.36 -55.80
N ALA A 115 -5.60 -26.99 -55.52
CA ALA A 115 -4.40 -27.54 -56.18
C ALA A 115 -4.18 -29.02 -55.97
N LEU A 116 -4.45 -29.50 -54.78
CA LEU A 116 -4.14 -30.87 -54.41
C LEU A 116 -5.24 -31.75 -54.97
N LEU A 117 -6.47 -31.32 -54.77
CA LEU A 117 -7.68 -32.10 -55.11
C LEU A 117 -8.12 -31.95 -56.60
N LYS A 118 -7.41 -31.06 -57.31
CA LYS A 118 -7.37 -30.92 -58.79
C LYS A 118 -7.17 -32.26 -59.43
N THR A 119 -8.18 -32.71 -60.21
CA THR A 119 -8.22 -34.12 -60.67
C THR A 119 -7.26 -34.23 -61.85
N GLY A 120 -6.18 -34.98 -61.67
CA GLY A 120 -5.04 -35.06 -62.60
C GLY A 120 -4.59 -36.50 -62.70
N GLU A 121 -3.27 -36.73 -62.84
CA GLU A 121 -2.73 -38.10 -63.01
C GLU A 121 -2.88 -38.85 -61.70
N HIS A 122 -2.23 -38.31 -60.67
CA HIS A 122 -2.39 -38.79 -59.30
C HIS A 122 -2.87 -37.61 -58.42
N THR A 123 -4.09 -37.78 -57.90
CA THR A 123 -4.84 -36.76 -57.15
C THR A 123 -4.98 -37.17 -55.70
N TRP A 124 -5.06 -36.17 -54.83
CA TRP A 124 -5.35 -36.38 -53.44
C TRP A 124 -6.85 -36.60 -53.24
N SER A 125 -7.22 -37.67 -52.54
CA SER A 125 -8.57 -37.78 -51.96
C SER A 125 -8.64 -36.80 -50.77
N LEU A 126 -9.83 -36.46 -50.30
CA LEU A 126 -9.91 -35.70 -49.04
C LEU A 126 -9.39 -36.54 -47.86
N ALA A 127 -9.74 -37.82 -47.88
CA ALA A 127 -9.29 -38.75 -46.88
C ALA A 127 -7.77 -38.73 -46.76
N GLU A 128 -7.10 -38.88 -47.90
CA GLU A 128 -5.63 -38.85 -47.94
C GLU A 128 -5.08 -37.51 -47.55
N LEU A 129 -5.69 -36.45 -48.08
CA LEU A 129 -5.22 -35.10 -47.82
C LEU A 129 -5.27 -34.81 -46.33
N ILE A 130 -6.41 -35.09 -45.71
CA ILE A 130 -6.54 -34.92 -44.28
C ILE A 130 -5.45 -35.72 -43.54
N GLN A 131 -5.28 -37.00 -43.84
CA GLN A 131 -4.22 -37.75 -43.15
C GLN A 131 -2.88 -37.02 -43.24
N ALA A 132 -2.57 -36.48 -44.42
CA ALA A 132 -1.33 -35.77 -44.67
C ALA A 132 -1.22 -34.48 -43.86
N LEU A 133 -2.29 -33.72 -43.73
CA LEU A 133 -2.26 -32.51 -42.90
C LEU A 133 -1.99 -32.89 -41.46
N VAL A 134 -2.60 -33.98 -41.01
CA VAL A 134 -2.36 -34.44 -39.66
C VAL A 134 -0.90 -34.89 -39.57
N LEU A 135 -0.41 -35.65 -40.53
CA LEU A 135 1.00 -36.02 -40.54
C LEU A 135 1.98 -34.84 -40.55
N LEU A 136 1.67 -33.80 -41.33
CA LEU A 136 2.60 -32.67 -41.52
C LEU A 136 2.62 -31.88 -40.24
N THR A 137 1.44 -31.55 -39.75
CA THR A 137 1.30 -30.72 -38.56
C THR A 137 1.86 -31.42 -37.31
N HIS A 138 1.77 -32.74 -37.31
CA HIS A 138 2.25 -33.59 -36.23
C HIS A 138 3.76 -33.52 -36.19
N CYS A 139 4.43 -33.76 -37.31
CA CYS A 139 5.90 -33.75 -37.32
C CYS A 139 6.48 -32.35 -37.13
N HIS A 140 5.69 -31.31 -37.42
CA HIS A 140 6.10 -29.95 -37.08
C HIS A 140 6.07 -29.84 -35.58
N SER A 141 4.87 -30.00 -35.00
CA SER A 141 4.73 -29.96 -33.55
C SER A 141 5.78 -30.87 -32.85
N LEU A 142 6.07 -32.03 -33.40
CA LEU A 142 7.10 -32.88 -32.81
C LEU A 142 8.49 -32.32 -33.01
N SER A 143 8.74 -31.58 -34.08
CA SER A 143 10.01 -30.82 -34.19
C SER A 143 10.11 -29.74 -33.10
N SER A 144 9.02 -29.04 -32.81
CA SER A 144 9.07 -28.08 -31.73
C SER A 144 9.49 -28.81 -30.47
N PHE A 145 8.74 -29.84 -30.11
CA PHE A 145 9.04 -30.66 -28.92
C PHE A 145 10.48 -31.18 -28.86
N VAL A 146 10.99 -31.55 -30.01
CA VAL A 146 12.33 -32.14 -30.11
C VAL A 146 13.40 -31.11 -29.75
N PHE A 147 13.36 -29.93 -30.36
CA PHE A 147 14.31 -28.86 -29.97
C PHE A 147 13.99 -28.26 -28.58
N GLY A 148 12.69 -28.10 -28.34
CA GLY A 148 12.18 -27.48 -27.13
C GLY A 148 12.74 -28.19 -25.93
N CYS A 149 12.63 -29.52 -25.95
CA CYS A 149 13.11 -30.37 -24.85
C CYS A 149 14.54 -30.92 -25.00
N GLY A 150 15.29 -30.40 -25.99
CA GLY A 150 16.68 -30.78 -26.22
C GLY A 150 16.92 -32.22 -26.57
N ILE A 151 15.94 -32.83 -27.24
CA ILE A 151 15.90 -34.28 -27.42
C ILE A 151 17.05 -34.65 -28.29
N LEU A 152 17.73 -35.73 -27.91
CA LEU A 152 18.96 -36.13 -28.56
C LEU A 152 18.76 -37.30 -29.48
N PRO A 153 19.56 -37.37 -30.56
CA PRO A 153 19.38 -38.48 -31.47
C PRO A 153 19.99 -39.71 -30.82
N GLU A 154 19.56 -40.86 -31.30
CA GLU A 154 19.81 -42.11 -30.59
C GLU A 154 21.22 -42.62 -30.84
N GLY A 155 21.86 -42.19 -31.95
CA GLY A 155 23.12 -42.75 -32.47
C GLY A 155 24.43 -42.26 -31.86
N ASP A 156 25.33 -43.22 -31.57
CA ASP A 156 26.60 -42.99 -30.84
C ASP A 156 27.78 -43.67 -31.56
N PRO A 168 22.87 -39.35 -22.07
CA PRO A 168 21.53 -38.87 -21.62
C PRO A 168 20.47 -38.91 -22.76
N PRO A 169 19.13 -38.95 -22.46
CA PRO A 169 18.10 -38.87 -23.53
C PRO A 169 17.74 -37.45 -23.99
N SER A 170 18.12 -36.42 -23.22
CA SER A 170 18.04 -35.01 -23.68
C SER A 170 19.30 -34.27 -23.29
N GLU A 171 19.61 -33.18 -24.00
CA GLU A 171 20.70 -32.28 -23.64
C GLU A 171 20.27 -31.15 -22.68
N GLN A 172 19.11 -31.29 -22.02
CA GLN A 172 18.47 -30.19 -21.26
C GLN A 172 17.65 -30.71 -20.05
N SER A 173 16.58 -31.48 -20.25
CA SER A 173 15.91 -32.22 -19.15
C SER A 173 16.85 -33.38 -18.79
N SER A 174 16.61 -34.08 -17.68
CA SER A 174 17.60 -35.07 -17.15
C SER A 174 16.98 -36.26 -16.31
N PRO A 175 16.22 -37.17 -17.00
CA PRO A 175 15.44 -38.19 -16.28
C PRO A 175 16.25 -39.44 -15.86
N ARG A 191 11.83 -14.82 -4.84
CA ARG A 191 11.09 -15.82 -5.60
C ARG A 191 9.76 -15.30 -6.19
N ASP A 192 9.94 -14.57 -7.30
CA ASP A 192 8.99 -14.41 -8.45
C ASP A 192 7.95 -15.52 -8.72
N VAL A 193 8.28 -16.75 -8.39
CA VAL A 193 7.32 -17.87 -8.36
C VAL A 193 6.09 -17.59 -7.48
N GLU A 194 6.32 -16.87 -6.38
CA GLU A 194 5.28 -16.54 -5.38
C GLU A 194 4.60 -15.23 -5.79
N ALA A 195 5.30 -14.41 -6.55
CA ALA A 195 4.71 -13.28 -7.26
C ALA A 195 3.72 -13.75 -8.33
N LEU A 196 4.18 -14.72 -9.12
CA LEU A 196 3.33 -15.30 -10.13
C LEU A 196 2.06 -15.88 -9.50
N MET A 197 2.24 -16.60 -8.39
CA MET A 197 1.10 -17.15 -7.65
C MET A 197 0.13 -16.10 -7.14
N GLU A 198 0.67 -14.92 -6.81
CA GLU A 198 -0.15 -13.76 -6.44
C GLU A 198 -0.93 -13.21 -7.61
N ARG A 199 -0.25 -13.02 -8.74
CA ARG A 199 -0.90 -12.38 -9.90
C ARG A 199 -2.02 -13.28 -10.47
N MET A 200 -1.82 -14.59 -10.34
CA MET A 200 -2.83 -15.62 -10.64
C MET A 200 -4.02 -15.46 -9.73
N GLN A 201 -3.74 -15.32 -8.43
CA GLN A 201 -4.77 -15.11 -7.41
C GLN A 201 -5.73 -14.04 -7.86
N GLN A 202 -5.20 -12.83 -8.06
CA GLN A 202 -6.02 -11.63 -8.37
C GLN A 202 -6.98 -11.85 -9.53
N LEU A 203 -6.46 -12.49 -10.56
CA LEU A 203 -7.23 -12.78 -11.74
C LEU A 203 -8.39 -13.71 -11.40
N GLN A 204 -8.08 -14.82 -10.73
CA GLN A 204 -9.09 -15.79 -10.31
C GLN A 204 -10.10 -15.25 -9.31
N GLU A 205 -9.67 -14.27 -8.51
CA GLU A 205 -10.56 -13.51 -7.61
C GLU A 205 -11.74 -12.79 -8.34
N SER A 206 -11.51 -12.31 -9.57
CA SER A 206 -12.54 -11.56 -10.34
C SER A 206 -13.81 -12.37 -10.62
N GLU A 216 -13.62 -3.43 -26.06
CA GLU A 216 -13.08 -2.83 -27.29
C GLU A 216 -11.54 -2.63 -27.26
N GLU A 217 -11.00 -2.22 -26.12
CA GLU A 217 -9.55 -2.18 -25.90
C GLU A 217 -8.95 -3.59 -25.72
N MET A 218 -9.81 -4.60 -25.55
CA MET A 218 -9.41 -6.01 -25.64
C MET A 218 -8.99 -6.38 -27.08
N GLU A 219 -9.70 -5.88 -28.11
CA GLU A 219 -9.24 -5.92 -29.54
C GLU A 219 -7.87 -5.25 -29.78
N SER A 220 -7.54 -4.19 -29.04
CA SER A 220 -6.24 -3.50 -29.12
C SER A 220 -5.08 -4.26 -28.46
N ARG A 221 -5.34 -4.84 -27.28
CA ARG A 221 -4.32 -5.61 -26.54
C ARG A 221 -3.81 -6.81 -27.30
N PHE A 222 -4.71 -7.44 -28.05
CA PHE A 222 -4.34 -8.47 -29.00
C PHE A 222 -3.31 -7.95 -30.02
N GLU A 223 -3.68 -6.94 -30.81
CA GLU A 223 -2.78 -6.40 -31.88
C GLU A 223 -1.41 -6.04 -31.32
N LEU A 224 -1.34 -5.65 -30.05
CA LEU A 224 -0.05 -5.34 -29.39
C LEU A 224 0.79 -6.59 -29.16
N GLU A 225 0.18 -7.58 -28.49
CA GLU A 225 0.84 -8.84 -28.14
C GLU A 225 1.31 -9.65 -29.36
N LYS A 226 0.45 -9.69 -30.37
CA LYS A 226 0.74 -10.32 -31.66
C LYS A 226 1.95 -9.71 -32.36
N SER A 227 2.06 -8.38 -32.34
CA SER A 227 3.10 -7.60 -33.07
C SER A 227 4.43 -7.46 -32.32
N GLU A 228 4.35 -7.51 -30.99
CA GLU A 228 5.50 -7.68 -30.11
C GLU A 228 6.45 -8.78 -30.63
N SER A 229 7.73 -8.45 -30.81
CA SER A 229 8.68 -9.27 -31.58
C SER A 229 9.78 -9.87 -30.70
N LEU A 230 10.05 -11.17 -30.86
CA LEU A 230 10.99 -11.92 -29.99
C LEU A 230 11.68 -13.07 -30.73
N PRO A 245 22.20 -29.64 -42.71
CA PRO A 245 21.94 -29.07 -44.05
C PRO A 245 22.05 -30.03 -45.27
N ASP A 246 22.05 -31.34 -44.98
CA ASP A 246 21.64 -32.42 -45.95
C ASP A 246 20.18 -32.21 -46.32
N MET A 247 19.33 -32.26 -45.29
CA MET A 247 17.87 -32.10 -45.32
C MET A 247 17.26 -31.21 -46.40
N LEU A 248 17.97 -30.15 -46.79
CA LEU A 248 17.43 -29.18 -47.75
C LEU A 248 16.77 -29.69 -49.02
N CYS A 249 17.09 -30.92 -49.41
CA CYS A 249 16.54 -31.49 -50.63
C CYS A 249 15.15 -32.14 -50.42
N PHE A 250 14.63 -32.10 -49.20
CA PHE A 250 13.24 -32.45 -48.96
C PHE A 250 12.35 -31.21 -48.79
N VAL A 251 12.77 -30.03 -49.29
CA VAL A 251 11.93 -28.80 -49.16
C VAL A 251 11.89 -27.86 -50.38
N GLU A 252 10.94 -26.93 -50.35
CA GLU A 252 10.89 -25.72 -51.19
C GLU A 252 11.38 -24.58 -50.33
N ASP A 253 11.64 -23.44 -50.97
CA ASP A 253 11.82 -22.18 -50.26
C ASP A 253 12.43 -22.38 -48.86
N PRO A 254 13.69 -22.89 -48.80
CA PRO A 254 14.22 -23.39 -47.51
C PRO A 254 14.36 -22.36 -46.41
N THR A 255 14.38 -21.07 -46.75
CA THR A 255 14.47 -19.95 -45.79
C THR A 255 13.15 -19.29 -45.37
N PHE A 256 12.04 -19.62 -46.01
CA PHE A 256 10.69 -19.19 -45.57
C PHE A 256 10.49 -19.55 -44.09
N GLY A 257 10.14 -18.56 -43.29
CA GLY A 257 9.93 -18.77 -41.87
C GLY A 257 8.78 -17.93 -41.42
N TYR A 258 8.54 -17.93 -40.12
CA TYR A 258 7.51 -17.09 -39.53
C TYR A 258 7.68 -15.63 -39.94
N GLU A 259 8.90 -15.11 -39.76
CA GLU A 259 9.23 -13.72 -40.10
C GLU A 259 9.37 -13.52 -41.60
N ASP A 260 8.84 -12.41 -42.11
CA ASP A 260 8.96 -12.03 -43.52
C ASP A 260 10.09 -11.00 -43.72
N PHE A 261 11.11 -11.45 -44.44
CA PHE A 261 12.21 -10.61 -44.88
C PHE A 261 12.00 -10.10 -46.32
N THR A 262 10.74 -9.86 -46.67
CA THR A 262 10.36 -9.21 -47.92
C THR A 262 9.47 -8.00 -47.56
N ARG A 263 9.50 -7.63 -46.28
CA ARG A 263 8.73 -6.53 -45.74
C ARG A 263 9.57 -6.01 -44.60
N ARG A 264 9.70 -4.69 -44.52
CA ARG A 264 10.30 -4.06 -43.35
C ARG A 264 9.47 -4.36 -42.09
N GLY A 265 10.09 -4.19 -40.95
CA GLY A 265 9.41 -4.36 -39.68
C GLY A 265 9.07 -5.81 -39.42
N ALA A 266 8.36 -6.02 -38.31
CA ALA A 266 8.11 -7.35 -37.80
C ALA A 266 6.96 -8.04 -38.53
N GLN A 267 6.85 -9.34 -38.25
CA GLN A 267 5.75 -10.18 -38.70
C GLN A 267 4.60 -10.16 -37.69
N ALA A 268 3.40 -9.94 -38.20
CA ALA A 268 2.18 -10.10 -37.41
C ALA A 268 1.05 -10.54 -38.34
N PRO A 269 0.56 -11.77 -38.18
CA PRO A 269 -0.38 -12.37 -39.11
C PRO A 269 -1.77 -11.78 -39.02
N PRO A 270 -2.55 -11.86 -40.11
CA PRO A 270 -3.87 -11.24 -40.01
C PRO A 270 -4.67 -11.78 -38.86
N THR A 271 -5.27 -10.86 -38.09
CA THR A 271 -6.06 -11.19 -36.90
C THR A 271 -7.21 -11.99 -37.42
N PHE A 272 -7.50 -13.07 -36.71
CA PHE A 272 -8.58 -14.00 -37.05
C PHE A 272 -9.40 -14.23 -35.79
N ARG A 273 -10.70 -13.97 -35.90
CA ARG A 273 -11.59 -14.04 -34.76
C ARG A 273 -11.78 -15.52 -34.52
N ALA A 274 -11.26 -16.00 -33.40
CA ALA A 274 -11.14 -17.45 -33.12
C ALA A 274 -12.38 -18.26 -33.43
N GLN A 275 -13.53 -17.65 -33.12
CA GLN A 275 -14.81 -18.33 -33.12
C GLN A 275 -15.55 -18.19 -34.43
N ASP A 276 -14.89 -17.74 -35.50
CA ASP A 276 -15.38 -18.06 -36.86
C ASP A 276 -15.16 -19.54 -37.21
N TYR A 277 -14.18 -20.19 -36.58
CA TYR A 277 -13.80 -21.57 -36.91
C TYR A 277 -12.96 -22.19 -35.78
N THR A 278 -13.64 -22.59 -34.70
CA THR A 278 -12.99 -23.33 -33.62
C THR A 278 -12.80 -24.77 -34.00
N TRP A 279 -11.91 -25.45 -33.28
CA TRP A 279 -11.86 -26.90 -33.33
C TRP A 279 -13.20 -27.49 -32.89
N GLU A 280 -13.67 -27.07 -31.72
CA GLU A 280 -14.87 -27.64 -31.13
C GLU A 280 -16.08 -27.69 -32.07
N ASP A 281 -16.39 -26.55 -32.67
CA ASP A 281 -17.61 -26.41 -33.50
C ASP A 281 -17.49 -26.88 -34.94
N HIS A 282 -16.27 -27.00 -35.46
CA HIS A 282 -16.10 -27.16 -36.91
C HIS A 282 -15.01 -28.15 -37.32
N GLY A 283 -13.78 -27.86 -36.91
CA GLY A 283 -12.62 -28.57 -37.39
C GLY A 283 -12.63 -30.01 -37.02
N TYR A 284 -13.08 -30.30 -35.81
CA TYR A 284 -13.19 -31.67 -35.35
C TYR A 284 -14.18 -32.41 -36.22
N SER A 285 -15.38 -31.86 -36.38
CA SER A 285 -16.43 -32.44 -37.20
C SER A 285 -15.94 -32.76 -38.62
N LEU A 286 -15.30 -31.79 -39.27
CA LEU A 286 -14.67 -32.01 -40.57
C LEU A 286 -13.64 -33.14 -40.56
N ILE A 287 -12.80 -33.22 -39.53
CA ILE A 287 -11.86 -34.33 -39.50
C ILE A 287 -12.57 -35.65 -39.22
N GLN A 288 -13.55 -35.72 -38.32
CA GLN A 288 -14.16 -37.03 -38.08
C GLN A 288 -15.00 -37.49 -39.29
N ARG A 289 -15.42 -36.58 -40.15
CA ARG A 289 -16.05 -36.98 -41.40
C ARG A 289 -15.12 -37.50 -42.48
N LEU A 290 -13.89 -36.98 -42.49
CA LEU A 290 -12.88 -37.30 -43.52
C LEU A 290 -11.73 -38.23 -43.08
N TYR A 291 -11.33 -38.18 -41.80
CA TYR A 291 -10.29 -39.08 -41.25
C TYR A 291 -10.67 -39.49 -39.83
N PRO A 292 -11.82 -40.18 -39.69
CA PRO A 292 -12.44 -40.43 -38.40
C PRO A 292 -11.51 -41.06 -37.36
N GLU A 293 -10.78 -42.11 -37.78
CA GLU A 293 -10.00 -42.95 -36.87
C GLU A 293 -8.96 -42.12 -36.07
N GLY A 294 -8.56 -40.98 -36.61
CA GLY A 294 -7.70 -40.03 -35.91
C GLY A 294 -8.28 -38.65 -35.61
N GLY A 295 -9.47 -38.37 -36.10
CA GLY A 295 -10.18 -37.19 -35.64
C GLY A 295 -10.34 -37.21 -34.15
N GLN A 296 -10.76 -38.36 -33.59
CA GLN A 296 -10.98 -38.45 -32.15
C GLN A 296 -9.68 -38.41 -31.38
N LEU A 297 -8.65 -39.07 -31.90
CA LEU A 297 -7.33 -39.04 -31.25
C LEU A 297 -6.68 -37.66 -31.18
N LEU A 298 -7.07 -36.76 -32.09
CA LEU A 298 -6.67 -35.37 -32.05
C LEU A 298 -7.50 -34.65 -31.02
N ASP A 299 -8.82 -34.74 -31.10
CA ASP A 299 -9.66 -34.11 -30.07
C ASP A 299 -9.26 -34.56 -28.68
N GLU A 300 -8.82 -35.82 -28.55
CA GLU A 300 -8.43 -36.35 -27.23
C GLU A 300 -7.10 -35.76 -26.78
N LYS A 301 -6.13 -35.66 -27.71
CA LYS A 301 -4.80 -35.08 -27.42
C LYS A 301 -4.87 -33.62 -27.03
N PHE A 302 -5.60 -32.83 -27.81
CA PHE A 302 -5.77 -31.43 -27.49
C PHE A 302 -6.36 -31.34 -26.09
N GLN A 303 -7.44 -32.06 -25.85
CA GLN A 303 -8.06 -32.07 -24.52
C GLN A 303 -7.06 -32.47 -23.42
N ALA A 304 -6.30 -33.53 -23.67
CA ALA A 304 -5.32 -34.03 -22.70
C ALA A 304 -4.22 -33.06 -22.38
N ALA A 305 -3.88 -32.15 -23.28
CA ALA A 305 -2.78 -31.23 -23.06
C ALA A 305 -3.24 -30.00 -22.36
N TYR A 306 -4.38 -29.48 -22.83
CA TYR A 306 -4.94 -28.31 -22.20
C TYR A 306 -5.20 -28.67 -20.73
N SER A 307 -6.11 -29.62 -20.50
CA SER A 307 -6.55 -29.92 -19.15
C SER A 307 -5.51 -30.61 -18.24
N LEU A 308 -4.40 -31.10 -18.78
CA LEU A 308 -3.31 -31.61 -17.93
C LEU A 308 -2.82 -30.51 -17.01
N THR A 309 -3.19 -30.69 -15.73
CA THR A 309 -2.63 -29.99 -14.55
C THR A 309 -2.30 -31.02 -13.49
N TYR A 310 -1.37 -30.68 -12.62
CA TYR A 310 -1.12 -31.44 -11.41
C TYR A 310 -1.48 -30.60 -10.19
N ASN A 311 -2.01 -29.41 -10.41
CA ASN A 311 -2.17 -28.39 -9.39
C ASN A 311 -0.87 -28.03 -8.70
N THR A 312 0.23 -28.08 -9.44
CA THR A 312 1.51 -27.72 -8.86
C THR A 312 2.10 -26.60 -9.69
N ILE A 313 2.79 -25.67 -9.02
CA ILE A 313 3.35 -24.49 -9.68
C ILE A 313 4.76 -24.24 -9.09
N ALA A 314 5.56 -25.30 -9.13
CA ALA A 314 7.03 -25.32 -8.99
C ALA A 314 7.41 -25.88 -7.64
N MET A 315 7.37 -25.06 -6.59
CA MET A 315 7.53 -25.58 -5.24
C MET A 315 6.16 -26.03 -4.77
N HIS A 316 5.11 -25.34 -5.21
CA HIS A 316 3.86 -25.32 -4.47
C HIS A 316 2.85 -26.34 -4.94
N SER A 317 2.26 -27.07 -4.00
CA SER A 317 1.07 -27.88 -4.25
C SER A 317 -0.15 -26.98 -4.18
N GLY A 318 -1.33 -27.55 -4.32
CA GLY A 318 -2.58 -26.87 -3.97
C GLY A 318 -3.11 -25.74 -4.84
N VAL A 319 -2.50 -25.50 -6.01
CA VAL A 319 -2.83 -24.33 -6.87
C VAL A 319 -3.63 -24.63 -8.14
N ASP A 320 -4.58 -23.76 -8.50
CA ASP A 320 -5.25 -23.83 -9.83
C ASP A 320 -4.46 -22.97 -10.83
N THR A 321 -3.81 -23.65 -11.78
CA THR A 321 -2.96 -23.01 -12.76
C THR A 321 -3.65 -22.71 -14.08
N SER A 322 -4.97 -22.97 -14.18
CA SER A 322 -5.64 -22.88 -15.48
C SER A 322 -5.46 -21.50 -16.12
N VAL A 323 -5.42 -20.45 -15.30
CA VAL A 323 -5.16 -19.08 -15.76
C VAL A 323 -3.86 -18.93 -16.52
N LEU A 324 -2.83 -19.56 -15.97
CA LEU A 324 -1.48 -19.56 -16.51
C LEU A 324 -1.40 -20.46 -17.74
N ARG A 325 -2.02 -21.64 -17.65
CA ARG A 325 -2.08 -22.53 -18.81
C ARG A 325 -2.84 -21.89 -19.98
N ARG A 326 -4.02 -21.34 -19.71
CA ARG A 326 -4.77 -20.51 -20.67
C ARG A 326 -3.89 -19.45 -21.33
N ALA A 327 -3.08 -18.78 -20.52
CA ALA A 327 -2.18 -17.72 -21.01
C ALA A 327 -1.10 -18.21 -21.98
N ILE A 328 -0.53 -19.39 -21.72
CA ILE A 328 0.46 -19.99 -22.64
C ILE A 328 -0.25 -20.37 -23.94
N TRP A 329 -1.34 -21.12 -23.80
CA TRP A 329 -2.21 -21.51 -24.91
C TRP A 329 -2.56 -20.33 -25.76
N ASN A 330 -3.24 -19.35 -25.15
CA ASN A 330 -3.86 -18.26 -25.92
C ASN A 330 -2.84 -17.36 -26.59
N TYR A 331 -1.67 -17.18 -25.95
CA TYR A 331 -0.48 -16.49 -26.52
C TYR A 331 0.02 -17.14 -27.81
N ILE A 332 0.29 -18.45 -27.76
CA ILE A 332 0.77 -19.19 -28.94
C ILE A 332 -0.22 -19.09 -30.09
N HIS A 333 -1.51 -19.10 -29.79
CA HIS A 333 -2.49 -18.88 -30.83
C HIS A 333 -2.43 -17.46 -31.35
N CYS A 334 -2.28 -16.51 -30.43
CA CYS A 334 -1.99 -15.11 -30.80
C CYS A 334 -0.76 -14.94 -31.73
N VAL A 335 0.30 -15.72 -31.50
CA VAL A 335 1.48 -15.72 -32.40
C VAL A 335 1.08 -16.17 -33.83
N PHE A 336 0.14 -17.13 -33.93
CA PHE A 336 -0.40 -17.59 -35.22
C PHE A 336 -1.72 -16.89 -35.62
N GLY A 337 -2.14 -15.86 -34.87
CA GLY A 337 -3.17 -14.90 -35.28
C GLY A 337 -4.60 -15.19 -34.81
N ILE A 338 -4.74 -16.15 -33.91
CA ILE A 338 -6.06 -16.51 -33.41
C ILE A 338 -6.40 -15.69 -32.12
N ARG A 339 -7.41 -14.80 -32.25
CA ARG A 339 -7.90 -13.95 -31.14
C ARG A 339 -9.20 -14.51 -30.63
N TYR A 340 -9.18 -14.94 -29.37
CA TYR A 340 -10.38 -15.34 -28.66
C TYR A 340 -11.02 -14.12 -28.00
N ASP A 341 -12.27 -13.85 -28.39
CA ASP A 341 -12.95 -12.60 -27.99
C ASP A 341 -13.27 -12.45 -26.50
N ASP A 342 -13.19 -13.52 -25.72
CA ASP A 342 -13.37 -13.39 -24.28
C ASP A 342 -12.10 -13.02 -23.58
N TYR A 343 -10.92 -13.27 -24.16
CA TYR A 343 -9.67 -13.16 -23.38
C TYR A 343 -9.20 -11.70 -23.20
N ASP A 344 -8.86 -11.34 -21.95
CA ASP A 344 -8.08 -10.13 -21.71
C ASP A 344 -6.65 -10.49 -22.05
N TYR A 345 -6.22 -10.13 -23.27
CA TYR A 345 -4.90 -10.54 -23.76
C TYR A 345 -3.74 -9.82 -23.04
N GLY A 346 -4.07 -8.92 -22.11
CA GLY A 346 -3.10 -8.38 -21.18
C GLY A 346 -2.69 -9.34 -20.11
N GLU A 347 -3.57 -10.29 -19.78
CA GLU A 347 -3.24 -11.37 -18.84
C GLU A 347 -1.94 -12.06 -19.22
N VAL A 348 -1.69 -12.14 -20.53
CA VAL A 348 -0.47 -12.72 -21.07
C VAL A 348 0.81 -12.11 -20.45
N ASN A 349 1.05 -10.81 -20.63
CA ASN A 349 2.26 -10.16 -20.11
C ASN A 349 2.32 -10.17 -18.60
N GLN A 350 1.16 -10.08 -17.96
CA GLN A 350 1.00 -10.28 -16.51
C GLN A 350 1.58 -11.64 -16.02
N LEU A 351 1.27 -12.71 -16.76
CA LEU A 351 1.55 -14.09 -16.34
C LEU A 351 2.77 -14.73 -16.98
N LEU A 352 3.03 -14.40 -18.24
CA LEU A 352 4.16 -15.00 -18.98
C LEU A 352 5.33 -14.03 -19.00
N GLU A 353 6.40 -14.40 -18.31
CA GLU A 353 7.59 -13.56 -18.27
C GLU A 353 8.26 -13.41 -19.62
N ARG A 354 9.22 -12.50 -19.69
CA ARG A 354 9.84 -12.17 -20.98
C ARG A 354 10.58 -13.36 -21.56
N ASN A 355 11.34 -14.05 -20.71
CA ASN A 355 12.10 -15.20 -21.19
C ASN A 355 11.23 -16.39 -21.60
N LEU A 356 10.11 -16.60 -20.91
CA LEU A 356 9.17 -17.66 -21.26
C LEU A 356 8.70 -17.38 -22.66
N LYS A 357 8.20 -16.14 -22.87
CA LYS A 357 7.65 -15.72 -24.17
C LYS A 357 8.62 -15.93 -25.30
N VAL A 358 9.89 -15.63 -25.04
CA VAL A 358 10.94 -15.82 -26.03
C VAL A 358 11.08 -17.30 -26.39
N TYR A 359 11.22 -18.13 -25.36
CA TYR A 359 11.43 -19.58 -25.54
C TYR A 359 10.23 -20.18 -26.27
N ILE A 360 9.05 -19.95 -25.69
CA ILE A 360 7.79 -20.32 -26.30
C ILE A 360 7.76 -19.93 -27.75
N LYS A 361 7.94 -18.65 -28.06
CA LYS A 361 7.84 -18.18 -29.44
C LYS A 361 8.91 -18.81 -30.32
N THR A 362 10.12 -18.94 -29.78
CA THR A 362 11.23 -19.57 -30.49
C THR A 362 10.94 -21.06 -30.79
N VAL A 363 10.44 -21.80 -29.81
CA VAL A 363 10.06 -23.20 -30.01
C VAL A 363 8.89 -23.28 -31.01
N ALA A 364 7.95 -22.36 -30.95
CA ALA A 364 6.81 -22.38 -31.86
C ALA A 364 7.20 -22.01 -33.27
N CYS A 365 8.01 -20.97 -33.41
CA CYS A 365 8.22 -20.33 -34.73
C CYS A 365 9.55 -20.64 -35.37
N TYR A 366 10.52 -20.97 -34.54
CA TYR A 366 11.89 -21.11 -34.99
C TYR A 366 12.59 -22.17 -34.11
N PRO A 367 12.00 -23.38 -34.05
CA PRO A 367 12.49 -24.32 -33.04
C PRO A 367 13.93 -24.71 -33.29
N GLU A 368 14.31 -24.79 -34.57
CA GLU A 368 15.72 -24.93 -34.99
C GLU A 368 16.65 -24.14 -34.05
N LYS A 369 16.27 -22.90 -33.70
CA LYS A 369 17.11 -21.92 -32.99
C LYS A 369 17.01 -21.94 -31.48
N THR A 370 16.36 -22.95 -30.90
CA THR A 370 16.26 -23.07 -29.45
C THR A 370 17.61 -23.52 -28.94
N THR A 371 18.00 -23.03 -27.75
CA THR A 371 19.28 -23.39 -27.11
C THR A 371 19.18 -23.66 -25.62
N ARG A 372 20.23 -24.27 -25.08
CA ARG A 372 20.25 -24.60 -23.66
C ARG A 372 20.10 -23.32 -22.83
N ARG A 373 20.88 -22.28 -23.19
CA ARG A 373 20.82 -20.97 -22.51
C ARG A 373 19.35 -20.58 -22.42
N MET A 374 18.73 -20.50 -23.61
CA MET A 374 17.33 -20.09 -23.74
C MET A 374 16.41 -20.89 -22.81
N TYR A 375 16.67 -22.22 -22.75
CA TYR A 375 15.89 -23.17 -21.97
C TYR A 375 15.96 -22.91 -20.49
N ASN A 376 17.15 -22.57 -19.97
CA ASN A 376 17.35 -22.31 -18.51
C ASN A 376 16.99 -20.87 -18.12
N LEU A 377 17.32 -19.93 -19.01
CA LEU A 377 17.00 -18.52 -18.83
C LEU A 377 15.59 -18.19 -18.32
N PHE A 378 14.60 -19.05 -18.60
CA PHE A 378 13.23 -18.80 -18.13
C PHE A 378 12.79 -19.77 -17.04
N TRP A 379 11.78 -19.32 -16.28
CA TRP A 379 11.23 -20.05 -15.16
C TRP A 379 12.36 -20.73 -14.36
N ARG A 380 13.41 -19.93 -14.06
CA ARG A 380 14.65 -20.39 -13.38
C ARG A 380 14.33 -21.40 -12.20
N HIS A 381 13.28 -21.12 -11.42
CA HIS A 381 12.93 -21.92 -10.24
C HIS A 381 11.91 -23.03 -10.49
N PHE A 382 11.35 -23.16 -11.70
CA PHE A 382 10.35 -24.23 -11.99
C PHE A 382 11.01 -25.56 -12.28
N ARG A 383 10.27 -26.63 -12.00
CA ARG A 383 10.78 -27.99 -12.18
C ARG A 383 10.94 -28.23 -13.67
N HIS A 384 11.99 -28.93 -14.06
CA HIS A 384 12.14 -29.45 -15.43
C HIS A 384 10.86 -30.02 -16.05
N SER A 385 10.22 -30.92 -15.31
CA SER A 385 8.98 -31.56 -15.77
C SER A 385 8.05 -30.46 -16.28
N GLU A 386 7.91 -29.38 -15.50
CA GLU A 386 7.07 -28.24 -15.88
C GLU A 386 7.54 -27.52 -17.15
N LYS A 387 8.86 -27.44 -17.33
CA LYS A 387 9.43 -26.96 -18.60
C LYS A 387 8.88 -27.82 -19.77
N VAL A 388 8.92 -29.14 -19.58
CA VAL A 388 8.44 -30.10 -20.60
C VAL A 388 6.94 -29.94 -20.86
N HIS A 389 6.20 -29.75 -19.77
CA HIS A 389 4.75 -29.48 -19.81
C HIS A 389 4.52 -28.26 -20.71
N VAL A 390 5.32 -27.20 -20.57
CA VAL A 390 5.11 -26.04 -21.43
C VAL A 390 5.26 -26.47 -22.91
N ASN A 391 6.24 -27.31 -23.18
CA ASN A 391 6.39 -27.81 -24.52
C ASN A 391 5.19 -28.54 -25.06
N LEU A 392 4.56 -29.36 -24.22
CA LEU A 392 3.30 -30.02 -24.56
C LEU A 392 2.25 -29.03 -24.90
N LEU A 393 2.10 -28.04 -24.02
CA LEU A 393 1.10 -27.01 -24.27
C LEU A 393 1.29 -26.29 -25.59
N LEU A 394 2.53 -26.00 -25.93
CA LEU A 394 2.77 -25.18 -27.10
C LEU A 394 2.69 -26.01 -28.37
N LEU A 395 3.24 -27.23 -28.36
CA LEU A 395 3.12 -28.08 -29.55
C LEU A 395 1.66 -28.33 -29.90
N GLU A 396 0.82 -28.68 -28.91
CA GLU A 396 -0.60 -28.92 -29.21
C GLU A 396 -1.30 -27.62 -29.66
N ALA A 397 -1.04 -26.52 -28.97
CA ALA A 397 -1.61 -25.23 -29.38
C ALA A 397 -1.23 -24.84 -30.81
N ARG A 398 0.01 -25.12 -31.17
CA ARG A 398 0.51 -24.79 -32.48
C ARG A 398 -0.12 -25.66 -33.52
N MET A 399 -0.07 -26.97 -33.28
CA MET A 399 -0.68 -27.93 -34.20
C MET A 399 -2.13 -27.55 -34.44
N GLN A 400 -2.87 -27.25 -33.38
CA GLN A 400 -4.26 -26.93 -33.57
C GLN A 400 -4.46 -25.72 -34.50
N ALA A 401 -3.60 -24.72 -34.37
CA ALA A 401 -3.72 -23.54 -35.23
C ALA A 401 -3.43 -23.91 -36.67
N ALA A 402 -2.27 -24.51 -36.88
CA ALA A 402 -1.90 -24.91 -38.24
C ALA A 402 -3.03 -25.72 -38.89
N LEU A 403 -3.58 -26.71 -38.18
CA LEU A 403 -4.72 -27.50 -38.68
C LEU A 403 -5.90 -26.63 -38.99
N LEU A 404 -6.31 -25.84 -38.01
CA LEU A 404 -7.53 -25.05 -38.12
C LEU A 404 -7.52 -24.13 -39.33
N TYR A 405 -6.38 -23.54 -39.61
CA TYR A 405 -6.23 -22.75 -40.81
C TYR A 405 -6.42 -23.58 -42.04
N ALA A 406 -5.82 -24.76 -42.07
CA ALA A 406 -5.91 -25.62 -43.23
C ALA A 406 -7.26 -26.29 -43.38
N LEU A 407 -7.90 -26.62 -42.26
CA LEU A 407 -9.24 -27.17 -42.30
C LEU A 407 -10.15 -26.10 -42.80
N ARG A 408 -10.09 -24.92 -42.20
CA ARG A 408 -10.91 -23.80 -42.66
C ARG A 408 -10.74 -23.59 -44.17
N ALA A 409 -9.51 -23.70 -44.66
CA ALA A 409 -9.21 -23.63 -46.11
C ALA A 409 -10.00 -24.66 -46.89
N ILE A 410 -10.02 -25.89 -46.38
CA ILE A 410 -10.76 -26.98 -47.02
C ILE A 410 -12.21 -26.60 -46.97
N THR A 411 -12.74 -26.26 -45.79
CA THR A 411 -14.18 -25.94 -45.63
C THR A 411 -14.59 -24.83 -46.61
N ARG A 412 -13.67 -23.92 -46.90
CA ARG A 412 -13.86 -22.91 -47.94
C ARG A 412 -13.92 -23.49 -49.37
N TYR A 413 -12.93 -24.26 -49.79
CA TYR A 413 -13.00 -24.92 -51.11
C TYR A 413 -14.26 -25.82 -51.24
N MET A 414 -14.70 -26.45 -50.15
CA MET A 414 -15.92 -27.30 -50.13
C MET A 414 -17.22 -26.53 -50.51
N THR A 415 -17.28 -25.25 -50.13
CA THR A 415 -18.38 -24.35 -50.59
C THR A 415 -18.17 -24.00 -52.08
N GLY B 1 14.97 39.25 -9.63
CA GLY B 1 15.07 40.32 -8.55
C GLY B 1 15.45 41.69 -9.10
N LEU B 2 15.33 42.76 -8.30
CA LEU B 2 15.72 44.12 -8.75
C LEU B 2 17.22 44.32 -8.48
N GLU B 3 18.04 43.51 -9.15
CA GLU B 3 19.49 43.39 -8.82
C GLU B 3 20.20 44.76 -8.78
N ALA B 4 19.93 45.61 -9.77
CA ALA B 4 20.70 46.87 -9.96
C ALA B 4 20.55 47.87 -8.81
N LEU B 5 19.31 48.01 -8.35
CA LEU B 5 18.94 48.80 -7.16
C LEU B 5 19.65 48.24 -5.96
N MET B 6 19.49 46.93 -5.78
CA MET B 6 20.04 46.24 -4.60
C MET B 6 21.55 46.50 -4.41
N SER B 7 22.32 46.46 -5.52
CA SER B 7 23.79 46.68 -5.50
C SER B 7 24.27 48.14 -5.53
N SER B 8 23.44 49.03 -6.03
CA SER B 8 23.71 50.45 -5.85
C SER B 8 24.04 50.74 -4.39
N GLY B 9 23.30 50.13 -3.47
CA GLY B 9 23.47 50.43 -2.05
C GLY B 9 23.18 51.90 -1.83
N ARG B 10 22.01 52.32 -2.26
CA ARG B 10 21.51 53.65 -1.98
C ARG B 10 20.18 53.48 -1.26
N VAL B 11 19.99 52.28 -0.70
CA VAL B 11 18.70 51.83 -0.20
C VAL B 11 19.04 50.93 0.97
N ASP B 12 18.25 51.04 2.05
CA ASP B 12 18.58 50.30 3.29
C ASP B 12 18.55 48.80 3.05
N ASN B 13 19.25 48.08 3.91
CA ASN B 13 19.33 46.63 3.78
C ASN B 13 17.98 45.91 3.83
N LEU B 14 16.98 46.48 4.50
CA LEU B 14 15.62 45.94 4.52
C LEU B 14 15.02 46.04 3.14
N ALA B 15 15.09 47.23 2.52
CA ALA B 15 14.61 47.42 1.14
C ALA B 15 15.30 46.53 0.11
N VAL B 16 16.59 46.27 0.33
CA VAL B 16 17.34 45.37 -0.52
C VAL B 16 16.72 43.99 -0.54
N VAL B 17 16.42 43.48 0.65
CA VAL B 17 15.99 42.10 0.75
C VAL B 17 14.60 41.98 0.17
N MET B 18 13.71 42.94 0.48
CA MET B 18 12.38 43.02 -0.17
C MET B 18 12.50 42.93 -1.68
N GLY B 19 13.57 43.53 -2.22
CA GLY B 19 13.91 43.48 -3.63
C GLY B 19 14.02 42.12 -4.27
N LEU B 20 14.23 41.08 -3.47
CA LEU B 20 14.08 39.71 -3.96
C LEU B 20 12.70 39.37 -4.54
N HIS B 21 11.69 40.20 -4.30
CA HIS B 21 10.33 39.91 -4.75
C HIS B 21 9.69 41.11 -5.38
N PRO B 22 10.20 41.49 -6.54
CA PRO B 22 9.73 42.69 -7.19
C PRO B 22 8.23 42.96 -7.01
N ASP B 23 7.38 41.96 -7.22
CA ASP B 23 5.93 42.21 -7.16
C ASP B 23 5.37 42.57 -5.77
N TYR B 24 6.13 42.23 -4.73
CA TYR B 24 5.84 42.66 -3.38
C TYR B 24 6.53 43.95 -3.08
N PHE B 25 7.77 44.04 -3.52
CA PHE B 25 8.57 45.23 -3.28
C PHE B 25 7.82 46.48 -3.66
N THR B 26 7.25 46.46 -4.86
CA THR B 26 6.51 47.61 -5.37
C THR B 26 5.40 47.96 -4.42
N SER B 27 4.64 46.97 -3.95
CA SER B 27 3.58 47.26 -2.96
C SER B 27 4.15 47.77 -1.63
N PHE B 28 5.16 47.08 -1.12
CA PHE B 28 5.78 47.45 0.12
C PHE B 28 6.34 48.85 0.03
N TRP B 29 6.92 49.23 -1.11
CA TRP B 29 7.47 50.58 -1.27
C TRP B 29 6.37 51.62 -1.23
N ARG B 30 5.26 51.42 -1.92
CA ARG B 30 4.20 52.44 -1.90
C ARG B 30 3.80 52.76 -0.46
N LEU B 31 3.54 51.74 0.35
CA LEU B 31 3.13 51.97 1.72
C LEU B 31 4.24 52.63 2.50
N HIS B 32 5.48 52.18 2.32
CA HIS B 32 6.60 52.67 3.09
C HIS B 32 6.81 54.12 2.73
N TYR B 33 6.84 54.43 1.44
CA TYR B 33 7.01 55.82 1.01
C TYR B 33 5.92 56.74 1.56
N LEU B 34 4.65 56.35 1.38
CA LEU B 34 3.55 57.08 2.04
C LEU B 34 3.74 57.26 3.56
N LEU B 35 3.77 56.17 4.32
CA LEU B 35 3.72 56.29 5.80
C LEU B 35 4.80 57.19 6.30
N LEU B 36 5.98 56.98 5.76
CA LEU B 36 7.12 57.59 6.34
C LEU B 36 7.42 58.92 5.64
N HIS B 37 7.22 59.02 4.32
CA HIS B 37 7.84 60.13 3.55
C HIS B 37 6.94 60.99 2.63
N THR B 38 5.78 61.41 3.17
CA THR B 38 4.67 62.05 2.44
C THR B 38 3.73 62.73 3.40
N ASP B 39 3.18 63.88 3.03
CA ASP B 39 2.00 64.48 3.72
C ASP B 39 0.93 63.46 4.12
N GLY B 40 0.23 63.81 5.19
CA GLY B 40 -0.78 62.93 5.78
C GLY B 40 -1.12 63.44 7.17
N PRO B 41 -2.11 62.82 7.83
CA PRO B 41 -2.66 63.34 9.09
C PRO B 41 -1.64 63.71 10.18
N LEU B 42 -0.58 62.92 10.31
CA LEU B 42 0.41 63.12 11.35
C LEU B 42 1.69 63.73 10.79
N ALA B 43 2.32 64.60 11.60
CA ALA B 43 3.62 65.18 11.27
C ALA B 43 4.67 64.15 10.89
N SER B 44 5.63 64.53 10.08
CA SER B 44 6.72 63.63 9.75
C SER B 44 7.45 63.15 11.02
N SER B 45 7.82 64.08 11.90
CA SER B 45 8.47 63.72 13.19
C SER B 45 7.65 62.71 13.99
N TRP B 46 6.38 63.05 14.18
CA TRP B 46 5.45 62.19 14.93
C TRP B 46 5.35 60.78 14.39
N ARG B 47 5.44 60.64 13.07
CA ARG B 47 5.29 59.35 12.47
C ARG B 47 6.51 58.54 12.73
N HIS B 48 7.70 59.14 12.61
CA HIS B 48 8.93 58.42 12.97
C HIS B 48 8.99 58.09 14.45
N TYR B 49 8.46 58.96 15.31
CA TYR B 49 8.47 58.65 16.74
C TYR B 49 7.61 57.43 17.07
N ILE B 50 6.41 57.39 16.48
CA ILE B 50 5.50 56.25 16.56
C ILE B 50 6.21 55.02 15.99
N ALA B 51 6.89 55.20 14.87
CA ALA B 51 7.71 54.14 14.27
C ALA B 51 8.72 53.51 15.24
N ILE B 52 9.40 54.38 16.00
CA ILE B 52 10.37 53.98 17.05
C ILE B 52 9.63 53.20 18.09
N MET B 53 8.56 53.82 18.61
CA MET B 53 7.74 53.24 19.66
C MET B 53 7.31 51.81 19.32
N ALA B 54 6.92 51.57 18.08
CA ALA B 54 6.49 50.23 17.68
C ALA B 54 7.67 49.30 17.62
N ALA B 55 8.73 49.75 16.96
CA ALA B 55 9.90 48.91 16.79
C ALA B 55 10.59 48.59 18.14
N ALA B 56 10.40 49.44 19.14
CA ALA B 56 10.87 49.16 20.49
C ALA B 56 10.20 47.91 21.11
N ARG B 57 8.88 47.76 21.03
CA ARG B 57 8.25 46.51 21.48
C ARG B 57 9.00 45.23 21.10
N HIS B 58 9.77 45.22 20.03
CA HIS B 58 10.62 44.08 19.73
C HIS B 58 12.14 44.37 19.74
N GLN B 59 12.59 45.29 20.58
CA GLN B 59 14.01 45.41 20.83
C GLN B 59 14.76 45.49 19.46
N CYS B 60 14.11 46.09 18.44
CA CYS B 60 14.57 46.01 17.03
C CYS B 60 15.35 47.26 16.68
N SER B 61 16.64 47.27 17.00
CA SER B 61 17.39 48.51 16.86
C SER B 61 17.54 48.86 15.39
N TYR B 62 17.40 47.89 14.49
CA TYR B 62 17.38 48.25 13.07
C TYR B 62 16.40 49.36 12.74
N LEU B 63 15.14 49.15 13.12
CA LEU B 63 14.08 50.11 12.84
C LEU B 63 14.23 51.28 13.81
N VAL B 64 14.47 50.98 15.09
CA VAL B 64 14.50 52.05 16.09
C VAL B 64 15.55 53.06 15.72
N GLY B 65 16.73 52.55 15.45
CA GLY B 65 17.87 53.37 15.10
C GLY B 65 17.62 54.18 13.85
N SER B 66 17.14 53.49 12.81
CA SER B 66 16.75 54.13 11.57
C SER B 66 15.76 55.28 11.83
N HIS B 67 14.57 54.99 12.35
CA HIS B 67 13.61 56.06 12.63
C HIS B 67 14.05 57.11 13.65
N MET B 68 14.89 56.75 14.60
CA MET B 68 15.53 57.77 15.44
C MET B 68 16.24 58.80 14.58
N ALA B 69 16.90 58.35 13.52
CA ALA B 69 17.67 59.25 12.70
C ALA B 69 16.75 60.04 11.80
N GLU B 70 15.78 59.39 11.17
CA GLU B 70 14.91 60.09 10.20
C GLU B 70 14.13 61.12 10.98
N PHE B 71 13.81 60.79 12.23
CA PHE B 71 13.17 61.70 13.18
C PHE B 71 13.98 62.96 13.38
N LEU B 72 15.25 62.78 13.68
CA LEU B 72 16.17 63.91 13.85
C LEU B 72 16.35 64.72 12.54
N GLN B 73 16.58 64.03 11.41
CA GLN B 73 16.71 64.70 10.11
C GLN B 73 15.44 65.49 9.85
N THR B 74 14.28 64.90 10.10
CA THR B 74 13.00 65.60 9.88
C THR B 74 12.63 66.72 10.89
N GLY B 75 13.57 67.14 11.73
CA GLY B 75 13.30 68.15 12.73
C GLY B 75 12.49 67.65 13.91
N GLY B 76 12.80 66.45 14.36
CA GLY B 76 12.24 65.98 15.60
C GLY B 76 12.91 66.75 16.71
N ASP B 77 12.20 66.87 17.83
CA ASP B 77 12.75 67.44 19.06
C ASP B 77 13.60 66.36 19.72
N PRO B 78 14.93 66.48 19.72
CA PRO B 78 15.76 65.33 20.08
C PRO B 78 15.51 64.82 21.50
N GLU B 79 15.08 65.70 22.39
CA GLU B 79 14.76 65.30 23.76
C GLU B 79 13.83 64.10 23.90
N TRP B 80 12.95 63.88 22.93
CA TRP B 80 12.06 62.73 22.97
C TRP B 80 12.88 61.44 22.88
N LEU B 81 14.04 61.48 22.23
CA LEU B 81 14.90 60.30 22.18
C LEU B 81 15.51 59.93 23.53
N LEU B 82 15.33 60.76 24.55
CA LEU B 82 15.79 60.42 25.89
C LEU B 82 14.82 59.49 26.60
N GLY B 83 13.58 59.42 26.08
CA GLY B 83 12.53 58.56 26.64
C GLY B 83 11.11 59.00 26.32
N LEU B 84 10.19 58.04 26.43
CA LEU B 84 8.78 58.29 26.14
C LEU B 84 8.21 59.35 27.06
N HIS B 85 8.65 59.37 28.31
CA HIS B 85 8.16 60.37 29.26
C HIS B 85 8.40 61.79 28.79
N ARG B 86 9.36 62.03 27.89
CA ARG B 86 9.56 63.35 27.26
C ARG B 86 8.65 63.63 26.08
N ALA B 87 8.12 62.60 25.43
CA ALA B 87 7.22 62.83 24.32
C ALA B 87 5.90 63.40 24.80
N PRO B 88 5.21 64.18 23.94
CA PRO B 88 3.83 64.66 24.12
C PRO B 88 2.86 63.64 24.68
N GLU B 89 1.94 64.07 25.56
CA GLU B 89 1.03 63.13 26.23
C GLU B 89 0.19 62.45 25.18
N LYS B 90 -0.18 63.14 24.12
CA LYS B 90 -0.93 62.48 23.02
C LYS B 90 -0.23 61.22 22.49
N LEU B 91 1.08 61.33 22.36
CA LEU B 91 1.92 60.27 21.87
C LEU B 91 2.08 59.18 22.90
N ARG B 92 2.17 59.53 24.18
CA ARG B 92 2.18 58.51 25.25
C ARG B 92 0.91 57.63 25.38
N LYS B 93 -0.26 58.16 24.99
CA LYS B 93 -1.53 57.41 25.05
C LYS B 93 -1.53 56.20 24.11
N LEU B 94 -0.63 56.27 23.15
CA LEU B 94 -0.46 55.21 22.19
C LEU B 94 0.23 53.95 22.76
N SER B 95 0.84 54.02 23.94
CA SER B 95 1.67 52.90 24.44
C SER B 95 0.88 51.62 24.61
N GLU B 96 -0.34 51.76 25.10
CA GLU B 96 -1.15 50.60 25.44
C GLU B 96 -1.51 49.86 24.17
N ILE B 97 -2.12 50.60 23.24
CA ILE B 97 -2.54 49.99 21.99
C ILE B 97 -1.32 49.57 21.16
N ASN B 98 -0.17 50.23 21.35
CA ASN B 98 1.05 49.77 20.69
C ASN B 98 1.43 48.40 21.22
N LYS B 99 1.43 48.29 22.54
CA LYS B 99 1.82 47.04 23.19
C LYS B 99 0.95 45.88 22.72
N LEU B 100 -0.36 46.07 22.75
CA LEU B 100 -1.28 44.99 22.42
C LEU B 100 -1.24 44.62 20.94
N LEU B 101 -1.20 45.63 20.08
CA LEU B 101 -1.08 45.44 18.64
C LEU B 101 0.10 44.56 18.28
N ALA B 102 1.20 44.69 19.02
CA ALA B 102 2.34 43.81 18.81
C ALA B 102 1.99 42.43 19.29
N HIS B 103 1.66 42.34 20.58
CA HIS B 103 1.74 41.09 21.33
C HIS B 103 0.43 40.32 21.48
N ARG B 104 -0.62 41.03 21.86
CA ARG B 104 -1.92 40.42 22.11
C ARG B 104 -3.05 41.28 21.54
N PRO B 105 -3.17 41.33 20.20
CA PRO B 105 -4.09 42.19 19.47
C PRO B 105 -5.53 42.01 19.84
N TRP B 106 -5.89 40.76 20.06
CA TRP B 106 -7.23 40.39 20.48
C TRP B 106 -7.73 41.12 21.74
N LEU B 107 -6.82 41.55 22.62
CA LEU B 107 -7.24 42.28 23.82
C LEU B 107 -7.68 43.74 23.59
N ILE B 108 -7.45 44.27 22.39
CA ILE B 108 -7.89 45.63 22.03
C ILE B 108 -9.43 45.63 22.01
N THR B 109 -10.01 46.76 22.41
CA THR B 109 -11.39 46.89 22.80
C THR B 109 -11.81 48.31 22.58
N LYS B 110 -13.08 48.55 22.29
CA LYS B 110 -13.64 49.90 22.30
C LYS B 110 -13.10 50.71 23.50
N GLU B 111 -12.98 50.04 24.65
CA GLU B 111 -12.45 50.63 25.88
C GLU B 111 -11.15 51.44 25.61
N HIS B 112 -10.19 50.83 24.91
CA HIS B 112 -8.90 51.48 24.60
C HIS B 112 -9.03 52.64 23.65
N ILE B 113 -9.70 52.37 22.52
CA ILE B 113 -10.06 53.30 21.43
C ILE B 113 -10.74 54.53 22.01
N GLN B 114 -11.61 54.29 22.99
CA GLN B 114 -12.34 55.36 23.66
C GLN B 114 -11.39 56.33 24.39
N ALA B 115 -10.45 55.81 25.15
CA ALA B 115 -9.45 56.67 25.79
C ALA B 115 -8.45 57.35 24.81
N LEU B 116 -8.23 56.77 23.62
CA LEU B 116 -7.45 57.45 22.58
C LEU B 116 -8.20 58.66 22.07
N LEU B 117 -9.52 58.56 22.05
CA LEU B 117 -10.37 59.70 21.64
C LEU B 117 -11.09 60.44 22.82
N LYS B 118 -10.66 60.29 24.08
CA LYS B 118 -11.25 61.04 25.21
C LYS B 118 -10.88 62.50 25.00
N THR B 119 -11.90 63.36 24.79
CA THR B 119 -11.71 64.77 24.40
C THR B 119 -10.97 65.49 25.49
N GLY B 120 -9.95 66.29 25.14
CA GLY B 120 -9.03 66.81 26.15
C GLY B 120 -7.77 67.46 25.62
N GLU B 121 -6.68 67.32 26.38
CA GLU B 121 -5.39 67.98 26.09
C GLU B 121 -5.10 68.09 24.58
N HIS B 122 -4.61 67.01 23.98
CA HIS B 122 -4.63 66.85 22.54
C HIS B 122 -5.27 65.47 22.34
N THR B 123 -6.41 65.44 21.65
CA THR B 123 -7.14 64.20 21.43
C THR B 123 -6.72 63.68 20.10
N TRP B 124 -6.89 62.38 19.89
CA TRP B 124 -6.75 61.78 18.55
C TRP B 124 -8.02 61.94 17.70
N SER B 125 -7.80 62.15 16.41
CA SER B 125 -8.84 62.03 15.40
C SER B 125 -8.85 60.59 14.95
N LEU B 126 -9.96 60.14 14.37
CA LEU B 126 -9.96 58.82 13.74
C LEU B 126 -8.91 58.80 12.62
N ALA B 127 -8.92 59.85 11.81
CA ALA B 127 -7.97 59.98 10.71
C ALA B 127 -6.54 59.76 11.15
N GLU B 128 -6.16 60.31 12.30
CA GLU B 128 -4.78 60.22 12.82
C GLU B 128 -4.56 58.85 13.38
N LEU B 129 -5.47 58.46 14.27
CA LEU B 129 -5.41 57.15 14.91
C LEU B 129 -5.35 56.02 13.88
N ILE B 130 -5.96 56.20 12.71
CA ILE B 130 -5.86 55.16 11.71
C ILE B 130 -4.47 55.15 11.16
N GLN B 131 -3.92 56.31 10.80
CA GLN B 131 -2.52 56.35 10.35
C GLN B 131 -1.60 55.76 11.44
N ALA B 132 -1.87 56.08 12.70
CA ALA B 132 -1.07 55.56 13.78
C ALA B 132 -1.17 54.02 13.84
N LEU B 133 -2.38 53.48 13.79
CA LEU B 133 -2.55 52.03 13.84
C LEU B 133 -1.79 51.37 12.70
N VAL B 134 -1.75 52.04 11.54
CA VAL B 134 -1.04 51.54 10.36
C VAL B 134 0.48 51.64 10.56
N LEU B 135 0.96 52.78 11.03
CA LEU B 135 2.38 52.92 11.37
C LEU B 135 2.85 51.90 12.37
N LEU B 136 2.05 51.67 13.41
CA LEU B 136 2.45 50.77 14.47
C LEU B 136 2.55 49.37 13.89
N THR B 137 1.43 48.86 13.36
CA THR B 137 1.37 47.48 12.85
C THR B 137 2.37 47.22 11.72
N HIS B 138 2.71 48.28 10.99
CA HIS B 138 3.69 48.21 9.91
C HIS B 138 5.09 48.02 10.44
N CYS B 139 5.51 48.80 11.44
CA CYS B 139 6.86 48.64 12.05
C CYS B 139 6.98 47.35 12.85
N HIS B 140 5.86 46.87 13.41
CA HIS B 140 5.84 45.56 14.02
C HIS B 140 6.13 44.49 12.96
N SER B 141 5.30 44.47 11.93
CA SER B 141 5.44 43.49 10.87
C SER B 141 6.85 43.59 10.24
N LEU B 142 7.32 44.80 9.96
CA LEU B 142 8.70 45.00 9.51
C LEU B 142 9.71 44.50 10.50
N SER B 143 9.46 44.67 11.81
CA SER B 143 10.32 44.08 12.84
C SER B 143 10.41 42.57 12.64
N SER B 144 9.27 41.89 12.51
CA SER B 144 9.31 40.45 12.20
C SER B 144 10.22 40.19 11.03
N PHE B 145 9.87 40.75 9.89
CA PHE B 145 10.74 40.68 8.71
C PHE B 145 12.24 40.90 8.96
N VAL B 146 12.59 41.85 9.82
CA VAL B 146 14.01 42.19 10.04
C VAL B 146 14.74 41.03 10.72
N PHE B 147 14.16 40.52 11.80
CA PHE B 147 14.74 39.37 12.55
C PHE B 147 14.63 38.08 11.77
N GLY B 148 13.46 37.90 11.15
CA GLY B 148 13.20 36.79 10.27
C GLY B 148 14.31 36.58 9.27
N CYS B 149 14.66 37.62 8.52
CA CYS B 149 15.71 37.51 7.50
C CYS B 149 17.11 37.97 7.99
N GLY B 150 17.30 38.04 9.30
CA GLY B 150 18.57 38.47 9.87
C GLY B 150 19.16 39.67 9.17
N ILE B 151 18.35 40.71 9.06
CA ILE B 151 18.77 41.93 8.40
C ILE B 151 19.61 42.75 9.36
N LEU B 152 20.70 43.30 8.84
CA LEU B 152 21.80 43.84 9.65
C LEU B 152 21.85 45.30 9.48
N PRO B 153 22.20 46.02 10.55
CA PRO B 153 22.17 47.48 10.41
C PRO B 153 23.38 47.90 9.57
N GLU B 154 23.35 49.07 8.93
CA GLU B 154 24.48 49.49 8.06
C GLU B 154 25.55 50.16 8.97
N GLY B 155 26.77 49.60 8.97
CA GLY B 155 27.84 49.95 9.93
C GLY B 155 27.43 49.85 11.40
N PRO B 168 26.17 40.15 3.88
CA PRO B 168 26.29 41.46 4.51
C PRO B 168 25.30 42.64 4.16
N PRO B 169 24.09 42.36 3.62
CA PRO B 169 22.87 43.09 4.04
C PRO B 169 22.00 42.21 4.98
N SER B 170 22.14 40.89 4.86
CA SER B 170 21.61 39.93 5.82
C SER B 170 22.72 38.99 6.23
N GLU B 171 22.63 38.52 7.49
CA GLU B 171 23.46 37.42 8.00
C GLU B 171 22.68 36.11 8.09
N GLN B 172 21.91 35.80 7.05
CA GLN B 172 21.04 34.63 6.99
C GLN B 172 20.71 34.31 5.52
N SER B 173 20.23 35.29 4.72
CA SER B 173 20.27 35.21 3.22
C SER B 173 21.66 35.71 2.81
N SER B 174 21.90 35.93 1.51
CA SER B 174 23.24 36.37 1.00
C SER B 174 23.26 36.93 -0.46
N PRO B 175 22.38 37.94 -0.74
CA PRO B 175 22.16 38.39 -2.13
C PRO B 175 23.38 39.10 -2.77
N ARG B 191 14.74 15.67 -1.95
CA ARG B 191 14.63 14.56 -0.95
C ARG B 191 13.21 14.43 -0.25
N ASP B 192 13.04 15.00 0.95
CA ASP B 192 11.71 15.04 1.63
C ASP B 192 10.85 16.31 1.31
N VAL B 193 11.40 17.16 0.45
CA VAL B 193 10.60 18.12 -0.34
C VAL B 193 9.59 17.40 -1.28
N GLU B 194 10.00 16.22 -1.78
CA GLU B 194 9.13 15.42 -2.65
C GLU B 194 7.91 14.98 -1.85
N ALA B 195 8.12 14.72 -0.56
CA ALA B 195 7.02 14.39 0.33
C ALA B 195 5.91 15.42 0.24
N LEU B 196 6.27 16.63 0.66
CA LEU B 196 5.36 17.78 0.74
C LEU B 196 4.46 17.87 -0.49
N MET B 197 5.11 17.89 -1.66
CA MET B 197 4.43 18.12 -2.95
C MET B 197 3.31 17.13 -3.27
N GLU B 198 3.42 15.93 -2.71
CA GLU B 198 2.37 14.91 -2.81
C GLU B 198 1.20 15.18 -1.87
N ARG B 199 1.45 15.68 -0.65
CA ARG B 199 0.29 16.11 0.19
C ARG B 199 -0.50 17.27 -0.45
N MET B 200 0.22 18.15 -1.14
CA MET B 200 -0.41 19.25 -1.91
C MET B 200 -1.26 18.74 -3.10
N GLN B 201 -0.90 17.57 -3.62
CA GLN B 201 -1.69 16.88 -4.66
C GLN B 201 -3.05 16.44 -4.12
N GLN B 202 -3.01 15.64 -3.05
CA GLN B 202 -4.21 15.03 -2.50
C GLN B 202 -5.19 16.09 -2.04
N LEU B 203 -4.63 17.18 -1.54
CA LEU B 203 -5.41 18.31 -1.09
C LEU B 203 -6.00 19.05 -2.26
N GLN B 204 -5.16 19.32 -3.29
CA GLN B 204 -5.62 19.97 -4.55
C GLN B 204 -6.69 19.11 -5.31
N GLU B 205 -6.65 17.77 -5.14
CA GLU B 205 -7.73 16.86 -5.57
C GLU B 205 -8.81 16.71 -4.46
N SER B 206 -10.04 17.22 -4.66
CA SER B 206 -11.07 17.18 -3.58
C SER B 206 -12.54 17.37 -3.99
N GLU B 216 -19.03 19.82 15.63
CA GLU B 216 -18.34 20.06 14.38
C GLU B 216 -16.80 19.85 14.51
N GLU B 217 -16.23 19.19 13.48
CA GLU B 217 -14.82 18.77 13.48
C GLU B 217 -13.79 19.79 12.92
N MET B 218 -14.29 20.79 12.19
CA MET B 218 -13.50 21.97 11.84
C MET B 218 -13.06 22.70 13.12
N GLU B 219 -14.06 23.03 13.95
CA GLU B 219 -13.89 23.81 15.19
C GLU B 219 -12.97 23.14 16.24
N SER B 220 -12.86 21.82 16.20
CA SER B 220 -12.07 21.05 17.19
C SER B 220 -10.56 21.01 16.91
N ARG B 221 -10.19 20.80 15.64
CA ARG B 221 -8.78 20.87 15.18
C ARG B 221 -8.16 22.23 15.30
N PHE B 222 -9.01 23.27 15.31
CA PHE B 222 -8.56 24.63 15.50
C PHE B 222 -7.98 24.86 16.90
N GLU B 223 -8.71 24.46 17.95
CA GLU B 223 -8.21 24.66 19.32
C GLU B 223 -6.90 23.92 19.50
N LEU B 224 -6.80 22.71 18.94
CA LEU B 224 -5.58 21.90 19.01
C LEU B 224 -4.34 22.64 18.46
N GLU B 225 -4.52 23.22 17.28
CA GLU B 225 -3.50 24.03 16.60
C GLU B 225 -3.02 25.27 17.36
N LYS B 226 -3.93 25.84 18.14
CA LYS B 226 -3.74 27.08 18.84
C LYS B 226 -3.20 26.87 20.27
N SER B 227 -3.55 25.75 20.90
CA SER B 227 -2.86 25.22 22.09
C SER B 227 -1.36 25.21 21.89
N GLU B 228 -0.98 24.61 20.77
CA GLU B 228 0.39 24.20 20.43
C GLU B 228 1.55 25.08 20.97
N SER B 229 2.47 24.44 21.70
CA SER B 229 3.56 25.11 22.41
C SER B 229 4.79 25.19 21.52
N LEU B 230 5.12 26.40 21.04
CA LEU B 230 6.30 26.62 20.18
C LEU B 230 6.81 28.08 20.29
N PRO B 245 17.69 47.40 26.21
CA PRO B 245 18.72 48.31 26.72
C PRO B 245 18.29 49.80 26.71
N ASP B 246 18.65 50.58 25.67
CA ASP B 246 18.23 52.00 25.56
C ASP B 246 16.81 52.13 24.97
N MET B 247 16.37 51.06 24.30
CA MET B 247 15.09 51.03 23.63
C MET B 247 13.95 50.98 24.60
N LEU B 248 14.20 50.44 25.78
CA LEU B 248 13.18 50.36 26.81
C LEU B 248 12.59 51.70 27.16
N CYS B 249 13.38 52.77 26.97
CA CYS B 249 12.93 54.16 27.14
C CYS B 249 11.64 54.47 26.37
N PHE B 250 11.42 53.75 25.26
CA PHE B 250 10.25 53.95 24.38
C PHE B 250 9.08 52.97 24.56
N VAL B 251 9.15 52.12 25.58
CA VAL B 251 7.99 51.31 25.93
C VAL B 251 7.45 51.64 27.33
N GLU B 252 6.34 50.97 27.63
CA GLU B 252 5.76 50.86 28.96
C GLU B 252 5.39 49.39 28.99
N ASP B 253 5.91 48.66 29.96
CA ASP B 253 5.63 47.23 30.11
C ASP B 253 6.49 46.45 29.14
N PRO B 254 7.80 46.54 29.28
CA PRO B 254 8.73 46.02 28.26
C PRO B 254 8.68 44.51 28.01
N THR B 255 8.28 43.76 29.02
CA THR B 255 8.29 42.30 29.01
C THR B 255 6.91 41.68 28.83
N PHE B 256 5.94 42.47 28.36
CA PHE B 256 4.65 41.92 27.93
C PHE B 256 4.94 41.23 26.62
N GLY B 257 4.28 40.10 26.42
CA GLY B 257 4.60 39.24 25.29
C GLY B 257 3.38 38.46 24.90
N TYR B 258 3.46 37.82 23.74
CA TYR B 258 2.44 36.88 23.30
C TYR B 258 2.08 35.91 24.43
N GLU B 259 3.12 35.35 25.06
CA GLU B 259 2.97 34.35 26.13
C GLU B 259 2.72 35.02 27.48
N ASP B 260 1.61 34.62 28.13
CA ASP B 260 1.20 35.13 29.43
C ASP B 260 1.78 34.25 30.57
N PHE B 261 2.59 34.91 31.41
CA PHE B 261 3.20 34.32 32.59
C PHE B 261 2.48 34.69 33.87
N THR B 262 1.34 35.37 33.76
CA THR B 262 0.44 35.53 34.89
C THR B 262 -0.53 34.35 34.99
N ARG B 263 -0.56 33.50 33.97
CA ARG B 263 -1.33 32.28 34.01
C ARG B 263 -0.45 31.08 33.74
N ARG B 264 -0.74 29.99 34.47
CA ARG B 264 -0.28 28.64 34.12
C ARG B 264 -0.75 28.28 32.71
N GLY B 265 0.06 27.48 32.02
CA GLY B 265 -0.25 27.05 30.67
C GLY B 265 0.04 28.14 29.66
N ALA B 266 0.08 27.73 28.40
CA ALA B 266 0.41 28.63 27.29
C ALA B 266 -0.77 29.57 26.96
N GLN B 267 -0.46 30.60 26.16
CA GLN B 267 -1.45 31.56 25.68
C GLN B 267 -2.19 30.88 24.53
N ALA B 268 -3.52 30.82 24.67
CA ALA B 268 -4.45 30.54 23.56
C ALA B 268 -5.38 31.73 23.49
N PRO B 269 -5.31 32.52 22.41
CA PRO B 269 -6.21 33.66 22.32
C PRO B 269 -7.61 33.18 22.01
N PRO B 270 -8.65 33.85 22.53
CA PRO B 270 -9.96 33.35 22.18
C PRO B 270 -10.15 33.23 20.68
N THR B 271 -10.56 32.04 20.24
CA THR B 271 -11.09 31.80 18.91
C THR B 271 -12.07 32.90 18.52
N PHE B 272 -11.72 33.64 17.48
CA PHE B 272 -12.58 34.66 16.92
C PHE B 272 -12.86 34.25 15.47
N ARG B 273 -14.14 34.38 15.09
CA ARG B 273 -14.64 33.83 13.85
C ARG B 273 -14.33 34.80 12.72
N ALA B 274 -13.42 34.40 11.84
CA ALA B 274 -12.91 35.22 10.76
C ALA B 274 -13.96 36.07 10.11
N GLN B 275 -15.10 35.44 9.82
CA GLN B 275 -16.16 36.05 9.03
C GLN B 275 -16.94 37.10 9.79
N ASP B 276 -16.82 37.19 11.11
CA ASP B 276 -17.38 38.34 11.87
C ASP B 276 -16.79 39.74 11.51
N TYR B 277 -15.56 39.76 10.98
CA TYR B 277 -14.86 41.00 10.66
C TYR B 277 -13.63 40.65 9.82
N THR B 278 -13.91 40.41 8.54
CA THR B 278 -12.89 40.18 7.54
C THR B 278 -12.31 41.50 7.09
N TRP B 279 -11.07 41.47 6.60
CA TRP B 279 -10.52 42.65 5.92
C TRP B 279 -11.39 43.01 4.72
N GLU B 280 -11.67 42.01 3.89
CA GLU B 280 -12.22 42.26 2.58
C GLU B 280 -13.50 43.10 2.60
N ASP B 281 -14.38 42.91 3.58
CA ASP B 281 -15.63 43.69 3.59
C ASP B 281 -15.91 44.61 4.79
N HIS B 282 -15.03 44.64 5.78
CA HIS B 282 -15.19 45.56 6.92
C HIS B 282 -13.98 46.43 7.19
N GLY B 283 -12.85 45.79 7.48
CA GLY B 283 -11.61 46.47 7.77
C GLY B 283 -11.17 47.39 6.67
N TYR B 284 -11.14 46.90 5.44
CA TYR B 284 -10.73 47.71 4.30
C TYR B 284 -11.65 48.88 4.18
N SER B 285 -12.95 48.61 4.19
CA SER B 285 -13.96 49.66 4.11
C SER B 285 -13.71 50.81 5.12
N LEU B 286 -13.60 50.47 6.40
CA LEU B 286 -13.32 51.44 7.47
C LEU B 286 -12.02 52.21 7.28
N ILE B 287 -10.95 51.56 6.85
CA ILE B 287 -9.69 52.28 6.68
C ILE B 287 -9.78 53.27 5.54
N GLN B 288 -10.43 52.94 4.43
CA GLN B 288 -10.50 53.94 3.35
C GLN B 288 -11.53 55.05 3.59
N ARG B 289 -12.44 54.86 4.53
CA ARG B 289 -13.31 55.96 4.89
C ARG B 289 -12.61 56.92 5.82
N LEU B 290 -11.67 56.40 6.61
CA LEU B 290 -10.91 57.20 7.57
C LEU B 290 -9.44 57.54 7.22
N TYR B 291 -8.80 56.80 6.31
CA TYR B 291 -7.42 57.10 5.85
C TYR B 291 -7.24 56.50 4.45
N PRO B 292 -7.93 57.06 3.44
CA PRO B 292 -8.04 56.46 2.10
C PRO B 292 -6.73 56.18 1.38
N GLU B 293 -5.84 57.18 1.43
CA GLU B 293 -4.48 57.13 0.90
C GLU B 293 -3.86 55.78 1.26
N GLY B 294 -3.99 55.43 2.55
CA GLY B 294 -3.46 54.18 3.08
C GLY B 294 -4.23 52.93 2.70
N GLY B 295 -5.54 52.95 2.87
CA GLY B 295 -6.37 51.76 2.64
C GLY B 295 -6.17 51.09 1.29
N GLN B 296 -6.20 51.91 0.25
CA GLN B 296 -5.83 51.50 -1.11
C GLN B 296 -4.57 50.66 -1.10
N LEU B 297 -3.50 51.21 -0.53
CA LEU B 297 -2.20 50.55 -0.54
C LEU B 297 -2.08 49.34 0.37
N LEU B 298 -2.73 49.41 1.53
CA LEU B 298 -2.76 48.29 2.45
C LEU B 298 -3.40 47.07 1.80
N ASP B 299 -4.55 47.30 1.18
CA ASP B 299 -5.30 46.23 0.51
C ASP B 299 -4.55 45.68 -0.67
N GLU B 300 -3.83 46.53 -1.41
CA GLU B 300 -2.97 46.05 -2.51
C GLU B 300 -1.80 45.23 -1.95
N LYS B 301 -1.17 45.67 -0.85
CA LYS B 301 -0.04 44.94 -0.22
C LYS B 301 -0.41 43.56 0.22
N PHE B 302 -1.56 43.44 0.89
CA PHE B 302 -2.02 42.15 1.41
C PHE B 302 -2.14 41.23 0.22
N GLN B 303 -2.88 41.70 -0.79
CA GLN B 303 -3.13 40.92 -1.98
C GLN B 303 -1.86 40.55 -2.70
N ALA B 304 -0.92 41.47 -2.78
CA ALA B 304 0.37 41.17 -3.36
C ALA B 304 1.01 39.98 -2.70
N ALA B 305 0.99 39.91 -1.38
CA ALA B 305 1.72 38.87 -0.65
C ALA B 305 1.00 37.51 -0.59
N TYR B 306 -0.32 37.55 -0.36
CA TYR B 306 -1.11 36.31 -0.42
C TYR B 306 -0.85 35.70 -1.77
N SER B 307 -1.20 36.43 -2.83
CA SER B 307 -1.19 35.89 -4.18
C SER B 307 0.18 35.77 -4.84
N LEU B 308 1.22 36.42 -4.30
CA LEU B 308 2.60 36.24 -4.81
C LEU B 308 2.92 34.78 -4.78
N THR B 309 3.15 34.25 -5.99
CA THR B 309 3.71 32.91 -6.22
C THR B 309 4.53 32.90 -7.48
N TYR B 310 5.55 32.04 -7.49
CA TYR B 310 6.34 31.83 -8.68
C TYR B 310 6.07 30.46 -9.28
N ASN B 311 5.01 29.80 -8.83
CA ASN B 311 4.78 28.37 -9.07
C ASN B 311 6.03 27.48 -8.89
N THR B 312 6.68 27.54 -7.74
CA THR B 312 7.82 26.68 -7.43
C THR B 312 7.87 26.23 -5.96
N ILE B 313 8.04 24.94 -5.73
CA ILE B 313 8.50 24.45 -4.44
C ILE B 313 9.96 24.08 -4.59
N ALA B 314 10.84 24.87 -3.99
CA ALA B 314 12.27 24.56 -3.91
C ALA B 314 12.82 24.28 -5.32
N MET B 315 13.69 23.27 -5.50
CA MET B 315 14.18 22.86 -6.83
C MET B 315 13.08 22.56 -7.90
N HIS B 316 11.85 22.25 -7.50
CA HIS B 316 10.77 22.03 -8.48
C HIS B 316 10.16 23.30 -9.10
N SER B 317 9.35 23.10 -10.13
CA SER B 317 8.66 24.16 -10.87
C SER B 317 7.37 23.66 -11.52
N GLY B 318 6.53 24.58 -11.97
CA GLY B 318 5.20 24.23 -12.44
C GLY B 318 4.30 23.67 -11.36
N VAL B 319 4.47 24.12 -10.11
CA VAL B 319 3.68 23.66 -8.94
C VAL B 319 2.70 24.75 -8.49
N ASP B 320 1.43 24.39 -8.24
CA ASP B 320 0.43 25.31 -7.62
C ASP B 320 0.63 25.22 -6.11
N THR B 321 1.11 26.31 -5.53
CA THR B 321 1.59 26.31 -4.15
C THR B 321 0.58 26.90 -3.16
N SER B 322 -0.66 27.10 -3.60
CA SER B 322 -1.58 27.89 -2.83
C SER B 322 -2.06 27.17 -1.59
N VAL B 323 -2.10 25.85 -1.57
CA VAL B 323 -2.49 25.14 -0.33
C VAL B 323 -1.44 25.35 0.76
N LEU B 324 -0.19 25.51 0.35
CA LEU B 324 0.88 25.70 1.29
C LEU B 324 0.95 27.13 1.76
N ARG B 325 0.72 28.06 0.84
CA ARG B 325 0.64 29.48 1.17
C ARG B 325 -0.51 29.69 2.16
N ARG B 326 -1.71 29.24 1.78
CA ARG B 326 -2.90 29.29 2.65
C ARG B 326 -2.60 28.67 4.01
N ALA B 327 -2.01 27.48 3.97
CA ALA B 327 -1.59 26.80 5.19
C ALA B 327 -0.72 27.68 6.08
N ILE B 328 0.26 28.38 5.49
CA ILE B 328 1.10 29.32 6.25
C ILE B 328 0.21 30.44 6.77
N TRP B 329 -0.38 31.17 5.83
CA TRP B 329 -1.27 32.28 6.15
C TRP B 329 -2.20 31.91 7.29
N ASN B 330 -3.02 30.87 7.07
CA ASN B 330 -4.12 30.56 8.00
C ASN B 330 -3.66 30.11 9.37
N TYR B 331 -2.42 29.55 9.44
CA TYR B 331 -1.74 29.18 10.69
C TYR B 331 -1.40 30.40 11.47
N ILE B 332 -0.77 31.38 10.83
CA ILE B 332 -0.38 32.60 11.56
C ILE B 332 -1.59 33.35 12.12
N HIS B 333 -2.73 33.26 11.44
CA HIS B 333 -3.94 33.85 11.96
C HIS B 333 -4.51 33.06 13.10
N CYS B 334 -4.45 31.74 12.94
CA CYS B 334 -4.70 30.81 14.05
C CYS B 334 -3.96 31.25 15.32
N VAL B 335 -2.66 31.51 15.17
CA VAL B 335 -1.83 31.98 16.27
C VAL B 335 -2.43 33.23 16.92
N PHE B 336 -2.91 34.18 16.13
CA PHE B 336 -3.61 35.37 16.67
C PHE B 336 -5.13 35.18 16.86
N GLY B 337 -5.58 33.91 16.88
CA GLY B 337 -6.95 33.56 17.25
C GLY B 337 -8.02 33.64 16.17
N ILE B 338 -7.63 33.81 14.93
CA ILE B 338 -8.59 34.04 13.86
C ILE B 338 -8.86 32.69 13.14
N ARG B 339 -10.10 32.17 13.29
CA ARG B 339 -10.51 30.95 12.59
C ARG B 339 -11.39 31.22 11.38
N TYR B 340 -11.00 30.64 10.25
CA TYR B 340 -11.77 30.70 9.03
C TYR B 340 -12.66 29.46 8.95
N ASP B 341 -13.97 29.67 8.77
CA ASP B 341 -14.95 28.59 8.92
C ASP B 341 -14.81 27.39 7.99
N ASP B 342 -14.44 27.66 6.74
CA ASP B 342 -14.32 26.60 5.75
C ASP B 342 -12.93 25.99 5.66
N TYR B 343 -12.04 26.27 6.62
CA TYR B 343 -10.69 25.69 6.59
C TYR B 343 -10.57 24.41 7.40
N ASP B 344 -10.23 23.34 6.68
CA ASP B 344 -9.71 22.11 7.29
C ASP B 344 -8.36 22.44 7.95
N TYR B 345 -8.39 22.81 9.23
CA TYR B 345 -7.15 23.13 9.93
C TYR B 345 -6.20 21.91 10.08
N GLY B 346 -6.69 20.71 9.74
CA GLY B 346 -5.83 19.54 9.57
C GLY B 346 -4.69 19.73 8.59
N GLU B 347 -4.97 20.50 7.53
CA GLU B 347 -4.01 20.78 6.46
C GLU B 347 -2.69 21.33 6.97
N VAL B 348 -2.78 22.11 8.04
CA VAL B 348 -1.64 22.82 8.60
C VAL B 348 -0.48 21.87 8.92
N ASN B 349 -0.79 20.83 9.71
CA ASN B 349 0.21 19.84 10.13
C ASN B 349 0.66 18.91 9.02
N GLN B 350 -0.21 18.67 8.05
CA GLN B 350 0.18 17.94 6.85
C GLN B 350 1.26 18.74 6.09
N LEU B 351 0.98 20.02 5.81
CA LEU B 351 1.82 20.86 4.94
C LEU B 351 2.97 21.63 5.57
N LEU B 352 2.80 22.10 6.81
CA LEU B 352 3.85 22.84 7.49
C LEU B 352 4.66 21.93 8.39
N GLU B 353 5.95 21.77 8.11
CA GLU B 353 6.85 21.02 9.03
C GLU B 353 7.03 21.68 10.40
N ARG B 354 7.64 21.00 11.34
CA ARG B 354 7.65 21.52 12.71
C ARG B 354 8.62 22.67 12.86
N ASN B 355 9.81 22.57 12.27
CA ASN B 355 10.78 23.66 12.39
C ASN B 355 10.27 24.95 11.76
N LEU B 356 9.41 24.80 10.73
CA LEU B 356 8.74 25.93 10.09
C LEU B 356 7.76 26.55 11.04
N LYS B 357 6.90 25.73 11.62
CA LYS B 357 5.88 26.22 12.56
C LYS B 357 6.48 26.95 13.75
N VAL B 358 7.71 26.57 14.11
CA VAL B 358 8.49 27.28 15.11
C VAL B 358 8.96 28.60 14.55
N TYR B 359 9.75 28.55 13.47
CA TYR B 359 10.34 29.76 12.87
C TYR B 359 9.26 30.79 12.67
N ILE B 360 8.18 30.38 12.00
CA ILE B 360 7.01 31.24 11.79
C ILE B 360 6.58 31.89 13.09
N LYS B 361 6.22 31.08 14.08
CA LYS B 361 5.69 31.62 15.34
C LYS B 361 6.71 32.50 16.07
N THR B 362 7.99 32.10 16.05
CA THR B 362 9.04 32.88 16.67
C THR B 362 9.20 34.23 15.94
N VAL B 363 9.17 34.22 14.61
CA VAL B 363 9.16 35.48 13.88
C VAL B 363 7.88 36.30 14.14
N ALA B 364 6.73 35.66 14.27
CA ALA B 364 5.46 36.39 14.50
C ALA B 364 5.25 36.94 15.92
N CYS B 365 5.75 36.23 16.93
CA CYS B 365 5.44 36.55 18.34
C CYS B 365 6.66 36.97 19.18
N TYR B 366 7.80 36.39 18.83
CA TYR B 366 9.03 36.61 19.54
C TYR B 366 10.18 36.84 18.55
N PRO B 367 10.01 37.76 17.58
CA PRO B 367 11.00 37.94 16.52
C PRO B 367 12.39 38.15 17.05
N GLU B 368 12.47 38.89 18.16
CA GLU B 368 13.72 39.17 18.87
C GLU B 368 14.56 37.93 19.07
N LYS B 369 13.89 36.80 19.34
CA LYS B 369 14.50 35.50 19.70
C LYS B 369 14.89 34.67 18.49
N THR B 370 14.46 35.08 17.29
CA THR B 370 14.75 34.34 16.07
C THR B 370 16.23 34.25 15.90
N THR B 371 16.74 33.09 15.48
CA THR B 371 18.19 32.90 15.29
C THR B 371 18.54 32.16 14.03
N ARG B 372 19.76 32.39 13.57
CA ARG B 372 20.27 31.74 12.35
C ARG B 372 20.12 30.21 12.43
N ARG B 373 20.40 29.65 13.62
CA ARG B 373 20.21 28.22 13.86
C ARG B 373 18.79 27.87 13.39
N MET B 374 17.82 28.65 13.87
CA MET B 374 16.39 28.49 13.55
C MET B 374 16.07 28.69 12.06
N TYR B 375 16.66 29.73 11.48
CA TYR B 375 16.49 30.06 10.05
C TYR B 375 16.78 28.85 9.16
N ASN B 376 17.81 28.09 9.53
CA ASN B 376 18.27 26.98 8.72
C ASN B 376 17.61 25.64 9.02
N LEU B 377 17.23 25.38 10.26
CA LEU B 377 16.66 24.06 10.58
C LEU B 377 15.39 23.78 9.80
N PHE B 378 14.64 24.80 9.41
CA PHE B 378 13.41 24.56 8.64
C PHE B 378 13.65 24.60 7.14
N TRP B 379 12.78 23.93 6.39
CA TRP B 379 12.83 23.88 4.92
C TRP B 379 14.25 23.81 4.38
N ARG B 380 14.99 22.81 4.87
CA ARG B 380 16.43 22.69 4.62
C ARG B 380 16.75 22.79 3.11
N HIS B 381 15.94 22.18 2.25
CA HIS B 381 16.26 22.16 0.80
C HIS B 381 15.67 23.32 -0.02
N PHE B 382 14.89 24.23 0.58
CA PHE B 382 14.27 25.37 -0.16
C PHE B 382 15.25 26.53 -0.35
N ARG B 383 15.07 27.32 -1.41
CA ARG B 383 15.96 28.47 -1.73
C ARG B 383 15.77 29.59 -0.67
N HIS B 384 16.80 30.43 -0.46
CA HIS B 384 16.66 31.59 0.47
C HIS B 384 15.55 32.54 0.08
N SER B 385 15.40 32.79 -1.22
CA SER B 385 14.38 33.67 -1.72
C SER B 385 13.02 33.23 -1.17
N GLU B 386 12.80 31.91 -1.08
CA GLU B 386 11.55 31.36 -0.54
C GLU B 386 11.41 31.50 0.96
N LYS B 387 12.49 31.24 1.69
CA LYS B 387 12.50 31.55 3.12
C LYS B 387 12.01 33.01 3.37
N VAL B 388 12.46 33.96 2.52
CA VAL B 388 12.06 35.37 2.61
C VAL B 388 10.58 35.49 2.27
N HIS B 389 10.17 34.84 1.18
CA HIS B 389 8.76 34.72 0.81
C HIS B 389 7.86 34.31 2.02
N VAL B 390 8.33 33.40 2.85
CA VAL B 390 7.55 33.01 4.04
C VAL B 390 7.37 34.23 4.96
N ASN B 391 8.44 34.98 5.13
CA ASN B 391 8.39 36.22 5.90
C ASN B 391 7.40 37.25 5.40
N LEU B 392 7.29 37.40 4.08
CA LEU B 392 6.30 38.31 3.48
C LEU B 392 4.93 37.83 3.83
N LEU B 393 4.66 36.59 3.48
CA LEU B 393 3.43 35.94 3.86
C LEU B 393 3.12 36.23 5.32
N LEU B 394 4.11 36.03 6.19
CA LEU B 394 3.83 36.05 7.63
C LEU B 394 3.71 37.45 8.18
N LEU B 395 4.55 38.39 7.76
CA LEU B 395 4.41 39.76 8.23
C LEU B 395 3.05 40.30 7.84
N GLU B 396 2.64 40.07 6.60
CA GLU B 396 1.33 40.57 6.16
C GLU B 396 0.18 39.91 6.90
N ALA B 397 0.21 38.59 6.99
CA ALA B 397 -0.77 37.87 7.78
C ALA B 397 -0.87 38.39 9.25
N ARG B 398 0.27 38.58 9.88
CA ARG B 398 0.30 39.05 11.26
C ARG B 398 -0.30 40.44 11.36
N MET B 399 0.13 41.32 10.45
CA MET B 399 -0.36 42.70 10.37
C MET B 399 -1.86 42.78 10.12
N GLN B 400 -2.35 41.94 9.23
CA GLN B 400 -3.77 41.99 8.95
C GLN B 400 -4.55 41.59 10.19
N ALA B 401 -4.06 40.58 10.89
CA ALA B 401 -4.68 40.16 12.11
C ALA B 401 -4.69 41.32 13.12
N ALA B 402 -3.53 41.91 13.38
CA ALA B 402 -3.48 43.00 14.35
C ALA B 402 -4.42 44.16 14.00
N LEU B 403 -4.36 44.62 12.75
CA LEU B 403 -5.25 45.69 12.27
C LEU B 403 -6.72 45.34 12.44
N LEU B 404 -7.09 44.15 12.00
CA LEU B 404 -8.47 43.75 12.02
C LEU B 404 -9.08 43.80 13.41
N TYR B 405 -8.32 43.35 14.39
CA TYR B 405 -8.77 43.43 15.77
C TYR B 405 -8.92 44.89 16.18
N ALA B 406 -7.96 45.71 15.79
CA ALA B 406 -7.96 47.12 16.13
C ALA B 406 -9.07 47.87 15.44
N LEU B 407 -9.38 47.47 14.22
CA LEU B 407 -10.43 48.11 13.44
C LEU B 407 -11.75 47.74 14.01
N ARG B 408 -11.94 46.44 14.29
CA ARG B 408 -13.16 45.91 14.93
C ARG B 408 -13.43 46.61 16.26
N ALA B 409 -12.38 46.98 16.95
CA ALA B 409 -12.50 47.82 18.14
C ALA B 409 -13.05 49.20 17.81
N ILE B 410 -12.47 49.83 16.80
CA ILE B 410 -12.94 51.13 16.38
C ILE B 410 -14.40 50.95 16.01
N THR B 411 -14.73 49.98 15.15
CA THR B 411 -16.12 49.72 14.75
C THR B 411 -17.04 49.54 15.96
N ARG B 412 -16.55 48.87 16.99
CA ARG B 412 -17.32 48.74 18.23
C ARG B 412 -17.49 50.05 19.02
N TYR B 413 -16.52 50.96 19.01
CA TYR B 413 -16.70 52.25 19.70
C TYR B 413 -17.66 53.14 18.91
N MET B 414 -17.48 53.16 17.58
CA MET B 414 -18.30 53.95 16.62
C MET B 414 -19.82 53.63 16.65
N THR B 415 -20.19 52.42 17.11
CA THR B 415 -21.60 52.07 17.37
C THR B 415 -22.09 52.79 18.63
N GLY C 1 -2.45 -26.43 34.56
CA GLY C 1 -2.11 -27.87 34.23
C GLY C 1 -2.01 -28.80 35.46
N LEU C 2 -2.41 -30.07 35.33
CA LEU C 2 -2.48 -31.02 36.49
C LEU C 2 -1.10 -31.49 36.97
N GLU C 3 -0.23 -30.53 37.28
CA GLU C 3 1.19 -30.76 37.57
C GLU C 3 1.42 -31.91 38.58
N ALA C 4 0.69 -31.89 39.68
CA ALA C 4 0.89 -32.82 40.79
C ALA C 4 0.83 -34.27 40.36
N LEU C 5 -0.17 -34.56 39.53
CA LEU C 5 -0.47 -35.89 38.97
C LEU C 5 0.58 -36.35 37.98
N MET C 6 1.04 -35.43 37.14
CA MET C 6 2.05 -35.76 36.13
C MET C 6 3.40 -36.22 36.75
N SER C 7 3.83 -35.56 37.85
CA SER C 7 5.01 -35.98 38.66
C SER C 7 4.87 -37.34 39.36
N SER C 8 3.66 -37.65 39.80
CA SER C 8 3.38 -38.91 40.50
C SER C 8 4.04 -40.13 39.88
N GLY C 9 4.01 -40.21 38.55
CA GLY C 9 4.44 -41.41 37.85
C GLY C 9 3.61 -42.63 38.19
N ARG C 10 2.34 -42.42 38.54
CA ARG C 10 1.40 -43.51 38.72
C ARG C 10 0.34 -43.53 37.64
N VAL C 11 0.40 -42.56 36.71
CA VAL C 11 -0.32 -42.64 35.42
C VAL C 11 0.71 -42.57 34.30
N ASP C 12 0.37 -43.18 33.17
CA ASP C 12 1.34 -43.41 32.08
C ASP C 12 1.73 -42.14 31.34
N ASN C 13 2.87 -42.20 30.65
CA ASN C 13 3.33 -41.10 29.81
C ASN C 13 2.32 -40.43 28.88
N LEU C 14 1.35 -41.19 28.38
CA LEU C 14 0.33 -40.62 27.50
C LEU C 14 -0.56 -39.67 28.25
N ALA C 15 -1.08 -40.14 29.38
CA ALA C 15 -1.96 -39.32 30.23
C ALA C 15 -1.23 -38.16 30.93
N VAL C 16 0.08 -38.29 31.11
CA VAL C 16 0.92 -37.17 31.55
C VAL C 16 0.81 -36.02 30.56
N VAL C 17 0.94 -36.34 29.27
CA VAL C 17 0.95 -35.29 28.27
C VAL C 17 -0.46 -34.74 28.07
N MET C 18 -1.48 -35.59 28.20
CA MET C 18 -2.90 -35.15 28.20
C MET C 18 -3.20 -34.13 29.28
N GLY C 19 -2.60 -34.33 30.45
CA GLY C 19 -2.77 -33.42 31.57
C GLY C 19 -2.26 -32.01 31.38
N LEU C 20 -1.55 -31.75 30.27
CA LEU C 20 -1.30 -30.38 29.84
C LEU C 20 -2.58 -29.61 29.48
N HIS C 21 -3.69 -30.32 29.21
CA HIS C 21 -4.96 -29.67 28.84
C HIS C 21 -6.12 -30.25 29.63
N PRO C 22 -6.14 -29.95 30.94
CA PRO C 22 -7.10 -30.55 31.88
C PRO C 22 -8.57 -30.53 31.46
N ASP C 23 -9.02 -29.48 30.78
CA ASP C 23 -10.40 -29.45 30.33
C ASP C 23 -10.68 -30.49 29.21
N TYR C 24 -9.63 -30.84 28.45
CA TYR C 24 -9.67 -32.00 27.57
C TYR C 24 -9.49 -33.26 28.41
N PHE C 25 -8.40 -33.30 29.18
CA PHE C 25 -8.05 -34.46 30.04
C PHE C 25 -9.25 -35.08 30.77
N THR C 26 -10.07 -34.24 31.39
CA THR C 26 -11.29 -34.70 32.06
C THR C 26 -12.08 -35.60 31.14
N SER C 27 -12.40 -35.11 29.94
CA SER C 27 -13.22 -35.87 28.95
C SER C 27 -12.47 -37.06 28.37
N PHE C 28 -11.17 -36.87 28.15
CA PHE C 28 -10.30 -37.96 27.73
C PHE C 28 -10.38 -39.11 28.73
N TRP C 29 -10.21 -38.79 30.01
CA TRP C 29 -10.19 -39.82 31.03
C TRP C 29 -11.50 -40.60 31.11
N ARG C 30 -12.64 -39.92 31.18
CA ARG C 30 -13.91 -40.64 31.38
C ARG C 30 -14.10 -41.74 30.34
N LEU C 31 -13.69 -41.47 29.08
CA LEU C 31 -13.83 -42.45 28.02
C LEU C 31 -12.80 -43.56 28.23
N HIS C 32 -11.55 -43.20 28.51
CA HIS C 32 -10.49 -44.22 28.70
C HIS C 32 -10.89 -45.20 29.78
N TYR C 33 -11.46 -44.68 30.87
CA TYR C 33 -11.94 -45.49 31.99
C TYR C 33 -13.16 -46.32 31.62
N LEU C 34 -14.06 -45.75 30.82
CA LEU C 34 -15.18 -46.52 30.30
C LEU C 34 -14.67 -47.66 29.41
N LEU C 35 -14.04 -47.31 28.30
CA LEU C 35 -13.72 -48.28 27.26
C LEU C 35 -12.90 -49.40 27.82
N LEU C 36 -11.92 -49.06 28.63
CA LEU C 36 -10.90 -50.01 28.96
C LEU C 36 -11.03 -50.59 30.37
N HIS C 37 -11.89 -50.04 31.23
CA HIS C 37 -11.96 -50.50 32.65
C HIS C 37 -13.36 -50.54 33.32
N THR C 38 -14.39 -50.84 32.54
CA THR C 38 -15.79 -50.87 32.99
C THR C 38 -16.49 -51.99 32.25
N ASP C 39 -17.37 -52.73 32.96
CA ASP C 39 -18.26 -53.70 32.31
C ASP C 39 -18.93 -53.11 31.11
N GLY C 40 -19.18 -53.96 30.12
CA GLY C 40 -19.94 -53.54 28.97
C GLY C 40 -20.26 -54.71 28.08
N PRO C 41 -20.82 -54.42 26.90
CA PRO C 41 -20.96 -55.44 25.86
C PRO C 41 -19.85 -56.54 25.87
N LEU C 42 -18.58 -56.17 25.69
CA LEU C 42 -17.43 -57.10 25.53
C LEU C 42 -16.54 -57.21 26.75
N ALA C 43 -16.06 -58.42 27.04
CA ALA C 43 -15.15 -58.64 28.19
C ALA C 43 -13.79 -57.98 28.02
N SER C 44 -13.21 -57.56 29.14
CA SER C 44 -11.98 -56.73 29.10
C SER C 44 -10.81 -57.34 28.31
N SER C 45 -10.63 -58.66 28.39
CA SER C 45 -9.62 -59.34 27.58
C SER C 45 -9.84 -59.02 26.11
N TRP C 46 -11.09 -59.09 25.67
CA TRP C 46 -11.44 -58.84 24.27
C TRP C 46 -11.22 -57.40 23.89
N ARG C 47 -11.58 -56.49 24.80
CA ARG C 47 -11.43 -55.05 24.56
C ARG C 47 -9.97 -54.69 24.37
N HIS C 48 -9.11 -55.22 25.24
CA HIS C 48 -7.68 -54.99 25.13
C HIS C 48 -7.10 -55.59 23.85
N TYR C 49 -7.59 -56.77 23.45
CA TYR C 49 -7.09 -57.41 22.21
C TYR C 49 -7.41 -56.53 21.02
N ILE C 50 -8.65 -56.01 21.01
CA ILE C 50 -9.13 -55.10 19.97
C ILE C 50 -8.24 -53.88 19.90
N ALA C 51 -7.93 -53.34 21.06
CA ALA C 51 -7.06 -52.17 21.18
C ALA C 51 -5.67 -52.39 20.60
N ILE C 52 -5.19 -53.64 20.71
CA ILE C 52 -3.92 -54.03 20.13
C ILE C 52 -4.08 -54.00 18.63
N MET C 53 -5.15 -54.61 18.15
CA MET C 53 -5.36 -54.72 16.72
C MET C 53 -5.36 -53.32 16.14
N ALA C 54 -6.14 -52.44 16.75
CA ALA C 54 -6.24 -51.04 16.33
C ALA C 54 -4.90 -50.37 16.34
N ALA C 55 -4.18 -50.50 17.44
CA ALA C 55 -2.86 -49.88 17.57
C ALA C 55 -1.86 -50.43 16.54
N ALA C 56 -1.89 -51.74 16.36
CA ALA C 56 -1.01 -52.41 15.39
C ALA C 56 -1.05 -51.76 14.00
N ARG C 57 -2.23 -51.31 13.58
CA ARG C 57 -2.40 -50.67 12.28
C ARG C 57 -1.39 -49.59 12.04
N HIS C 58 -1.03 -48.82 13.07
CA HIS C 58 0.05 -47.81 12.94
C HIS C 58 1.37 -48.19 13.62
N GLN C 59 1.69 -49.47 13.68
CA GLN C 59 2.98 -49.90 14.20
C GLN C 59 3.27 -49.18 15.55
N CYS C 60 2.26 -49.11 16.43
CA CYS C 60 2.31 -48.26 17.64
C CYS C 60 2.77 -49.02 18.89
N SER C 61 4.10 -49.18 19.05
CA SER C 61 4.66 -49.90 20.20
C SER C 61 3.98 -49.52 21.51
N TYR C 62 3.82 -48.21 21.72
CA TYR C 62 3.34 -47.69 23.01
C TYR C 62 2.04 -48.34 23.44
N LEU C 63 1.12 -48.39 22.50
CA LEU C 63 -0.24 -48.80 22.78
C LEU C 63 -0.38 -50.32 22.68
N VAL C 64 0.39 -50.95 21.79
CA VAL C 64 0.28 -52.37 21.60
C VAL C 64 0.76 -53.01 22.89
N GLY C 65 1.97 -52.62 23.30
CA GLY C 65 2.62 -53.17 24.50
C GLY C 65 1.83 -52.89 25.75
N SER C 66 1.54 -51.62 25.98
CA SER C 66 0.53 -51.21 26.94
C SER C 66 -0.63 -52.23 26.98
N HIS C 67 -1.38 -52.37 25.89
CA HIS C 67 -2.55 -53.26 25.93
C HIS C 67 -2.21 -54.73 25.95
N MET C 68 -1.14 -55.16 25.25
CA MET C 68 -0.64 -56.55 25.39
C MET C 68 -0.55 -56.83 26.88
N ALA C 69 0.04 -55.90 27.62
CA ALA C 69 0.21 -56.07 29.05
C ALA C 69 -1.13 -56.22 29.73
N GLU C 70 -2.00 -55.21 29.58
CA GLU C 70 -3.32 -55.20 30.27
C GLU C 70 -4.18 -56.43 29.84
N PHE C 71 -4.02 -56.85 28.58
CA PHE C 71 -4.61 -58.08 28.06
C PHE C 71 -4.31 -59.26 28.95
N LEU C 72 -3.03 -59.45 29.23
CA LEU C 72 -2.58 -60.56 30.06
C LEU C 72 -2.99 -60.41 31.54
N GLN C 73 -2.87 -59.19 32.11
CA GLN C 73 -3.25 -58.92 33.52
C GLN C 73 -4.71 -59.20 33.72
N THR C 74 -5.50 -59.05 32.65
CA THR C 74 -6.95 -59.19 32.74
C THR C 74 -7.47 -60.63 32.45
N GLY C 75 -6.55 -61.60 32.31
CA GLY C 75 -6.92 -62.98 32.05
C GLY C 75 -7.01 -63.34 30.57
N GLY C 76 -6.47 -62.48 29.69
CA GLY C 76 -6.39 -62.80 28.27
C GLY C 76 -5.62 -64.08 28.07
N ASP C 77 -5.94 -64.78 27.00
CA ASP C 77 -5.27 -66.06 26.68
C ASP C 77 -3.97 -65.72 25.96
N PRO C 78 -2.82 -65.91 26.61
CA PRO C 78 -1.56 -65.46 26.06
C PRO C 78 -1.29 -65.89 24.65
N GLU C 79 -1.81 -67.06 24.26
CA GLU C 79 -1.70 -67.56 22.86
C GLU C 79 -1.98 -66.48 21.84
N TRP C 80 -3.02 -65.70 22.10
CA TRP C 80 -3.46 -64.65 21.19
C TRP C 80 -2.35 -63.65 20.84
N LEU C 81 -1.47 -63.38 21.80
CA LEU C 81 -0.31 -62.51 21.55
C LEU C 81 0.69 -63.09 20.56
N LEU C 82 0.54 -64.36 20.20
CA LEU C 82 1.39 -64.93 19.15
C LEU C 82 0.96 -64.39 17.76
N GLY C 83 -0.27 -63.91 17.65
CA GLY C 83 -0.76 -63.18 16.47
C GLY C 83 -2.27 -63.32 16.29
N LEU C 84 -2.80 -62.69 15.23
CA LEU C 84 -4.24 -62.73 14.96
C LEU C 84 -4.72 -64.14 14.63
N HIS C 85 -3.98 -64.79 13.75
CA HIS C 85 -4.18 -66.19 13.39
C HIS C 85 -4.61 -67.09 14.56
N ARG C 86 -4.36 -66.68 15.80
CA ARG C 86 -4.70 -67.47 16.98
C ARG C 86 -5.88 -66.96 17.81
N ALA C 87 -6.40 -65.77 17.49
CA ALA C 87 -7.57 -65.22 18.20
C ALA C 87 -8.83 -65.86 17.62
N PRO C 88 -9.97 -65.76 18.31
CA PRO C 88 -11.22 -66.29 17.76
C PRO C 88 -11.58 -65.66 16.43
N GLU C 89 -12.41 -66.36 15.66
CA GLU C 89 -12.83 -65.89 14.33
C GLU C 89 -13.53 -64.55 14.47
N LYS C 90 -14.42 -64.45 15.45
CA LYS C 90 -15.18 -63.22 15.71
C LYS C 90 -14.30 -61.97 15.80
N LEU C 91 -13.10 -62.10 16.38
CA LEU C 91 -12.14 -60.99 16.46
C LEU C 91 -11.44 -60.75 15.14
N ARG C 92 -11.15 -61.80 14.38
CA ARG C 92 -10.50 -61.60 13.07
C ARG C 92 -11.37 -60.86 12.04
N LYS C 93 -12.68 -61.12 12.04
CA LYS C 93 -13.61 -60.44 11.11
C LYS C 93 -13.54 -58.90 11.21
N LEU C 94 -13.25 -58.45 12.43
CA LEU C 94 -12.99 -57.04 12.75
C LEU C 94 -11.83 -56.40 11.99
N SER C 95 -10.92 -57.20 11.41
CA SER C 95 -9.75 -56.65 10.72
C SER C 95 -10.05 -55.83 9.51
N GLU C 96 -11.09 -56.16 8.76
CA GLU C 96 -11.35 -55.40 7.53
C GLU C 96 -11.82 -54.02 7.93
N ILE C 97 -12.83 -53.94 8.80
CA ILE C 97 -13.31 -52.63 9.26
C ILE C 97 -12.21 -51.84 10.00
N ASN C 98 -11.37 -52.55 10.77
CA ASN C 98 -10.26 -51.92 11.45
C ASN C 98 -9.32 -51.25 10.45
N LYS C 99 -8.87 -52.03 9.48
CA LYS C 99 -8.01 -51.51 8.38
C LYS C 99 -8.51 -50.19 7.83
N LEU C 100 -9.82 -50.09 7.68
CA LEU C 100 -10.47 -48.98 7.01
C LEU C 100 -10.64 -47.76 7.90
N LEU C 101 -11.16 -47.98 9.10
CA LEU C 101 -11.28 -46.90 10.08
C LEU C 101 -9.95 -46.16 10.28
N ALA C 102 -8.87 -46.95 10.30
CA ALA C 102 -7.55 -46.42 10.41
C ALA C 102 -7.20 -45.61 9.18
N HIS C 103 -7.31 -46.21 8.02
CA HIS C 103 -6.66 -45.68 6.84
C HIS C 103 -7.53 -45.00 5.78
N ARG C 104 -8.72 -45.52 5.53
CA ARG C 104 -9.61 -45.00 4.49
C ARG C 104 -11.02 -45.27 4.98
N PRO C 105 -11.47 -44.45 5.95
CA PRO C 105 -12.72 -44.78 6.62
C PRO C 105 -13.96 -44.63 5.78
N TRP C 106 -13.87 -43.78 4.76
CA TRP C 106 -14.92 -43.64 3.76
C TRP C 106 -15.32 -44.97 3.08
N LEU C 107 -14.33 -45.81 2.75
CA LEU C 107 -14.57 -47.11 2.09
C LEU C 107 -15.39 -48.13 2.87
N ILE C 108 -15.71 -47.82 4.13
CA ILE C 108 -16.71 -48.59 4.89
C ILE C 108 -18.07 -48.48 4.20
N THR C 109 -18.75 -49.61 4.07
CA THR C 109 -20.00 -49.76 3.32
C THR C 109 -20.88 -50.64 4.19
N LYS C 110 -22.20 -50.47 4.10
CA LYS C 110 -23.13 -51.29 4.92
C LYS C 110 -22.86 -52.78 4.74
N GLU C 111 -22.31 -53.17 3.58
CA GLU C 111 -21.90 -54.56 3.31
C GLU C 111 -20.98 -55.12 4.39
N HIS C 112 -19.97 -54.33 4.77
CA HIS C 112 -19.00 -54.71 5.81
C HIS C 112 -19.63 -54.92 7.13
N ILE C 113 -20.62 -54.06 7.44
CA ILE C 113 -21.44 -54.15 8.65
C ILE C 113 -22.26 -55.46 8.65
N GLN C 114 -22.83 -55.80 7.50
CA GLN C 114 -23.63 -57.01 7.35
C GLN C 114 -22.76 -58.25 7.63
N ALA C 115 -21.62 -58.33 6.95
CA ALA C 115 -20.68 -59.43 7.13
C ALA C 115 -20.25 -59.64 8.59
N LEU C 116 -20.05 -58.56 9.35
CA LEU C 116 -19.70 -58.73 10.78
C LEU C 116 -20.89 -59.29 11.55
N LEU C 117 -22.07 -58.72 11.32
CA LEU C 117 -23.26 -59.06 12.11
C LEU C 117 -24.00 -60.39 11.79
N LYS C 118 -23.62 -61.09 10.72
CA LYS C 118 -24.17 -62.44 10.40
C LYS C 118 -23.25 -63.32 9.53
N THR C 119 -22.31 -64.02 10.18
CA THR C 119 -21.28 -64.85 9.50
C THR C 119 -20.54 -65.75 10.50
N GLY C 120 -20.33 -67.02 10.16
CA GLY C 120 -19.49 -67.95 10.95
C GLY C 120 -19.99 -68.28 12.36
N GLU C 121 -19.25 -69.17 13.05
CA GLU C 121 -19.58 -69.65 14.40
C GLU C 121 -20.27 -68.55 15.22
N HIS C 122 -19.54 -67.46 15.45
CA HIS C 122 -20.03 -66.38 16.32
C HIS C 122 -20.09 -64.99 15.65
N THR C 123 -21.10 -64.24 16.09
CA THR C 123 -21.63 -63.12 15.36
C THR C 123 -21.61 -61.90 16.27
N TRP C 124 -21.26 -60.76 15.71
CA TRP C 124 -21.37 -59.50 16.41
C TRP C 124 -22.83 -59.09 16.51
N SER C 125 -23.24 -58.54 17.66
CA SER C 125 -24.48 -57.76 17.76
C SER C 125 -24.16 -56.28 17.43
N LEU C 126 -25.17 -55.40 17.43
CA LEU C 126 -24.88 -53.98 17.28
C LEU C 126 -24.25 -53.43 18.56
N ALA C 127 -24.81 -53.84 19.70
CA ALA C 127 -24.28 -53.47 21.00
C ALA C 127 -22.76 -53.59 21.01
N GLU C 128 -22.28 -54.78 20.70
CA GLU C 128 -20.85 -55.12 20.75
C GLU C 128 -20.06 -54.43 19.67
N LEU C 129 -20.57 -54.50 18.44
CA LEU C 129 -19.88 -53.92 17.31
C LEU C 129 -19.74 -52.42 17.47
N ILE C 130 -20.70 -51.78 18.14
CA ILE C 130 -20.53 -50.37 18.36
C ILE C 130 -19.37 -50.15 19.31
N GLN C 131 -19.42 -50.78 20.47
CA GLN C 131 -18.32 -50.66 21.43
C GLN C 131 -16.97 -50.90 20.73
N ALA C 132 -16.90 -51.93 19.90
CA ALA C 132 -15.68 -52.23 19.16
C ALA C 132 -15.29 -51.11 18.19
N LEU C 133 -16.27 -50.50 17.56
CA LEU C 133 -15.95 -49.44 16.60
C LEU C 133 -15.43 -48.22 17.34
N VAL C 134 -15.90 -48.00 18.56
CA VAL C 134 -15.40 -46.89 19.35
C VAL C 134 -13.98 -47.18 19.82
N LEU C 135 -13.74 -48.42 20.26
CA LEU C 135 -12.41 -48.88 20.67
C LEU C 135 -11.36 -48.76 19.58
N LEU C 136 -11.73 -49.11 18.34
CA LEU C 136 -10.79 -49.09 17.20
C LEU C 136 -10.41 -47.67 16.82
N THR C 137 -11.40 -46.79 16.73
CA THR C 137 -11.18 -45.40 16.36
C THR C 137 -10.42 -44.64 17.45
N HIS C 138 -10.59 -45.12 18.68
CA HIS C 138 -9.96 -44.53 19.87
C HIS C 138 -8.48 -44.79 19.88
N CYS C 139 -8.10 -46.06 19.79
CA CYS C 139 -6.68 -46.44 19.76
C CYS C 139 -5.99 -45.98 18.47
N HIS C 140 -6.75 -45.67 17.41
CA HIS C 140 -6.17 -45.04 16.21
C HIS C 140 -5.88 -43.58 16.51
N SER C 141 -6.87 -42.90 17.06
CA SER C 141 -6.71 -41.50 17.40
C SER C 141 -5.53 -41.34 18.38
N LEU C 142 -5.52 -42.14 19.44
CA LEU C 142 -4.39 -42.17 20.39
C LEU C 142 -3.05 -42.53 19.76
N SER C 143 -3.06 -43.40 18.75
CA SER C 143 -1.85 -43.68 17.98
C SER C 143 -1.33 -42.41 17.34
N SER C 144 -2.21 -41.58 16.78
CA SER C 144 -1.80 -40.27 16.26
C SER C 144 -1.16 -39.43 17.36
N PHE C 145 -1.89 -39.28 18.45
CA PHE C 145 -1.40 -38.56 19.62
C PHE C 145 0.00 -39.01 20.03
N VAL C 146 0.20 -40.32 20.15
CA VAL C 146 1.48 -40.86 20.62
C VAL C 146 2.61 -40.39 19.72
N PHE C 147 2.47 -40.59 18.42
CA PHE C 147 3.52 -40.22 17.46
C PHE C 147 3.65 -38.71 17.30
N GLY C 148 2.51 -38.04 17.28
CA GLY C 148 2.50 -36.61 17.23
C GLY C 148 3.28 -36.00 18.38
N CYS C 149 2.85 -36.35 19.60
CA CYS C 149 3.35 -35.72 20.84
C CYS C 149 4.71 -36.22 21.32
N GLY C 150 5.24 -37.24 20.67
CA GLY C 150 6.55 -37.76 21.02
C GLY C 150 6.51 -38.82 22.10
N ILE C 151 5.33 -39.10 22.64
CA ILE C 151 5.18 -40.02 23.77
C ILE C 151 6.19 -41.16 23.66
N LEU C 152 6.89 -41.41 24.77
CA LEU C 152 7.88 -42.47 24.86
C LEU C 152 7.33 -43.60 25.69
N PRO C 153 7.75 -44.84 25.42
CA PRO C 153 7.18 -45.92 26.24
C PRO C 153 7.87 -45.88 27.59
N GLU C 154 7.28 -46.51 28.59
CA GLU C 154 7.86 -46.40 29.95
C GLU C 154 9.11 -47.28 29.97
N GLY C 155 10.30 -46.67 30.19
CA GLY C 155 11.59 -47.40 30.08
C GLY C 155 12.74 -46.55 29.56
N PRO C 168 12.87 -38.32 29.58
CA PRO C 168 11.63 -37.49 29.56
C PRO C 168 10.31 -38.36 29.60
N PRO C 169 9.10 -37.76 29.45
CA PRO C 169 7.88 -38.54 29.08
C PRO C 169 7.52 -38.51 27.57
N SER C 170 8.48 -38.10 26.72
CA SER C 170 8.29 -37.78 25.30
C SER C 170 9.56 -37.20 24.68
N GLU C 171 9.85 -37.58 23.43
CA GLU C 171 11.05 -37.10 22.73
C GLU C 171 10.89 -35.67 22.12
N GLN C 172 9.76 -35.01 22.41
CA GLN C 172 9.35 -33.82 21.66
C GLN C 172 8.85 -32.68 22.58
N SER C 173 7.93 -32.97 23.51
CA SER C 173 7.51 -32.00 24.55
C SER C 173 8.49 -32.09 25.78
N SER C 174 8.03 -31.86 27.04
CA SER C 174 8.89 -31.64 28.28
C SER C 174 8.03 -31.34 29.64
N PRO C 175 8.47 -30.32 30.46
CA PRO C 175 7.45 -29.50 31.20
C PRO C 175 6.55 -28.63 30.20
N ARG C 191 9.18 -12.86 13.79
CA ARG C 191 7.80 -13.15 14.21
C ARG C 191 6.74 -13.10 13.06
N ASP C 192 6.67 -14.22 12.32
CA ASP C 192 5.58 -14.53 11.38
C ASP C 192 4.21 -14.60 12.04
N VAL C 193 4.16 -15.13 13.26
CA VAL C 193 3.00 -15.07 14.17
C VAL C 193 2.21 -13.76 14.08
N GLU C 194 2.95 -12.66 13.92
CA GLU C 194 2.33 -11.34 13.76
C GLU C 194 1.39 -11.48 12.58
N ALA C 195 1.93 -11.90 11.44
CA ALA C 195 1.16 -12.16 10.20
C ALA C 195 -0.12 -13.00 10.38
N LEU C 196 0.00 -14.13 11.08
CA LEU C 196 -1.12 -15.06 11.28
C LEU C 196 -2.27 -14.41 12.03
N MET C 197 -1.96 -13.57 13.00
CA MET C 197 -3.01 -12.90 13.79
C MET C 197 -3.70 -11.82 12.94
N GLU C 198 -2.90 -11.10 12.14
CA GLU C 198 -3.41 -10.16 11.14
C GLU C 198 -4.38 -10.89 10.21
N ARG C 199 -3.94 -12.02 9.64
CA ARG C 199 -4.79 -12.79 8.72
C ARG C 199 -6.06 -13.37 9.37
N MET C 200 -6.02 -13.60 10.69
CA MET C 200 -7.21 -14.03 11.46
C MET C 200 -8.18 -12.86 11.69
N GLN C 201 -7.63 -11.65 11.73
CA GLN C 201 -8.46 -10.45 11.82
C GLN C 201 -9.29 -10.26 10.55
N GLN C 202 -8.60 -10.16 9.41
CA GLN C 202 -9.25 -10.08 8.08
C GLN C 202 -10.52 -10.93 8.07
N LEU C 203 -10.33 -12.20 8.44
CA LEU C 203 -11.38 -13.20 8.38
C LEU C 203 -12.46 -13.07 9.47
N GLN C 204 -12.41 -11.99 10.25
CA GLN C 204 -13.57 -11.56 11.01
C GLN C 204 -13.92 -10.10 10.66
N GLU C 205 -13.84 -9.76 9.36
CA GLU C 205 -14.29 -8.46 8.87
C GLU C 205 -15.82 -8.43 8.75
N GLU C 216 -21.13 -22.39 -4.42
CA GLU C 216 -21.22 -22.67 -5.85
C GLU C 216 -19.81 -22.96 -6.42
N GLU C 217 -18.92 -21.98 -6.31
CA GLU C 217 -17.49 -22.18 -6.64
C GLU C 217 -16.65 -22.53 -5.39
N MET C 218 -17.13 -22.20 -4.18
CA MET C 218 -16.42 -22.51 -2.91
C MET C 218 -15.91 -23.97 -2.88
N GLU C 219 -16.75 -24.88 -3.39
CA GLU C 219 -16.45 -26.31 -3.64
C GLU C 219 -15.18 -26.71 -4.46
N SER C 220 -14.60 -25.82 -5.25
CA SER C 220 -13.36 -26.15 -6.01
C SER C 220 -12.06 -25.79 -5.28
N ARG C 221 -12.15 -24.97 -4.22
CA ARG C 221 -11.01 -24.75 -3.30
C ARG C 221 -10.84 -25.98 -2.43
N PHE C 222 -11.96 -26.66 -2.17
CA PHE C 222 -11.96 -27.95 -1.49
C PHE C 222 -11.25 -29.06 -2.28
N GLU C 223 -11.47 -29.13 -3.59
CA GLU C 223 -10.83 -30.19 -4.40
C GLU C 223 -9.34 -30.00 -4.45
N LEU C 224 -8.88 -28.73 -4.49
CA LEU C 224 -7.46 -28.39 -4.54
C LEU C 224 -6.73 -28.86 -3.30
N GLU C 225 -7.29 -28.50 -2.15
CA GLU C 225 -6.80 -28.87 -0.81
C GLU C 225 -6.65 -30.37 -0.56
N LYS C 226 -7.63 -31.12 -1.09
CA LYS C 226 -7.71 -32.57 -0.93
C LYS C 226 -6.72 -33.30 -1.84
N SER C 227 -6.45 -32.72 -3.01
CA SER C 227 -5.45 -33.27 -3.94
C SER C 227 -4.04 -33.13 -3.38
N GLU C 228 -3.78 -31.92 -2.85
CA GLU C 228 -2.50 -31.52 -2.27
C GLU C 228 -1.64 -32.67 -1.69
N SER C 229 -0.45 -32.84 -2.25
CA SER C 229 0.38 -33.99 -1.96
C SER C 229 1.32 -33.69 -0.78
N LEU C 230 1.11 -34.38 0.35
CA LEU C 230 1.90 -34.17 1.58
C LEU C 230 1.98 -35.45 2.44
N PRO C 245 7.60 -54.19 13.41
CA PRO C 245 8.28 -55.44 13.01
C PRO C 245 7.73 -56.69 13.74
N ASP C 246 7.50 -56.58 15.05
CA ASP C 246 6.71 -57.56 15.86
C ASP C 246 5.26 -57.54 15.40
N MET C 247 4.68 -56.34 15.45
CA MET C 247 3.24 -56.14 15.50
C MET C 247 2.47 -56.59 14.28
N LEU C 248 3.17 -56.91 13.21
CA LEU C 248 2.54 -57.26 11.94
C LEU C 248 1.60 -58.48 12.02
N CYS C 249 1.75 -59.32 13.05
CA CYS C 249 0.83 -60.43 13.25
C CYS C 249 -0.44 -60.04 14.00
N PHE C 250 -0.77 -58.75 14.03
CA PHE C 250 -2.07 -58.31 14.54
C PHE C 250 -2.89 -57.58 13.47
N VAL C 251 -2.44 -57.70 12.21
CA VAL C 251 -3.11 -57.07 11.08
C VAL C 251 -3.20 -58.04 9.89
N GLU C 252 -4.34 -58.04 9.21
CA GLU C 252 -4.37 -58.43 7.79
C GLU C 252 -3.89 -57.21 7.02
N ASP C 253 -3.13 -57.44 5.95
CA ASP C 253 -2.77 -56.40 5.00
C ASP C 253 -1.95 -55.31 5.65
N PRO C 254 -0.75 -55.65 6.13
CA PRO C 254 0.17 -54.72 6.77
C PRO C 254 0.19 -53.30 6.24
N THR C 255 0.27 -53.14 4.92
CA THR C 255 0.62 -51.82 4.36
C THR C 255 -0.49 -51.12 3.59
N PHE C 256 -1.75 -51.36 3.96
CA PHE C 256 -2.85 -50.60 3.38
C PHE C 256 -2.67 -49.18 3.92
N GLY C 257 -2.10 -48.31 3.08
CA GLY C 257 -1.90 -46.92 3.46
C GLY C 257 -3.22 -46.15 3.45
N TYR C 258 -3.17 -44.91 3.90
CA TYR C 258 -4.16 -43.91 3.46
C TYR C 258 -3.91 -43.71 1.95
N GLU C 259 -2.68 -43.33 1.64
CA GLU C 259 -2.17 -43.24 0.26
C GLU C 259 -2.10 -44.64 -0.44
N ASP C 260 -2.77 -44.69 -1.61
CA ASP C 260 -2.91 -45.87 -2.48
C ASP C 260 -1.80 -45.96 -3.54
N PHE C 261 -1.08 -47.09 -3.51
CA PHE C 261 0.02 -47.41 -4.43
C PHE C 261 -0.36 -48.40 -5.57
N THR C 262 -1.65 -48.72 -5.67
CA THR C 262 -2.18 -49.46 -6.80
C THR C 262 -2.59 -48.49 -7.93
N ARG C 263 -2.36 -47.19 -7.74
CA ARG C 263 -3.08 -46.14 -8.46
C ARG C 263 -2.18 -44.90 -8.60
N ARG C 264 -1.92 -44.49 -9.84
CA ARG C 264 -1.18 -43.24 -10.07
C ARG C 264 -1.86 -42.03 -9.39
N GLY C 265 -1.05 -41.01 -9.11
CA GLY C 265 -1.55 -39.81 -8.46
C GLY C 265 -1.83 -40.06 -6.99
N ALA C 266 -2.06 -38.96 -6.28
CA ALA C 266 -2.27 -38.97 -4.83
C ALA C 266 -3.64 -39.50 -4.46
N GLN C 267 -3.81 -39.79 -3.17
CA GLN C 267 -5.10 -40.17 -2.65
C GLN C 267 -6.01 -38.93 -2.51
N ALA C 268 -7.19 -39.04 -3.11
CA ALA C 268 -8.25 -38.03 -3.01
C ALA C 268 -9.49 -38.79 -2.61
N PRO C 269 -9.89 -38.72 -1.33
CA PRO C 269 -11.12 -39.43 -0.96
C PRO C 269 -12.36 -38.83 -1.63
N PRO C 270 -13.41 -39.65 -1.85
CA PRO C 270 -14.69 -39.09 -2.26
C PRO C 270 -15.08 -37.88 -1.42
N THR C 271 -15.50 -36.80 -2.08
CA THR C 271 -16.11 -35.67 -1.40
C THR C 271 -17.40 -36.14 -0.77
N PHE C 272 -17.74 -35.61 0.40
CA PHE C 272 -18.92 -36.04 1.15
C PHE C 272 -19.52 -34.83 1.82
N ARG C 273 -20.77 -34.53 1.45
CA ARG C 273 -21.43 -33.33 1.95
C ARG C 273 -21.61 -33.56 3.43
N ALA C 274 -20.86 -32.82 4.23
CA ALA C 274 -20.90 -32.95 5.68
C ALA C 274 -22.30 -33.23 6.24
N GLN C 275 -23.27 -32.44 5.80
CA GLN C 275 -24.59 -32.42 6.42
C GLN C 275 -25.54 -33.49 5.89
N ASP C 276 -25.04 -34.46 5.11
CA ASP C 276 -25.75 -35.75 4.92
C ASP C 276 -25.76 -36.51 6.24
N TYR C 277 -24.59 -36.50 6.90
CA TYR C 277 -24.39 -37.24 8.16
C TYR C 277 -23.43 -36.49 9.12
N THR C 278 -23.93 -35.46 9.82
CA THR C 278 -23.18 -34.82 10.91
C THR C 278 -23.23 -35.72 12.14
N TRP C 279 -22.23 -35.54 13.01
CA TRP C 279 -22.28 -36.06 14.37
C TRP C 279 -23.58 -35.60 15.04
N GLU C 280 -23.75 -34.28 15.06
CA GLU C 280 -24.83 -33.61 15.77
C GLU C 280 -26.23 -34.20 15.49
N ASP C 281 -26.50 -34.63 14.27
CA ASP C 281 -27.88 -34.97 13.87
C ASP C 281 -28.12 -36.48 13.90
N HIS C 282 -27.35 -37.23 13.12
CA HIS C 282 -27.55 -38.69 13.01
C HIS C 282 -26.58 -39.46 13.90
N GLY C 283 -25.32 -39.04 13.89
CA GLY C 283 -24.25 -39.77 14.55
C GLY C 283 -24.46 -40.04 16.02
N TYR C 284 -24.61 -38.97 16.81
CA TYR C 284 -24.82 -39.07 18.26
C TYR C 284 -26.10 -39.85 18.59
N SER C 285 -27.17 -39.53 17.84
CA SER C 285 -28.45 -40.25 17.87
C SER C 285 -28.29 -41.79 17.89
N LEU C 286 -27.41 -42.27 17.00
CA LEU C 286 -27.22 -43.70 16.75
C LEU C 286 -26.30 -44.39 17.73
N ILE C 287 -25.25 -43.69 18.17
CA ILE C 287 -24.40 -44.21 19.21
C ILE C 287 -25.26 -44.27 20.45
N GLN C 288 -26.01 -43.20 20.74
CA GLN C 288 -26.73 -43.18 22.00
C GLN C 288 -27.95 -44.10 22.10
N ARG C 289 -28.46 -44.61 20.98
CA ARG C 289 -29.43 -45.72 21.06
C ARG C 289 -28.67 -47.02 21.39
N LEU C 290 -27.59 -47.29 20.67
CA LEU C 290 -26.92 -48.59 20.70
C LEU C 290 -25.88 -48.80 21.82
N TYR C 291 -25.29 -47.71 22.30
CA TYR C 291 -24.25 -47.72 23.34
C TYR C 291 -24.37 -46.39 24.08
N PRO C 292 -25.33 -46.30 25.03
CA PRO C 292 -25.68 -44.99 25.60
C PRO C 292 -24.51 -44.28 26.29
N GLU C 293 -23.72 -45.05 27.08
CA GLU C 293 -22.72 -44.44 27.94
C GLU C 293 -21.52 -43.95 27.15
N GLY C 294 -21.12 -44.70 26.13
CA GLY C 294 -20.11 -44.23 25.18
C GLY C 294 -20.52 -42.98 24.42
N GLY C 295 -21.82 -42.87 24.15
CA GLY C 295 -22.37 -41.75 23.41
C GLY C 295 -22.14 -40.43 24.09
N GLN C 296 -22.63 -40.32 25.32
CA GLN C 296 -22.52 -39.07 26.10
C GLN C 296 -21.08 -38.54 26.13
N LEU C 297 -20.16 -39.45 26.48
CA LEU C 297 -18.75 -39.13 26.68
C LEU C 297 -18.01 -38.81 25.42
N LEU C 298 -18.45 -39.42 24.32
CA LEU C 298 -17.92 -39.11 23.00
C LEU C 298 -18.35 -37.72 22.57
N ASP C 299 -19.60 -37.38 22.83
CA ASP C 299 -20.08 -36.03 22.55
C ASP C 299 -19.21 -35.09 23.36
N GLU C 300 -19.20 -35.26 24.68
CA GLU C 300 -18.50 -34.35 25.58
C GLU C 300 -17.05 -34.16 25.14
N LYS C 301 -16.43 -35.23 24.62
CA LYS C 301 -15.03 -35.21 24.21
C LYS C 301 -14.84 -34.29 23.01
N PHE C 302 -15.63 -34.48 21.95
CA PHE C 302 -15.49 -33.67 20.72
C PHE C 302 -15.75 -32.21 21.08
N GLN C 303 -16.86 -32.02 21.79
CA GLN C 303 -17.26 -30.74 22.36
C GLN C 303 -16.08 -30.11 23.07
N ALA C 304 -15.52 -30.85 24.02
CA ALA C 304 -14.40 -30.35 24.82
C ALA C 304 -13.23 -29.92 23.96
N ALA C 305 -12.90 -30.69 22.92
CA ALA C 305 -11.71 -30.40 22.11
C ALA C 305 -11.95 -29.23 21.16
N TYR C 306 -13.10 -29.25 20.49
CA TYR C 306 -13.41 -28.19 19.54
C TYR C 306 -13.60 -26.85 20.28
N SER C 307 -14.24 -26.85 21.46
CA SER C 307 -14.37 -25.61 22.24
C SER C 307 -13.15 -25.26 23.12
N LEU C 308 -12.22 -26.20 23.35
CA LEU C 308 -11.00 -25.92 24.14
C LEU C 308 -10.18 -24.85 23.46
N THR C 309 -10.06 -23.74 24.20
CA THR C 309 -9.18 -22.57 23.91
C THR C 309 -8.80 -21.78 25.18
N TYR C 310 -7.57 -21.27 25.18
CA TYR C 310 -7.06 -20.38 26.22
C TYR C 310 -6.96 -18.95 25.71
N ASN C 311 -7.50 -18.69 24.51
CA ASN C 311 -7.44 -17.39 23.87
C ASN C 311 -6.03 -16.89 23.74
N THR C 312 -5.15 -17.77 23.28
CA THR C 312 -3.75 -17.45 23.11
C THR C 312 -3.20 -17.85 21.71
N ILE C 313 -2.23 -17.08 21.24
CA ILE C 313 -1.35 -17.51 20.17
C ILE C 313 0.07 -17.38 20.74
N ALA C 314 0.91 -18.37 20.48
CA ALA C 314 2.35 -18.32 20.72
C ALA C 314 2.80 -17.58 22.00
N MET C 315 2.76 -16.24 22.01
CA MET C 315 3.01 -15.44 23.22
C MET C 315 1.99 -14.30 23.47
N HIS C 316 0.99 -14.15 22.60
CA HIS C 316 -0.10 -13.18 22.79
C HIS C 316 -1.24 -13.84 23.51
N SER C 317 -1.77 -13.19 24.55
CA SER C 317 -3.10 -13.55 25.07
C SER C 317 -4.15 -12.57 24.52
N GLY C 318 -5.41 -12.84 24.85
CA GLY C 318 -6.52 -11.96 24.46
C GLY C 318 -6.98 -12.07 23.01
N VAL C 319 -6.64 -13.19 22.36
CA VAL C 319 -6.91 -13.43 20.93
C VAL C 319 -8.03 -14.45 20.77
N ASP C 320 -8.90 -14.22 19.80
CA ASP C 320 -9.91 -15.21 19.46
C ASP C 320 -9.30 -16.12 18.41
N THR C 321 -9.06 -17.38 18.78
CA THR C 321 -8.47 -18.37 17.87
C THR C 321 -9.52 -19.15 17.06
N SER C 322 -10.80 -18.91 17.31
CA SER C 322 -11.85 -19.80 16.83
C SER C 322 -11.80 -20.09 15.34
N VAL C 323 -11.24 -19.19 14.53
CA VAL C 323 -11.03 -19.48 13.08
C VAL C 323 -9.84 -20.41 12.83
N LEU C 324 -8.73 -20.19 13.53
CA LEU C 324 -7.52 -21.00 13.33
C LEU C 324 -7.72 -22.45 13.71
N ARG C 325 -8.64 -22.71 14.61
CA ARG C 325 -8.93 -24.06 15.06
C ARG C 325 -9.91 -24.74 14.11
N ARG C 326 -11.03 -24.07 13.83
CA ARG C 326 -11.92 -24.41 12.71
C ARG C 326 -11.15 -24.73 11.41
N ALA C 327 -10.11 -23.96 11.10
CA ALA C 327 -9.29 -24.26 9.92
C ALA C 327 -8.58 -25.60 10.05
N ILE C 328 -8.03 -25.87 11.23
CA ILE C 328 -7.42 -27.18 11.52
C ILE C 328 -8.44 -28.32 11.43
N TRP C 329 -9.49 -28.24 12.23
CA TRP C 329 -10.55 -29.25 12.23
C TRP C 329 -11.05 -29.55 10.82
N ASN C 330 -11.37 -28.50 10.08
CA ASN C 330 -11.95 -28.65 8.75
C ASN C 330 -10.94 -29.13 7.72
N TYR C 331 -9.65 -28.79 7.91
CA TYR C 331 -8.56 -29.35 7.08
C TYR C 331 -8.42 -30.88 7.20
N ILE C 332 -8.60 -31.41 8.40
CA ILE C 332 -8.37 -32.84 8.62
C ILE C 332 -9.53 -33.59 8.04
N HIS C 333 -10.71 -33.00 8.14
CA HIS C 333 -11.87 -33.62 7.54
C HIS C 333 -11.85 -33.58 6.02
N CYS C 334 -11.38 -32.47 5.45
CA CYS C 334 -11.04 -32.43 4.03
C CYS C 334 -10.13 -33.59 3.64
N VAL C 335 -9.14 -33.88 4.46
CA VAL C 335 -8.20 -34.96 4.21
C VAL C 335 -8.89 -36.32 4.19
N PHE C 336 -9.92 -36.45 5.02
CA PHE C 336 -10.74 -37.65 5.05
C PHE C 336 -12.01 -37.46 4.20
N GLY C 337 -12.02 -36.48 3.30
CA GLY C 337 -13.08 -36.31 2.29
C GLY C 337 -14.44 -35.76 2.72
N ILE C 338 -14.46 -34.81 3.65
CA ILE C 338 -15.70 -34.30 4.24
C ILE C 338 -15.79 -32.77 4.04
N ARG C 339 -16.51 -32.35 2.99
CA ARG C 339 -16.73 -30.92 2.73
C ARG C 339 -17.83 -30.38 3.65
N TYR C 340 -17.48 -29.33 4.40
CA TYR C 340 -18.47 -28.48 5.07
C TYR C 340 -18.88 -27.39 4.06
N ASP C 341 -20.19 -27.27 3.84
CA ASP C 341 -20.72 -26.55 2.67
C ASP C 341 -20.65 -25.05 2.75
N ASP C 342 -20.89 -24.49 3.93
CA ASP C 342 -20.83 -23.04 4.08
C ASP C 342 -19.42 -22.58 4.50
N TYR C 343 -18.38 -23.36 4.20
CA TYR C 343 -17.00 -23.02 4.62
C TYR C 343 -16.09 -22.67 3.45
N ASP C 344 -15.43 -21.53 3.55
CA ASP C 344 -14.45 -21.11 2.57
C ASP C 344 -13.13 -21.87 2.84
N TYR C 345 -12.90 -22.97 2.13
CA TYR C 345 -11.66 -23.75 2.29
C TYR C 345 -10.34 -23.02 1.87
N GLY C 346 -10.47 -21.79 1.34
CA GLY C 346 -9.33 -20.90 1.16
C GLY C 346 -8.82 -20.35 2.46
N GLU C 347 -9.67 -20.35 3.50
CA GLU C 347 -9.25 -20.00 4.86
C GLU C 347 -8.10 -20.90 5.33
N VAL C 348 -8.20 -22.19 5.00
CA VAL C 348 -7.18 -23.20 5.33
C VAL C 348 -5.76 -22.83 4.85
N ASN C 349 -5.64 -22.38 3.61
CA ASN C 349 -4.31 -21.99 3.09
C ASN C 349 -3.73 -20.77 3.76
N GLN C 350 -4.58 -19.82 4.15
CA GLN C 350 -4.13 -18.59 4.82
C GLN C 350 -3.67 -18.81 6.28
N LEU C 351 -4.38 -19.66 7.03
CA LEU C 351 -4.11 -19.83 8.47
C LEU C 351 -3.12 -20.96 8.82
N LEU C 352 -3.27 -22.09 8.16
CA LEU C 352 -2.40 -23.25 8.42
C LEU C 352 -1.20 -23.07 7.50
N GLU C 353 -0.02 -22.83 8.07
CA GLU C 353 1.22 -22.73 7.29
C GLU C 353 1.53 -24.08 6.62
N ARG C 354 2.62 -24.13 5.85
CA ARG C 354 2.98 -25.37 5.15
C ARG C 354 3.29 -26.53 6.12
N ASN C 355 4.31 -26.35 6.96
CA ASN C 355 4.79 -27.44 7.80
C ASN C 355 3.77 -27.92 8.83
N LEU C 356 2.80 -27.07 9.18
CA LEU C 356 1.67 -27.47 10.01
C LEU C 356 0.83 -28.42 9.21
N LYS C 357 0.52 -28.08 7.97
CA LYS C 357 -0.29 -28.95 7.13
C LYS C 357 0.40 -30.30 6.94
N VAL C 358 1.73 -30.28 6.85
CA VAL C 358 2.49 -31.51 6.72
C VAL C 358 2.39 -32.36 7.99
N TYR C 359 2.78 -31.76 9.11
CA TYR C 359 2.76 -32.43 10.42
C TYR C 359 1.39 -33.03 10.67
N ILE C 360 0.35 -32.19 10.57
CA ILE C 360 -1.03 -32.60 10.79
C ILE C 360 -1.39 -33.85 9.97
N LYS C 361 -1.20 -33.75 8.67
CA LYS C 361 -1.62 -34.82 7.75
C LYS C 361 -0.85 -36.09 8.08
N THR C 362 0.46 -35.93 8.31
CA THR C 362 1.32 -37.04 8.70
C THR C 362 0.81 -37.70 9.99
N VAL C 363 0.56 -36.90 11.01
CA VAL C 363 0.07 -37.40 12.28
C VAL C 363 -1.32 -38.00 12.14
N ALA C 364 -2.11 -37.50 11.18
CA ALA C 364 -3.45 -38.08 10.90
C ALA C 364 -3.50 -39.34 9.99
N CYS C 365 -2.60 -39.45 9.03
CA CYS C 365 -2.65 -40.53 8.03
C CYS C 365 -1.51 -41.55 8.12
N TYR C 366 -0.33 -41.00 8.45
CA TYR C 366 0.93 -41.73 8.50
C TYR C 366 1.70 -41.46 9.82
N PRO C 367 1.05 -41.69 10.97
CA PRO C 367 1.63 -41.16 12.20
C PRO C 367 2.98 -41.80 12.48
N GLU C 368 3.02 -43.12 12.36
CA GLU C 368 4.25 -43.95 12.32
C GLU C 368 5.53 -43.20 11.90
N LYS C 369 5.40 -42.29 10.92
CA LYS C 369 6.53 -41.60 10.30
C LYS C 369 6.58 -40.15 10.71
N THR C 370 6.05 -39.83 11.90
CA THR C 370 6.23 -38.50 12.47
C THR C 370 7.64 -38.49 13.00
N THR C 371 8.35 -37.37 12.84
CA THR C 371 9.73 -37.24 13.27
C THR C 371 9.90 -35.99 14.11
N ARG C 372 10.92 -35.95 14.92
CA ARG C 372 11.20 -34.76 15.71
C ARG C 372 11.42 -33.53 14.77
N ARG C 373 12.19 -33.72 13.68
CA ARG C 373 12.53 -32.59 12.77
C ARG C 373 11.24 -31.94 12.23
N MET C 374 10.20 -32.76 12.05
CA MET C 374 8.89 -32.35 11.54
C MET C 374 8.11 -31.53 12.57
N TYR C 375 8.21 -31.99 13.82
CA TYR C 375 7.54 -31.36 14.97
C TYR C 375 8.11 -30.00 15.24
N ASN C 376 9.43 -29.92 15.24
CA ASN C 376 10.12 -28.67 15.53
C ASN C 376 9.85 -27.61 14.47
N LEU C 377 9.71 -28.04 13.22
CA LEU C 377 9.66 -27.10 12.09
C LEU C 377 8.46 -26.15 12.11
N PHE C 378 7.26 -26.69 12.16
CA PHE C 378 6.07 -25.84 12.09
C PHE C 378 5.90 -25.01 13.35
N TRP C 379 5.26 -23.85 13.20
CA TRP C 379 4.95 -22.98 14.33
C TRP C 379 6.18 -22.83 15.25
N ARG C 380 7.34 -22.52 14.63
CA ARG C 380 8.65 -22.48 15.32
C ARG C 380 8.58 -21.63 16.61
N HIS C 381 7.77 -20.57 16.59
CA HIS C 381 7.63 -19.70 17.75
C HIS C 381 6.44 -20.03 18.69
N PHE C 382 5.70 -21.11 18.46
CA PHE C 382 4.58 -21.47 19.36
C PHE C 382 5.05 -22.31 20.55
N ARG C 383 4.23 -22.30 21.60
CA ARG C 383 4.51 -23.06 22.82
C ARG C 383 4.29 -24.56 22.55
N HIS C 384 5.11 -25.42 23.17
CA HIS C 384 4.92 -26.88 23.09
C HIS C 384 3.52 -27.24 23.51
N SER C 385 3.04 -26.58 24.58
CA SER C 385 1.65 -26.68 25.02
C SER C 385 0.71 -26.72 23.81
N GLU C 386 0.85 -25.73 22.93
CA GLU C 386 -0.06 -25.56 21.78
C GLU C 386 0.11 -26.62 20.68
N LYS C 387 1.33 -27.08 20.43
CA LYS C 387 1.51 -28.25 19.56
C LYS C 387 0.68 -29.48 20.02
N VAL C 388 0.62 -29.68 21.35
CA VAL C 388 -0.18 -30.75 21.92
C VAL C 388 -1.65 -30.45 21.69
N HIS C 389 -2.04 -29.19 21.83
CA HIS C 389 -3.42 -28.73 21.60
C HIS C 389 -3.84 -29.17 20.20
N VAL C 390 -3.01 -28.86 19.20
CA VAL C 390 -3.24 -29.24 17.79
C VAL C 390 -3.48 -30.74 17.69
N ASN C 391 -2.55 -31.49 18.26
CA ASN C 391 -2.74 -32.91 18.38
C ASN C 391 -4.06 -33.38 18.94
N LEU C 392 -4.61 -32.66 19.92
CA LEU C 392 -5.96 -32.96 20.48
C LEU C 392 -7.01 -32.69 19.45
N LEU C 393 -6.91 -31.55 18.79
CA LEU C 393 -7.84 -31.22 17.70
C LEU C 393 -7.79 -32.31 16.67
N LEU C 394 -6.60 -32.55 16.13
CA LEU C 394 -6.49 -33.48 15.01
C LEU C 394 -6.91 -34.91 15.37
N LEU C 395 -6.60 -35.38 16.58
CA LEU C 395 -7.05 -36.71 16.97
C LEU C 395 -8.57 -36.79 17.02
N GLU C 396 -9.21 -35.83 17.68
CA GLU C 396 -10.64 -35.86 17.83
C GLU C 396 -11.33 -35.61 16.48
N ALA C 397 -10.70 -34.78 15.63
CA ALA C 397 -11.19 -34.61 14.26
C ALA C 397 -11.17 -35.95 13.53
N ARG C 398 -9.98 -36.49 13.32
CA ARG C 398 -9.83 -37.80 12.65
C ARG C 398 -10.77 -38.85 13.19
N MET C 399 -10.90 -38.93 14.52
CA MET C 399 -11.75 -39.93 15.18
C MET C 399 -13.22 -39.69 14.92
N GLN C 400 -13.62 -38.44 14.72
CA GLN C 400 -15.00 -38.17 14.33
C GLN C 400 -15.24 -38.68 12.92
N ALA C 401 -14.47 -38.17 11.96
CA ALA C 401 -14.64 -38.54 10.56
C ALA C 401 -14.79 -40.06 10.44
N ALA C 402 -13.83 -40.77 11.03
CA ALA C 402 -13.84 -42.22 10.99
C ALA C 402 -15.13 -42.80 11.54
N LEU C 403 -15.54 -42.32 12.73
CA LEU C 403 -16.75 -42.81 13.38
C LEU C 403 -17.98 -42.54 12.53
N LEU C 404 -18.12 -41.29 12.09
CA LEU C 404 -19.24 -40.88 11.26
C LEU C 404 -19.43 -41.74 10.05
N TYR C 405 -18.36 -41.93 9.27
CA TYR C 405 -18.42 -42.82 8.10
C TYR C 405 -18.96 -44.21 8.44
N ALA C 406 -18.45 -44.77 9.54
CA ALA C 406 -18.89 -46.08 10.00
C ALA C 406 -20.31 -46.06 10.53
N LEU C 407 -20.64 -45.03 11.28
CA LEU C 407 -22.00 -44.85 11.76
C LEU C 407 -22.94 -44.73 10.60
N ARG C 408 -22.51 -44.06 9.53
CA ARG C 408 -23.33 -43.91 8.32
C ARG C 408 -23.57 -45.27 7.67
N ALA C 409 -22.52 -46.07 7.52
CA ALA C 409 -22.67 -47.48 7.07
C ALA C 409 -23.57 -48.37 7.97
N ILE C 410 -23.70 -48.02 9.23
CA ILE C 410 -24.61 -48.75 10.11
C ILE C 410 -26.04 -48.26 9.89
N THR C 411 -26.27 -46.95 9.77
CA THR C 411 -27.64 -46.42 9.59
C THR C 411 -28.17 -46.86 8.21
N ARG C 412 -27.29 -47.01 7.22
CA ARG C 412 -27.69 -47.62 5.94
C ARG C 412 -28.12 -49.10 6.04
N TYR C 413 -27.40 -49.88 6.84
CA TYR C 413 -27.73 -51.30 7.02
C TYR C 413 -29.08 -51.54 7.68
N MET C 414 -29.40 -50.75 8.72
CA MET C 414 -30.59 -50.98 9.54
C MET C 414 -31.87 -50.61 8.81
N THR C 415 -31.91 -49.37 8.27
CA THR C 415 -33.02 -48.91 7.43
C THR C 415 -32.95 -49.55 6.04
N GLY D 1 3.39 23.14 36.42
CA GLY D 1 3.71 22.35 37.67
C GLY D 1 3.99 23.22 38.90
N LEU D 2 3.45 22.85 40.08
CA LEU D 2 3.59 23.63 41.35
C LEU D 2 5.02 23.61 41.96
N GLU D 3 6.03 23.99 41.16
CA GLU D 3 7.46 23.85 41.51
C GLU D 3 7.83 24.40 42.92
N ALA D 4 7.32 25.58 43.29
CA ALA D 4 7.65 26.20 44.57
C ALA D 4 7.24 25.37 45.79
N LEU D 5 6.02 24.82 45.76
CA LEU D 5 5.49 23.89 46.78
C LEU D 5 6.30 22.62 46.86
N MET D 6 6.54 22.03 45.69
CA MET D 6 7.22 20.75 45.56
C MET D 6 8.62 20.75 46.19
N SER D 7 9.40 21.83 46.03
CA SER D 7 10.74 21.96 46.69
C SER D 7 10.75 22.55 48.13
N SER D 8 9.65 23.12 48.57
CA SER D 8 9.51 23.62 49.94
C SER D 8 9.91 22.63 51.02
N GLY D 9 9.68 21.36 50.76
CA GLY D 9 9.92 20.30 51.72
C GLY D 9 8.89 20.31 52.84
N ARG D 10 7.75 20.92 52.58
CA ARG D 10 6.75 21.06 53.61
C ARG D 10 5.55 20.14 53.37
N VAL D 11 5.61 19.33 52.29
CA VAL D 11 4.55 18.38 51.98
C VAL D 11 5.12 17.06 51.58
N ASP D 12 4.32 16.02 51.85
CA ASP D 12 4.72 14.63 51.71
C ASP D 12 5.01 14.32 50.25
N ASN D 13 5.82 13.31 50.04
CA ASN D 13 6.20 12.94 48.67
C ASN D 13 5.05 12.46 47.79
N LEU D 14 3.94 12.05 48.40
CA LEU D 14 2.72 11.77 47.67
C LEU D 14 2.31 13.06 46.98
N ALA D 15 2.04 14.09 47.77
CA ALA D 15 1.51 15.35 47.23
C ALA D 15 2.50 16.09 46.32
N VAL D 16 3.78 15.82 46.48
CA VAL D 16 4.76 16.39 45.59
C VAL D 16 4.58 15.87 44.16
N VAL D 17 4.47 14.58 44.00
CA VAL D 17 4.39 14.02 42.67
C VAL D 17 3.03 14.39 42.08
N MET D 18 1.97 14.44 42.91
CA MET D 18 0.65 14.92 42.49
C MET D 18 0.75 16.31 41.88
N GLY D 19 1.54 17.18 42.53
CA GLY D 19 1.83 18.54 42.05
C GLY D 19 2.44 18.69 40.67
N LEU D 20 2.88 17.59 40.06
CA LEU D 20 3.14 17.55 38.61
C LEU D 20 1.92 17.77 37.72
N HIS D 21 0.71 17.59 38.25
CA HIS D 21 -0.49 17.79 37.48
C HIS D 21 -1.43 18.67 38.29
N PRO D 22 -1.15 19.98 38.30
CA PRO D 22 -1.83 20.88 39.24
C PRO D 22 -3.36 20.94 39.13
N ASP D 23 -3.91 20.75 37.94
CA ASP D 23 -5.37 20.74 37.80
C ASP D 23 -5.96 19.48 38.43
N TYR D 24 -5.18 18.40 38.47
CA TYR D 24 -5.53 17.23 39.28
C TYR D 24 -5.34 17.53 40.76
N PHE D 25 -4.15 18.05 41.09
CA PHE D 25 -3.76 18.35 42.48
C PHE D 25 -4.86 19.09 43.23
N THR D 26 -5.38 20.16 42.64
CA THR D 26 -6.44 20.92 43.29
C THR D 26 -7.58 19.99 43.72
N SER D 27 -8.09 19.19 42.80
CA SER D 27 -9.22 18.30 43.11
C SER D 27 -8.82 17.25 44.14
N PHE D 28 -7.60 16.69 43.95
CA PHE D 28 -7.01 15.73 44.89
C PHE D 28 -6.96 16.30 46.31
N TRP D 29 -6.36 17.48 46.46
CA TRP D 29 -6.17 18.10 47.78
C TRP D 29 -7.50 18.34 48.48
N ARG D 30 -8.49 18.92 47.79
CA ARG D 30 -9.81 19.18 48.42
C ARG D 30 -10.36 17.93 49.12
N LEU D 31 -10.24 16.77 48.48
CA LEU D 31 -10.72 15.52 49.08
C LEU D 31 -9.83 15.06 50.22
N HIS D 32 -8.52 15.04 49.99
CA HIS D 32 -7.56 14.66 51.01
C HIS D 32 -7.74 15.50 52.26
N TYR D 33 -7.88 16.81 52.07
CA TYR D 33 -8.06 17.74 53.18
C TYR D 33 -9.36 17.45 53.92
N LEU D 34 -10.42 17.14 53.19
CA LEU D 34 -11.67 16.74 53.83
C LEU D 34 -11.51 15.42 54.61
N LEU D 35 -11.22 14.36 53.90
CA LEU D 35 -11.29 13.03 54.49
C LEU D 35 -10.50 12.89 55.77
N LEU D 36 -9.35 13.53 55.79
CA LEU D 36 -8.44 13.33 56.90
C LEU D 36 -8.51 14.50 57.90
N HIS D 37 -8.76 15.73 57.43
CA HIS D 37 -8.55 16.95 58.27
C HIS D 37 -9.75 17.95 58.42
N THR D 38 -11.00 17.48 58.27
CA THR D 38 -12.27 18.30 58.35
C THR D 38 -13.40 17.52 59.08
N ASP D 39 -13.69 17.87 60.33
CA ASP D 39 -14.65 17.09 61.13
C ASP D 39 -15.90 16.70 60.38
N GLY D 40 -16.18 15.40 60.36
CA GLY D 40 -17.40 14.84 59.75
C GLY D 40 -18.00 13.81 60.70
N PRO D 41 -18.79 12.86 60.15
CA PRO D 41 -19.35 11.73 60.92
C PRO D 41 -18.42 11.01 61.90
N LEU D 42 -17.17 10.79 61.50
CA LEU D 42 -16.21 9.98 62.27
C LEU D 42 -15.11 10.84 62.87
N ALA D 43 -14.63 10.41 64.03
CA ALA D 43 -13.50 11.04 64.71
C ALA D 43 -12.18 10.82 63.95
N SER D 44 -11.30 11.83 63.98
CA SER D 44 -10.05 11.80 63.19
C SER D 44 -9.15 10.55 63.43
N SER D 45 -9.19 9.99 64.63
CA SER D 45 -8.48 8.72 64.92
C SER D 45 -9.03 7.58 64.10
N TRP D 46 -10.36 7.49 64.06
CA TRP D 46 -11.04 6.41 63.33
C TRP D 46 -10.77 6.51 61.82
N ARG D 47 -10.65 7.73 61.33
CA ARG D 47 -10.42 7.93 59.90
C ARG D 47 -9.03 7.45 59.59
N HIS D 48 -8.05 7.94 60.34
CA HIS D 48 -6.65 7.52 60.17
C HIS D 48 -6.49 6.03 60.37
N TYR D 49 -7.25 5.45 61.29
CA TYR D 49 -7.15 4.01 61.52
C TYR D 49 -7.68 3.23 60.31
N ILE D 50 -8.87 3.62 59.83
CA ILE D 50 -9.47 3.06 58.62
C ILE D 50 -8.46 3.15 57.45
N ALA D 51 -7.79 4.29 57.39
CA ALA D 51 -6.81 4.56 56.36
C ALA D 51 -5.69 3.55 56.40
N ILE D 52 -5.29 3.18 57.62
CA ILE D 52 -4.30 2.11 57.82
C ILE D 52 -4.89 0.79 57.35
N MET D 53 -6.09 0.49 57.85
CA MET D 53 -6.75 -0.77 57.53
C MET D 53 -6.74 -0.97 56.02
N ALA D 54 -7.18 0.08 55.32
CA ALA D 54 -7.23 0.09 53.86
C ALA D 54 -5.87 -0.08 53.20
N ALA D 55 -4.90 0.70 53.64
CA ALA D 55 -3.58 0.71 53.01
C ALA D 55 -2.86 -0.63 53.20
N ALA D 56 -3.16 -1.29 54.31
CA ALA D 56 -2.58 -2.59 54.62
C ALA D 56 -2.98 -3.67 53.66
N ARG D 57 -4.15 -3.57 53.04
CA ARG D 57 -4.57 -4.51 52.00
C ARG D 57 -3.51 -4.66 50.91
N HIS D 58 -2.81 -3.57 50.57
CA HIS D 58 -1.70 -3.60 49.60
C HIS D 58 -0.32 -3.40 50.18
N GLN D 59 -0.08 -3.79 51.44
CA GLN D 59 1.28 -3.82 51.96
C GLN D 59 1.95 -2.45 51.73
N CYS D 60 1.15 -1.37 51.85
CA CYS D 60 1.58 0.00 51.48
C CYS D 60 2.21 0.71 52.68
N SER D 61 3.51 0.46 52.86
CA SER D 61 4.25 1.02 53.98
C SER D 61 4.04 2.54 54.03
N TYR D 62 4.21 3.20 52.87
CA TYR D 62 4.14 4.66 52.80
C TYR D 62 2.97 5.22 53.59
N LEU D 63 1.78 4.74 53.23
CA LEU D 63 0.51 5.23 53.74
C LEU D 63 0.24 4.72 55.13
N VAL D 64 0.70 3.49 55.43
CA VAL D 64 0.51 2.93 56.77
C VAL D 64 1.33 3.69 57.81
N GLY D 65 2.61 3.92 57.54
CA GLY D 65 3.42 4.81 58.40
C GLY D 65 2.81 6.20 58.57
N SER D 66 2.69 6.93 57.45
CA SER D 66 1.90 8.14 57.39
C SER D 66 0.72 8.17 58.37
N HIS D 67 -0.19 7.23 58.24
CA HIS D 67 -1.41 7.27 59.03
C HIS D 67 -1.22 6.77 60.44
N MET D 68 -0.23 5.89 60.68
CA MET D 68 0.07 5.45 62.04
C MET D 68 0.46 6.69 62.81
N ALA D 69 1.37 7.46 62.22
CA ALA D 69 1.82 8.68 62.85
C ALA D 69 0.60 9.55 63.14
N GLU D 70 -0.14 9.93 62.10
CA GLU D 70 -1.32 10.82 62.22
C GLU D 70 -2.37 10.22 63.19
N PHE D 71 -2.56 8.90 63.15
CA PHE D 71 -3.37 8.19 64.11
C PHE D 71 -2.96 8.63 65.51
N LEU D 72 -1.68 8.45 65.81
CA LEU D 72 -1.14 8.75 67.15
C LEU D 72 -1.23 10.22 67.58
N GLN D 73 -0.81 11.15 66.71
CA GLN D 73 -0.78 12.61 67.04
C GLN D 73 -2.21 13.17 67.18
N THR D 74 -3.17 12.57 66.49
CA THR D 74 -4.56 12.99 66.63
C THR D 74 -5.21 12.50 67.95
N GLY D 75 -4.46 11.66 68.68
CA GLY D 75 -4.86 11.08 69.94
C GLY D 75 -5.32 9.66 69.77
N GLY D 76 -4.72 8.91 68.84
CA GLY D 76 -5.10 7.51 68.64
C GLY D 76 -4.66 6.69 69.83
N ASP D 77 -5.49 5.74 70.22
CA ASP D 77 -5.16 4.80 71.30
C ASP D 77 -4.03 3.94 70.75
N PRO D 78 -2.81 4.09 71.29
CA PRO D 78 -1.66 3.47 70.64
C PRO D 78 -1.67 1.95 70.65
N GLU D 79 -2.55 1.34 71.45
CA GLU D 79 -2.68 -0.12 71.39
C GLU D 79 -3.19 -0.64 70.05
N TRP D 80 -4.10 0.10 69.42
CA TRP D 80 -4.69 -0.35 68.17
C TRP D 80 -3.62 -0.59 67.06
N LEU D 81 -2.42 -0.02 67.23
CA LEU D 81 -1.32 -0.26 66.31
C LEU D 81 -0.67 -1.61 66.51
N LEU D 82 -0.97 -2.29 67.61
CA LEU D 82 -0.42 -3.63 67.86
C LEU D 82 -1.11 -4.74 67.05
N GLY D 83 -2.23 -4.40 66.40
CA GLY D 83 -2.95 -5.34 65.55
C GLY D 83 -4.43 -4.97 65.49
N LEU D 84 -5.15 -5.62 64.58
CA LEU D 84 -6.58 -5.36 64.47
C LEU D 84 -7.32 -5.84 65.70
N HIS D 85 -7.03 -7.05 66.17
CA HIS D 85 -7.77 -7.63 67.29
C HIS D 85 -7.87 -6.71 68.55
N ARG D 86 -7.03 -5.66 68.59
CA ARG D 86 -7.13 -4.61 69.62
C ARG D 86 -8.09 -3.48 69.28
N ALA D 87 -8.53 -3.38 68.03
CA ALA D 87 -9.46 -2.34 67.61
C ALA D 87 -10.90 -2.73 67.92
N PRO D 88 -11.77 -1.76 68.20
CA PRO D 88 -13.19 -2.00 68.47
C PRO D 88 -13.85 -2.88 67.43
N GLU D 89 -14.90 -3.59 67.82
CA GLU D 89 -15.54 -4.53 66.90
C GLU D 89 -16.02 -3.79 65.63
N LYS D 90 -16.59 -2.61 65.87
CA LYS D 90 -17.14 -1.75 64.82
C LYS D 90 -16.13 -1.52 63.67
N LEU D 91 -14.88 -1.25 64.04
CA LEU D 91 -13.76 -1.14 63.07
C LEU D 91 -13.36 -2.49 62.47
N ARG D 92 -13.36 -3.57 63.25
CA ARG D 92 -12.99 -4.88 62.71
C ARG D 92 -13.97 -5.34 61.63
N LYS D 93 -15.27 -5.05 61.84
CA LYS D 93 -16.32 -5.42 60.87
C LYS D 93 -16.05 -4.90 59.44
N LEU D 94 -15.40 -3.73 59.34
CA LEU D 94 -14.99 -3.18 58.04
C LEU D 94 -14.03 -4.06 57.25
N SER D 95 -13.39 -5.04 57.89
CA SER D 95 -12.36 -5.84 57.22
C SER D 95 -12.86 -6.67 56.03
N GLU D 96 -14.15 -7.04 55.99
CA GLU D 96 -14.66 -7.81 54.85
C GLU D 96 -14.83 -6.88 53.66
N ILE D 97 -15.69 -5.87 53.82
CA ILE D 97 -15.91 -4.89 52.75
C ILE D 97 -14.62 -4.16 52.33
N ASN D 98 -13.67 -4.01 53.25
CA ASN D 98 -12.36 -3.47 52.91
C ASN D 98 -11.67 -4.36 51.88
N LYS D 99 -11.45 -5.61 52.27
CA LYS D 99 -10.75 -6.59 51.43
C LYS D 99 -11.37 -6.75 50.06
N LEU D 100 -12.70 -6.61 50.00
CA LEU D 100 -13.43 -6.68 48.72
C LEU D 100 -13.16 -5.43 47.86
N LEU D 101 -13.50 -4.26 48.40
CA LEU D 101 -13.23 -2.97 47.75
C LEU D 101 -11.85 -2.87 47.12
N ALA D 102 -10.83 -3.29 47.89
CA ALA D 102 -9.47 -3.34 47.38
C ALA D 102 -9.38 -4.24 46.16
N HIS D 103 -9.71 -5.51 46.38
CA HIS D 103 -9.31 -6.57 45.47
C HIS D 103 -10.37 -7.14 44.47
N ARG D 104 -11.64 -7.18 44.88
CA ARG D 104 -12.72 -7.75 44.04
C ARG D 104 -14.06 -7.11 44.37
N PRO D 105 -14.17 -5.78 44.17
CA PRO D 105 -15.31 -5.00 44.68
C PRO D 105 -16.70 -5.49 44.21
N TRP D 106 -16.74 -6.09 43.03
CA TRP D 106 -17.96 -6.70 42.49
C TRP D 106 -18.66 -7.75 43.40
N LEU D 107 -17.94 -8.36 44.36
CA LEU D 107 -18.57 -9.29 45.33
C LEU D 107 -19.26 -8.61 46.52
N ILE D 108 -19.17 -7.28 46.62
CA ILE D 108 -19.89 -6.53 47.64
C ILE D 108 -21.37 -6.68 47.35
N THR D 109 -22.16 -6.73 48.41
CA THR D 109 -23.54 -7.16 48.33
C THR D 109 -24.31 -6.41 49.37
N LYS D 110 -25.59 -6.19 49.09
CA LYS D 110 -26.53 -5.66 50.09
C LYS D 110 -26.44 -6.45 51.40
N GLU D 111 -26.08 -7.74 51.32
CA GLU D 111 -25.81 -8.56 52.51
C GLU D 111 -24.65 -8.02 53.33
N HIS D 112 -23.52 -7.76 52.66
CA HIS D 112 -22.36 -7.14 53.30
C HIS D 112 -22.73 -5.84 54.01
N ILE D 113 -23.54 -4.99 53.36
CA ILE D 113 -24.08 -3.73 53.95
C ILE D 113 -25.05 -3.98 55.11
N GLN D 114 -25.88 -5.02 55.00
CA GLN D 114 -26.71 -5.48 56.11
C GLN D 114 -25.80 -5.65 57.33
N ALA D 115 -24.78 -6.50 57.17
CA ALA D 115 -23.85 -6.86 58.24
C ALA D 115 -23.31 -5.65 59.03
N LEU D 116 -23.02 -4.56 58.33
CA LEU D 116 -22.39 -3.39 58.97
C LEU D 116 -23.40 -2.55 59.75
N LEU D 117 -24.64 -2.48 59.24
CA LEU D 117 -25.69 -1.63 59.84
C LEU D 117 -26.58 -2.33 60.93
N LYS D 118 -26.51 -3.67 61.01
CA LYS D 118 -26.97 -4.45 62.18
C LYS D 118 -25.72 -4.98 62.91
N THR D 119 -25.85 -6.07 63.68
CA THR D 119 -24.70 -6.87 64.17
C THR D 119 -23.81 -6.16 65.22
N GLY D 120 -23.35 -6.92 66.22
CA GLY D 120 -22.41 -6.40 67.22
C GLY D 120 -23.01 -5.39 68.20
N GLU D 121 -22.31 -5.16 69.31
CA GLU D 121 -22.68 -4.13 70.30
C GLU D 121 -22.89 -2.77 69.56
N HIS D 122 -21.90 -2.37 68.76
CA HIS D 122 -21.90 -1.05 68.13
C HIS D 122 -22.00 -1.11 66.61
N THR D 123 -23.01 -0.40 66.11
CA THR D 123 -23.47 -0.45 64.73
C THR D 123 -22.84 0.69 63.93
N TRP D 124 -22.86 0.58 62.60
CA TRP D 124 -22.66 1.74 61.73
C TRP D 124 -24.01 2.33 61.28
N SER D 125 -24.06 3.65 61.12
CA SER D 125 -25.14 4.31 60.39
C SER D 125 -24.62 4.54 58.99
N LEU D 126 -25.51 4.93 58.07
CA LEU D 126 -25.09 5.13 56.69
C LEU D 126 -24.13 6.30 56.62
N ALA D 127 -24.57 7.41 57.22
CA ALA D 127 -23.74 8.59 57.36
C ALA D 127 -22.28 8.22 57.62
N GLU D 128 -22.05 7.43 58.68
CA GLU D 128 -20.71 6.98 59.07
C GLU D 128 -20.09 6.02 58.06
N LEU D 129 -20.88 5.04 57.61
CA LEU D 129 -20.38 4.04 56.68
C LEU D 129 -19.90 4.66 55.37
N ILE D 130 -20.64 5.61 54.81
CA ILE D 130 -20.27 6.18 53.51
C ILE D 130 -18.86 6.77 53.59
N GLN D 131 -18.66 7.65 54.57
CA GLN D 131 -17.35 8.26 54.81
C GLN D 131 -16.30 7.18 54.90
N ALA D 132 -16.60 6.12 55.67
CA ALA D 132 -15.68 5.01 55.79
C ALA D 132 -15.36 4.41 54.42
N LEU D 133 -16.37 4.20 53.59
CA LEU D 133 -16.14 3.65 52.24
C LEU D 133 -15.28 4.56 51.38
N VAL D 134 -15.48 5.87 51.52
CA VAL D 134 -14.71 6.84 50.75
C VAL D 134 -13.24 6.80 51.22
N LEU D 135 -13.01 6.74 52.53
CA LEU D 135 -11.65 6.58 53.06
C LEU D 135 -11.01 5.34 52.48
N LEU D 136 -11.66 4.18 52.69
CA LEU D 136 -11.19 2.87 52.23
C LEU D 136 -10.74 2.90 50.78
N THR D 137 -11.60 3.46 49.92
CA THR D 137 -11.36 3.50 48.49
C THR D 137 -10.28 4.49 48.13
N HIS D 138 -10.26 5.61 48.85
CA HIS D 138 -9.27 6.67 48.61
C HIS D 138 -7.86 6.11 48.92
N CYS D 139 -7.69 5.50 50.10
CA CYS D 139 -6.39 4.98 50.54
C CYS D 139 -6.02 3.70 49.82
N HIS D 140 -6.98 2.99 49.19
CA HIS D 140 -6.63 1.88 48.26
C HIS D 140 -6.04 2.49 47.03
N SER D 141 -6.79 3.39 46.42
CA SER D 141 -6.39 3.95 45.15
C SER D 141 -5.07 4.75 45.28
N LEU D 142 -4.87 5.49 46.38
CA LEU D 142 -3.55 6.10 46.70
C LEU D 142 -2.43 5.08 46.85
N SER D 143 -2.75 3.88 47.32
CA SER D 143 -1.78 2.77 47.30
C SER D 143 -1.33 2.44 45.87
N SER D 144 -2.28 2.35 44.95
CA SER D 144 -1.95 2.13 43.54
C SER D 144 -1.00 3.22 43.13
N PHE D 145 -1.40 4.47 43.38
CA PHE D 145 -0.61 5.67 43.05
C PHE D 145 0.82 5.69 43.59
N VAL D 146 0.95 5.26 44.84
CA VAL D 146 2.24 5.23 45.53
C VAL D 146 3.18 4.24 44.86
N PHE D 147 2.73 2.99 44.76
CA PHE D 147 3.52 1.95 44.12
C PHE D 147 3.79 2.26 42.66
N GLY D 148 2.80 2.81 41.98
CA GLY D 148 2.94 3.12 40.57
C GLY D 148 4.07 4.07 40.30
N CYS D 149 3.98 5.23 40.96
CA CYS D 149 4.99 6.29 40.81
C CYS D 149 6.26 6.10 41.64
N GLY D 150 6.38 4.96 42.33
CA GLY D 150 7.58 4.63 43.07
C GLY D 150 7.86 5.63 44.18
N ILE D 151 6.83 6.02 44.90
CA ILE D 151 6.99 7.04 45.93
C ILE D 151 7.73 6.44 47.11
N LEU D 152 8.65 7.23 47.66
CA LEU D 152 9.55 6.80 48.73
C LEU D 152 9.12 7.44 50.03
N PRO D 153 9.19 6.71 51.16
CA PRO D 153 8.84 7.39 52.43
C PRO D 153 9.87 8.47 52.76
N GLU D 154 9.61 9.29 53.77
CA GLU D 154 10.49 10.45 54.06
C GLU D 154 11.73 9.96 54.82
N GLY D 155 12.92 10.17 54.23
CA GLY D 155 14.21 9.77 54.82
C GLY D 155 14.39 8.30 55.13
N ASP D 156 14.63 7.48 54.10
CA ASP D 156 14.90 6.02 54.22
C ASP D 156 13.79 5.22 54.92
N PRO D 168 15.86 11.60 46.63
CA PRO D 168 14.70 11.94 45.77
C PRO D 168 13.35 11.71 46.50
N PRO D 169 12.19 12.19 45.94
CA PRO D 169 10.86 11.84 46.48
C PRO D 169 10.15 10.72 45.70
N SER D 170 10.89 10.00 44.84
CA SER D 170 10.35 8.85 44.11
C SER D 170 11.47 8.09 43.36
N GLU D 171 11.53 6.76 43.54
CA GLU D 171 12.52 5.90 42.86
C GLU D 171 12.32 5.84 41.35
N GLN D 172 11.07 5.78 40.93
CA GLN D 172 10.67 5.81 39.51
C GLN D 172 10.93 7.16 38.77
N SER D 173 10.38 8.31 39.23
CA SER D 173 10.37 9.65 38.50
C SER D 173 11.61 10.51 38.91
N SER D 174 11.52 11.86 38.91
CA SER D 174 12.63 12.81 39.32
C SER D 174 12.27 14.34 39.64
N PRO D 175 13.33 15.19 39.65
CA PRO D 175 13.30 16.58 39.20
C PRO D 175 14.15 16.82 37.93
N ARG D 191 9.83 7.11 17.65
CA ARG D 191 9.97 5.79 17.01
C ARG D 191 8.62 5.04 16.96
N ASP D 192 8.27 4.31 18.02
CA ASP D 192 6.93 3.69 18.17
C ASP D 192 5.80 4.72 18.42
N VAL D 193 6.15 5.89 18.95
CA VAL D 193 5.20 6.97 19.20
C VAL D 193 4.49 7.44 17.94
N GLU D 194 5.24 7.48 16.83
CA GLU D 194 4.70 7.85 15.51
C GLU D 194 3.55 6.90 15.16
N ALA D 195 3.76 5.62 15.45
CA ALA D 195 2.74 4.59 15.25
C ALA D 195 1.44 4.84 16.03
N LEU D 196 1.59 5.14 17.32
CA LEU D 196 0.43 5.32 18.19
C LEU D 196 -0.48 6.45 17.71
N MET D 197 0.14 7.58 17.37
CA MET D 197 -0.61 8.74 16.89
C MET D 197 -1.32 8.45 15.57
N GLU D 198 -0.68 7.66 14.71
CA GLU D 198 -1.29 7.24 13.44
C GLU D 198 -2.52 6.35 13.62
N ARG D 199 -2.52 5.49 14.65
CA ARG D 199 -3.68 4.63 14.90
C ARG D 199 -4.76 5.33 15.72
N MET D 200 -4.39 6.41 16.43
CA MET D 200 -5.34 7.32 17.10
C MET D 200 -6.05 8.16 16.05
N GLN D 201 -5.30 8.53 15.02
CA GLN D 201 -5.84 9.17 13.81
C GLN D 201 -7.05 8.38 13.30
N GLN D 202 -6.81 7.14 12.84
CA GLN D 202 -7.84 6.29 12.21
C GLN D 202 -9.18 6.24 12.95
N LEU D 203 -9.12 6.37 14.27
CA LEU D 203 -10.29 6.33 15.11
C LEU D 203 -11.09 7.65 15.04
N GLN D 204 -10.57 8.65 14.29
CA GLN D 204 -11.40 9.39 13.31
C GLN D 204 -10.58 10.14 12.27
N GLU D 216 -23.53 -8.62 17.22
CA GLU D 216 -22.93 -7.93 18.35
C GLU D 216 -21.87 -8.80 19.07
N GLU D 217 -20.67 -8.80 18.49
CA GLU D 217 -19.47 -9.35 19.11
C GLU D 217 -18.62 -8.28 19.82
N MET D 218 -19.12 -7.04 19.90
CA MET D 218 -18.62 -6.07 20.87
C MET D 218 -18.80 -6.53 22.32
N GLU D 219 -19.83 -7.36 22.57
CA GLU D 219 -20.00 -8.08 23.83
C GLU D 219 -19.02 -9.26 24.02
N SER D 220 -18.18 -9.59 23.02
CA SER D 220 -17.11 -10.60 23.14
C SER D 220 -15.69 -10.06 23.05
N ARG D 221 -15.45 -8.92 22.39
CA ARG D 221 -14.12 -8.28 22.48
C ARG D 221 -13.85 -7.89 23.90
N PHE D 222 -14.92 -7.52 24.61
CA PHE D 222 -14.89 -7.31 26.06
C PHE D 222 -14.38 -8.54 26.79
N GLU D 223 -15.00 -9.68 26.52
CA GLU D 223 -14.64 -10.91 27.22
C GLU D 223 -13.15 -11.20 27.02
N LEU D 224 -12.66 -11.09 25.78
CA LEU D 224 -11.25 -11.45 25.46
C LEU D 224 -10.24 -10.60 26.24
N GLU D 225 -10.60 -9.33 26.44
CA GLU D 225 -9.80 -8.33 27.17
C GLU D 225 -9.69 -8.62 28.67
N LYS D 226 -10.83 -9.03 29.22
CA LYS D 226 -10.99 -9.35 30.62
C LYS D 226 -10.27 -10.65 31.05
N SER D 227 -10.30 -11.70 30.20
CA SER D 227 -9.53 -12.96 30.42
C SER D 227 -8.02 -12.74 30.53
N GLU D 228 -7.48 -12.01 29.54
CA GLU D 228 -6.06 -11.62 29.40
C GLU D 228 -5.20 -11.55 30.70
N SER D 229 -4.34 -12.56 30.90
CA SER D 229 -3.49 -12.65 32.10
C SER D 229 -2.24 -11.78 31.98
N LEU D 230 -2.06 -10.87 32.92
CA LEU D 230 -0.96 -9.91 32.84
C LEU D 230 -0.45 -9.60 34.24
N PRO D 245 5.36 -6.94 55.56
CA PRO D 245 5.99 -7.76 56.63
C PRO D 245 5.39 -7.54 58.04
N ASP D 246 5.35 -6.29 58.51
CA ASP D 246 4.69 -5.87 59.77
C ASP D 246 3.16 -5.87 59.63
N MET D 247 2.67 -5.21 58.57
CA MET D 247 1.27 -4.77 58.42
C MET D 247 0.20 -5.87 58.41
N LEU D 248 0.61 -7.12 58.27
CA LEU D 248 -0.30 -8.27 58.19
C LEU D 248 -1.29 -8.35 59.36
N CYS D 249 -0.99 -7.64 60.45
CA CYS D 249 -1.86 -7.58 61.62
C CYS D 249 -3.01 -6.58 61.57
N PHE D 250 -3.01 -5.68 60.58
CA PHE D 250 -4.15 -4.76 60.38
C PHE D 250 -5.19 -5.29 59.37
N VAL D 251 -4.97 -6.50 58.84
CA VAL D 251 -5.86 -7.12 57.85
C VAL D 251 -6.39 -8.47 58.34
N GLU D 252 -7.31 -9.03 57.55
CA GLU D 252 -7.81 -10.40 57.68
C GLU D 252 -7.85 -11.00 56.27
N ASP D 253 -7.43 -12.25 56.15
CA ASP D 253 -7.16 -12.88 54.85
C ASP D 253 -6.09 -12.11 54.03
N PRO D 254 -4.89 -11.93 54.60
CA PRO D 254 -3.69 -11.41 53.94
C PRO D 254 -3.35 -11.71 52.45
N THR D 255 -3.77 -12.85 51.89
CA THR D 255 -3.55 -13.08 50.43
C THR D 255 -4.82 -13.41 49.66
N PHE D 256 -5.89 -12.71 50.04
CA PHE D 256 -6.97 -12.42 49.13
C PHE D 256 -6.34 -11.41 48.16
N GLY D 257 -6.08 -11.85 46.93
CA GLY D 257 -5.63 -10.95 45.85
C GLY D 257 -6.82 -10.62 44.96
N TYR D 258 -6.57 -9.89 43.88
CA TYR D 258 -7.52 -9.81 42.76
C TYR D 258 -7.75 -11.25 42.23
N GLU D 259 -6.65 -11.96 41.98
CA GLU D 259 -6.68 -13.33 41.44
C GLU D 259 -7.19 -14.33 42.48
N ASP D 260 -7.98 -15.32 42.03
CA ASP D 260 -8.39 -16.46 42.85
C ASP D 260 -7.47 -17.62 42.52
N PHE D 261 -6.83 -18.17 43.55
CA PHE D 261 -6.04 -19.39 43.41
C PHE D 261 -6.82 -20.69 43.74
N THR D 262 -8.02 -20.57 44.32
CA THR D 262 -8.96 -21.69 44.56
C THR D 262 -9.75 -22.12 43.31
N ARG D 263 -9.63 -21.36 42.20
CA ARG D 263 -10.19 -21.77 40.90
C ARG D 263 -9.03 -21.93 39.91
N ARG D 264 -9.10 -22.91 39.01
CA ARG D 264 -8.04 -23.06 37.98
C ARG D 264 -8.03 -21.85 37.05
N GLY D 265 -6.88 -21.54 36.45
CA GLY D 265 -6.75 -20.44 35.49
C GLY D 265 -7.11 -19.04 36.01
N ALA D 266 -7.58 -18.19 35.10
CA ALA D 266 -7.69 -16.74 35.34
C ALA D 266 -8.98 -16.29 36.04
N GLN D 267 -8.86 -15.18 36.78
CA GLN D 267 -10.01 -14.43 37.30
C GLN D 267 -10.54 -13.58 36.15
N ALA D 268 -11.88 -13.61 36.02
CA ALA D 268 -12.64 -12.73 35.15
C ALA D 268 -13.90 -12.37 35.93
N PRO D 269 -14.03 -11.10 36.34
CA PRO D 269 -15.20 -10.70 37.13
C PRO D 269 -16.49 -10.68 36.33
N PRO D 270 -17.64 -11.09 36.94
CA PRO D 270 -18.91 -11.03 36.22
C PRO D 270 -19.09 -9.73 35.43
N THR D 271 -19.51 -9.85 34.16
CA THR D 271 -19.64 -8.70 33.28
C THR D 271 -20.81 -7.84 33.74
N PHE D 272 -20.56 -6.56 34.01
CA PHE D 272 -21.57 -5.64 34.54
C PHE D 272 -21.85 -4.58 33.48
N ARG D 273 -23.12 -4.42 33.13
CA ARG D 273 -23.51 -3.45 32.12
C ARG D 273 -23.29 -2.12 32.79
N ALA D 274 -22.38 -1.34 32.21
CA ALA D 274 -21.97 -0.06 32.78
C ALA D 274 -23.12 0.84 33.23
N GLN D 275 -24.17 0.90 32.40
CA GLN D 275 -25.26 1.83 32.62
C GLN D 275 -26.48 1.15 33.23
N ASP D 276 -26.28 0.18 34.13
CA ASP D 276 -27.30 -0.16 35.13
C ASP D 276 -27.13 0.87 36.26
N TYR D 277 -25.88 0.98 36.72
CA TYR D 277 -25.46 1.88 37.80
C TYR D 277 -24.20 2.61 37.33
N THR D 278 -24.39 3.81 36.81
CA THR D 278 -23.28 4.76 36.57
C THR D 278 -23.13 5.69 37.73
N TRP D 279 -21.95 6.30 37.79
CA TRP D 279 -21.70 7.41 38.70
C TRP D 279 -22.68 8.51 38.34
N GLU D 280 -22.62 8.91 37.07
CA GLU D 280 -23.32 10.06 36.54
C GLU D 280 -24.76 10.23 36.99
N ASP D 281 -25.49 9.14 37.23
CA ASP D 281 -26.91 9.25 37.52
C ASP D 281 -27.44 8.14 38.42
N HIS D 282 -26.76 7.96 39.54
CA HIS D 282 -27.18 7.00 40.58
C HIS D 282 -26.22 7.15 41.75
N GLY D 283 -24.98 6.71 41.51
CA GLY D 283 -23.94 6.73 42.52
C GLY D 283 -23.68 8.12 43.03
N TYR D 284 -23.67 9.09 42.13
CA TYR D 284 -23.50 10.47 42.56
C TYR D 284 -24.65 10.85 43.50
N SER D 285 -25.90 10.77 43.04
CA SER D 285 -27.02 11.24 43.85
C SER D 285 -27.22 10.49 45.17
N LEU D 286 -26.61 9.31 45.31
CA LEU D 286 -26.65 8.55 46.58
C LEU D 286 -25.61 8.97 47.59
N ILE D 287 -24.40 9.28 47.12
CA ILE D 287 -23.35 9.79 47.99
C ILE D 287 -23.88 11.15 48.42
N GLN D 288 -24.16 12.05 47.46
CA GLN D 288 -24.48 13.44 47.82
C GLN D 288 -25.73 13.58 48.71
N ARG D 289 -26.56 12.53 48.81
CA ARG D 289 -27.60 12.49 49.85
C ARG D 289 -26.96 12.15 51.20
N LEU D 290 -26.17 11.09 51.22
CA LEU D 290 -25.62 10.53 52.46
C LEU D 290 -24.32 11.20 52.98
N TYR D 291 -23.54 11.79 52.09
CA TYR D 291 -22.25 12.44 52.40
C TYR D 291 -22.11 13.64 51.46
N PRO D 292 -22.98 14.66 51.62
CA PRO D 292 -23.10 15.78 50.65
C PRO D 292 -21.78 16.50 50.38
N GLU D 293 -20.99 16.61 51.45
CA GLU D 293 -19.67 17.22 51.47
C GLU D 293 -18.71 16.55 50.45
N GLY D 294 -18.47 15.26 50.66
CA GLY D 294 -17.51 14.49 49.88
C GLY D 294 -17.98 14.20 48.48
N GLY D 295 -19.28 13.98 48.32
CA GLY D 295 -19.87 13.62 47.04
C GLY D 295 -19.48 14.54 45.92
N GLN D 296 -19.63 15.83 46.15
CA GLN D 296 -19.18 16.84 45.21
C GLN D 296 -17.71 16.66 44.83
N LEU D 297 -16.87 16.53 45.85
CA LEU D 297 -15.42 16.49 45.66
C LEU D 297 -14.93 15.27 44.88
N LEU D 298 -15.60 14.15 45.11
CA LEU D 298 -15.34 12.94 44.35
C LEU D 298 -15.68 13.17 42.89
N ASP D 299 -16.91 13.64 42.66
CA ASP D 299 -17.39 13.98 41.32
C ASP D 299 -16.47 14.98 40.60
N GLU D 300 -15.99 15.99 41.33
CA GLU D 300 -15.03 16.94 40.77
C GLU D 300 -13.68 16.28 40.44
N LYS D 301 -13.24 15.35 41.29
CA LYS D 301 -11.93 14.70 41.11
C LYS D 301 -11.97 13.78 39.94
N PHE D 302 -13.07 13.00 39.83
CA PHE D 302 -13.26 12.07 38.72
C PHE D 302 -13.15 12.84 37.41
N GLN D 303 -14.00 13.86 37.30
CA GLN D 303 -14.07 14.70 36.11
C GLN D 303 -12.75 15.42 35.82
N ALA D 304 -12.05 15.85 36.87
CA ALA D 304 -10.74 16.48 36.73
C ALA D 304 -9.70 15.56 36.12
N ALA D 305 -9.72 14.29 36.54
CA ALA D 305 -8.72 13.32 36.11
C ALA D 305 -8.99 12.86 34.70
N TYR D 306 -10.26 12.55 34.44
CA TYR D 306 -10.64 12.07 33.12
C TYR D 306 -10.24 13.15 32.13
N SER D 307 -10.90 14.30 32.23
CA SER D 307 -10.72 15.39 31.27
C SER D 307 -9.29 15.96 31.19
N LEU D 308 -8.53 15.89 32.28
CA LEU D 308 -7.13 16.31 32.29
C LEU D 308 -6.41 15.81 31.06
N THR D 309 -6.02 16.76 30.20
CA THR D 309 -5.08 16.55 29.09
C THR D 309 -4.30 17.82 28.81
N TYR D 310 -3.09 17.68 28.29
CA TYR D 310 -2.28 18.81 27.84
C TYR D 310 -2.12 18.81 26.32
N ASN D 311 -2.98 18.04 25.64
CA ASN D 311 -2.85 17.77 24.21
C ASN D 311 -1.45 17.41 23.76
N THR D 312 -0.77 16.57 24.54
CA THR D 312 0.55 16.04 24.16
C THR D 312 0.51 14.50 24.11
N ILE D 313 1.12 13.94 23.08
CA ILE D 313 1.48 12.55 23.07
C ILE D 313 3.00 12.56 23.05
N ALA D 314 3.58 12.15 24.17
CA ALA D 314 5.01 11.90 24.27
C ALA D 314 5.74 13.18 23.94
N MET D 315 6.52 13.21 22.85
CA MET D 315 7.33 14.39 22.50
C MET D 315 6.64 15.29 21.46
N HIS D 316 5.38 14.99 21.11
CA HIS D 316 4.58 15.84 20.22
C HIS D 316 3.58 16.67 21.01
N SER D 317 3.09 17.71 20.35
CA SER D 317 2.04 18.59 20.88
C SER D 317 0.91 18.69 19.88
N GLY D 318 -0.17 19.36 20.27
CA GLY D 318 -1.29 19.59 19.36
C GLY D 318 -2.19 18.40 19.05
N VAL D 319 -2.11 17.34 19.86
CA VAL D 319 -2.85 16.09 19.62
C VAL D 319 -4.01 15.93 20.58
N ASP D 320 -5.13 15.42 20.08
CA ASP D 320 -6.30 15.12 20.91
C ASP D 320 -6.05 13.71 21.38
N THR D 321 -6.06 13.51 22.70
CA THR D 321 -5.74 12.20 23.29
C THR D 321 -6.93 11.47 23.88
N SER D 322 -8.15 12.01 23.74
CA SER D 322 -9.28 11.49 24.51
C SER D 322 -9.59 10.04 24.16
N VAL D 323 -9.21 9.61 22.95
CA VAL D 323 -9.34 8.19 22.54
C VAL D 323 -8.43 7.25 23.33
N LEU D 324 -7.18 7.69 23.55
CA LEU D 324 -6.17 6.93 24.28
C LEU D 324 -6.45 6.94 25.76
N ARG D 325 -6.89 8.07 26.27
CA ARG D 325 -7.28 8.18 27.68
C ARG D 325 -8.59 7.45 27.98
N ARG D 326 -9.53 7.41 27.04
CA ARG D 326 -10.73 6.57 27.20
C ARG D 326 -10.37 5.08 27.23
N ALA D 327 -9.36 4.71 26.44
CA ALA D 327 -8.86 3.31 26.43
C ALA D 327 -8.31 2.90 27.78
N ILE D 328 -7.48 3.77 28.35
CA ILE D 328 -6.86 3.53 29.65
C ILE D 328 -7.95 3.38 30.69
N TRP D 329 -8.83 4.36 30.76
CA TRP D 329 -9.99 4.32 31.64
C TRP D 329 -10.80 3.08 31.43
N ASN D 330 -11.19 2.83 30.18
CA ASN D 330 -12.20 1.83 29.91
C ASN D 330 -11.64 0.46 30.14
N TYR D 331 -10.33 0.30 29.89
CA TYR D 331 -9.63 -0.97 30.13
C TYR D 331 -9.56 -1.34 31.58
N ILE D 332 -9.30 -0.37 32.46
CA ILE D 332 -9.25 -0.62 33.91
C ILE D 332 -10.63 -0.98 34.38
N HIS D 333 -11.62 -0.29 33.85
CA HIS D 333 -12.98 -0.64 34.17
C HIS D 333 -13.36 -2.03 33.68
N CYS D 334 -12.79 -2.41 32.53
CA CYS D 334 -12.87 -3.79 32.07
C CYS D 334 -12.27 -4.76 33.07
N VAL D 335 -11.09 -4.45 33.59
CA VAL D 335 -10.46 -5.32 34.58
C VAL D 335 -11.40 -5.55 35.75
N PHE D 336 -12.11 -4.52 36.17
CA PHE D 336 -13.01 -4.60 37.32
C PHE D 336 -14.44 -4.98 36.91
N GLY D 337 -14.63 -5.32 35.64
CA GLY D 337 -15.79 -6.09 35.17
C GLY D 337 -16.91 -5.25 34.58
N ILE D 338 -16.56 -4.15 33.92
CA ILE D 338 -17.55 -3.16 33.51
C ILE D 338 -17.48 -2.90 31.99
N ARG D 339 -18.48 -3.45 31.29
CA ARG D 339 -18.69 -3.21 29.87
C ARG D 339 -19.55 -1.96 29.66
N TYR D 340 -18.94 -0.97 29.00
CA TYR D 340 -19.61 0.17 28.36
C TYR D 340 -20.04 -0.22 26.95
N ASP D 341 -21.35 -0.34 26.75
CA ASP D 341 -21.97 -0.92 25.53
C ASP D 341 -21.49 -0.35 24.20
N ASP D 342 -21.23 0.94 24.18
CA ASP D 342 -20.92 1.63 22.95
C ASP D 342 -19.44 1.57 22.59
N TYR D 343 -18.58 1.14 23.52
CA TYR D 343 -17.13 1.13 23.27
C TYR D 343 -16.76 -0.07 22.39
N ASP D 344 -16.00 0.17 21.30
CA ASP D 344 -15.36 -0.94 20.59
C ASP D 344 -14.17 -1.37 21.44
N TYR D 345 -14.37 -2.40 22.27
CA TYR D 345 -13.32 -2.82 23.19
C TYR D 345 -12.03 -3.32 22.44
N GLY D 346 -12.11 -3.41 21.11
CA GLY D 346 -10.93 -3.59 20.27
C GLY D 346 -9.95 -2.45 20.35
N GLU D 347 -10.47 -1.23 20.49
CA GLU D 347 -9.65 -0.01 20.59
C GLU D 347 -8.53 -0.16 21.61
N VAL D 348 -8.83 -0.85 22.71
CA VAL D 348 -7.87 -1.09 23.79
C VAL D 348 -6.55 -1.72 23.30
N ASN D 349 -6.64 -2.69 22.38
CA ASN D 349 -5.45 -3.41 21.85
C ASN D 349 -4.70 -2.62 20.81
N GLN D 350 -5.45 -1.90 19.99
CA GLN D 350 -4.88 -0.97 19.04
C GLN D 350 -4.02 0.08 19.77
N LEU D 351 -4.49 0.57 20.91
CA LEU D 351 -3.90 1.73 21.62
C LEU D 351 -2.96 1.44 22.80
N LEU D 352 -3.38 0.57 23.71
CA LEU D 352 -2.59 0.27 24.90
C LEU D 352 -1.59 -0.82 24.60
N GLU D 353 -0.31 -0.47 24.45
CA GLU D 353 0.75 -1.46 24.15
C GLU D 353 0.77 -2.54 25.23
N ARG D 354 1.50 -3.63 24.98
CA ARG D 354 1.43 -4.78 25.91
C ARG D 354 1.93 -4.40 27.30
N ASN D 355 3.10 -3.77 27.31
CA ASN D 355 3.77 -3.38 28.55
C ASN D 355 2.99 -2.38 29.40
N LEU D 356 2.24 -1.50 28.73
CA LEU D 356 1.35 -0.58 29.41
C LEU D 356 0.22 -1.35 30.07
N LYS D 357 -0.46 -2.17 29.27
CA LYS D 357 -1.55 -3.00 29.77
C LYS D 357 -1.13 -3.73 31.03
N VAL D 358 0.12 -4.19 31.06
CA VAL D 358 0.65 -4.87 32.24
C VAL D 358 0.77 -3.95 33.44
N TYR D 359 1.50 -2.85 33.26
CA TYR D 359 1.81 -1.92 34.36
C TYR D 359 0.54 -1.41 34.97
N ILE D 360 -0.39 -1.02 34.08
CA ILE D 360 -1.72 -0.64 34.47
C ILE D 360 -2.39 -1.68 35.38
N LYS D 361 -2.39 -2.94 34.95
CA LYS D 361 -3.10 -4.00 35.69
C LYS D 361 -2.38 -4.34 36.96
N THR D 362 -1.04 -4.37 36.89
CA THR D 362 -0.20 -4.48 38.09
C THR D 362 -0.52 -3.39 39.12
N VAL D 363 -0.34 -2.12 38.75
CA VAL D 363 -0.62 -1.01 39.67
C VAL D 363 -2.07 -1.02 40.22
N ALA D 364 -3.03 -1.39 39.37
CA ALA D 364 -4.47 -1.40 39.73
C ALA D 364 -4.92 -2.56 40.63
N CYS D 365 -4.41 -3.76 40.33
CA CYS D 365 -4.80 -5.00 41.02
C CYS D 365 -3.78 -5.52 42.00
N TYR D 366 -2.51 -5.27 41.69
CA TYR D 366 -1.36 -5.87 42.37
C TYR D 366 -0.20 -4.87 42.57
N PRO D 367 -0.52 -3.66 43.11
CA PRO D 367 0.43 -2.57 43.11
C PRO D 367 1.71 -2.91 43.86
N GLU D 368 1.53 -3.52 45.04
CA GLU D 368 2.61 -4.17 45.84
C GLU D 368 3.75 -4.71 44.96
N LYS D 369 3.42 -5.35 43.84
CA LYS D 369 4.37 -6.04 42.98
C LYS D 369 4.86 -5.24 41.76
N THR D 370 4.62 -3.93 41.78
CA THR D 370 5.09 -3.00 40.74
C THR D 370 6.58 -2.92 40.88
N THR D 371 7.32 -2.96 39.79
CA THR D 371 8.80 -2.85 39.83
C THR D 371 9.22 -1.50 39.24
N ARG D 372 10.49 -1.18 39.36
CA ARG D 372 11.05 -0.04 38.66
C ARG D 372 11.12 -0.39 37.18
N ARG D 373 11.80 -1.50 36.86
CA ARG D 373 11.91 -2.01 35.48
C ARG D 373 10.54 -2.01 34.78
N MET D 374 9.47 -2.33 35.53
CA MET D 374 8.12 -2.42 34.97
C MET D 374 7.61 -1.07 34.47
N TYR D 375 7.87 -0.06 35.30
CA TYR D 375 7.55 1.33 34.99
C TYR D 375 8.35 1.75 33.78
N ASN D 376 9.66 1.63 33.89
CA ASN D 376 10.52 2.08 32.80
C ASN D 376 10.28 1.37 31.44
N LEU D 377 9.91 0.08 31.46
CA LEU D 377 9.73 -0.69 30.22
C LEU D 377 8.57 -0.23 29.31
N PHE D 378 7.45 0.20 29.88
CA PHE D 378 6.32 0.67 29.07
C PHE D 378 6.52 2.12 28.64
N TRP D 379 6.05 2.43 27.42
CA TRP D 379 6.14 3.79 26.84
C TRP D 379 7.55 4.31 27.06
N ARG D 380 8.54 3.55 26.60
CA ARG D 380 9.96 3.90 26.79
C ARG D 380 10.18 5.42 26.48
N HIS D 381 9.53 5.91 25.42
CA HIS D 381 9.76 7.27 24.93
C HIS D 381 8.88 8.43 25.47
N PHE D 382 7.89 8.16 26.31
CA PHE D 382 7.01 9.24 26.82
C PHE D 382 7.68 9.99 27.96
N ARG D 383 7.22 11.21 28.24
CA ARG D 383 7.72 11.98 29.40
C ARG D 383 7.32 11.28 30.69
N HIS D 384 8.16 11.39 31.71
CA HIS D 384 7.85 10.88 33.06
C HIS D 384 6.50 11.39 33.61
N SER D 385 6.23 12.67 33.33
CA SER D 385 5.00 13.35 33.76
C SER D 385 3.78 12.57 33.26
N GLU D 386 3.89 11.98 32.08
CA GLU D 386 2.78 11.23 31.48
C GLU D 386 2.58 9.87 32.16
N LYS D 387 3.66 9.21 32.49
CA LYS D 387 3.54 8.02 33.30
C LYS D 387 2.73 8.37 34.58
N VAL D 388 3.02 9.51 35.19
CA VAL D 388 2.28 9.92 36.40
C VAL D 388 0.81 10.16 36.06
N HIS D 389 0.57 10.84 34.93
CA HIS D 389 -0.81 11.09 34.42
C HIS D 389 -1.63 9.76 34.42
N VAL D 390 -1.08 8.73 33.76
CA VAL D 390 -1.68 7.38 33.66
C VAL D 390 -2.03 6.85 35.04
N ASN D 391 -1.06 6.99 35.94
CA ASN D 391 -1.23 6.54 37.30
C ASN D 391 -2.44 7.09 38.04
N LEU D 392 -2.75 8.34 37.74
CA LEU D 392 -3.87 9.04 38.37
C LEU D 392 -5.12 8.93 37.53
N LEU D 393 -4.90 8.64 36.27
CA LEU D 393 -5.99 8.22 35.44
C LEU D 393 -6.53 6.86 35.90
N LEU D 394 -5.64 5.92 36.23
CA LEU D 394 -6.09 4.60 36.71
C LEU D 394 -6.53 4.65 38.16
N LEU D 395 -5.90 5.50 38.96
CA LEU D 395 -6.26 5.57 40.35
C LEU D 395 -7.71 6.00 40.46
N GLU D 396 -8.09 7.00 39.66
CA GLU D 396 -9.48 7.49 39.68
C GLU D 396 -10.45 6.52 39.02
N ALA D 397 -9.99 5.85 37.96
CA ALA D 397 -10.80 4.81 37.31
C ALA D 397 -11.11 3.66 38.27
N ARG D 398 -10.07 3.09 38.87
CA ARG D 398 -10.21 2.01 39.86
C ARG D 398 -11.11 2.36 41.03
N MET D 399 -10.85 3.53 41.59
CA MET D 399 -11.62 4.05 42.70
C MET D 399 -13.10 4.15 42.32
N GLN D 400 -13.37 4.58 41.10
CA GLN D 400 -14.75 4.71 40.70
C GLN D 400 -15.46 3.36 40.62
N ALA D 401 -14.78 2.37 40.05
CA ALA D 401 -15.34 1.03 39.94
C ALA D 401 -15.75 0.55 41.31
N ALA D 402 -14.82 0.59 42.24
CA ALA D 402 -15.10 0.10 43.58
C ALA D 402 -16.22 0.88 44.23
N LEU D 403 -16.12 2.21 44.25
CA LEU D 403 -17.19 3.04 44.83
C LEU D 403 -18.55 2.65 44.24
N LEU D 404 -18.63 2.62 42.91
CA LEU D 404 -19.86 2.22 42.24
C LEU D 404 -20.43 0.89 42.69
N TYR D 405 -19.59 -0.13 42.84
CA TYR D 405 -20.07 -1.43 43.30
C TYR D 405 -20.68 -1.33 44.71
N ALA D 406 -19.98 -0.64 45.61
CA ALA D 406 -20.43 -0.49 46.99
C ALA D 406 -21.67 0.37 47.09
N LEU D 407 -21.72 1.43 46.29
CA LEU D 407 -22.92 2.26 46.20
C LEU D 407 -24.12 1.49 45.66
N ARG D 408 -23.89 0.65 44.65
CA ARG D 408 -24.94 -0.20 44.08
C ARG D 408 -25.49 -1.16 45.11
N ALA D 409 -24.60 -1.87 45.79
CA ALA D 409 -25.00 -2.67 46.96
C ALA D 409 -25.81 -1.84 47.98
N ILE D 410 -25.32 -0.65 48.33
CA ILE D 410 -26.06 0.22 49.25
C ILE D 410 -27.45 0.57 48.72
N THR D 411 -27.59 0.90 47.44
CA THR D 411 -28.92 1.24 46.88
C THR D 411 -29.86 0.04 46.98
N ARG D 412 -29.33 -1.15 46.71
CA ARG D 412 -30.13 -2.37 46.81
C ARG D 412 -30.63 -2.57 48.23
N TYR D 413 -29.72 -2.66 49.20
CA TYR D 413 -30.13 -2.73 50.61
C TYR D 413 -31.19 -1.66 50.90
N MET D 414 -30.81 -0.38 50.72
CA MET D 414 -31.65 0.78 51.12
C MET D 414 -33.11 0.72 50.66
N THR D 415 -33.29 0.27 49.42
CA THR D 415 -34.57 0.31 48.75
C THR D 415 -34.89 -1.07 48.17
N GLY E 1 14.96 0.15 -40.84
CA GLY E 1 15.70 1.42 -41.22
C GLY E 1 16.49 1.31 -42.53
N LEU E 2 16.55 2.37 -43.35
CA LEU E 2 17.11 2.32 -44.74
C LEU E 2 18.68 2.24 -44.82
N GLU E 3 19.25 1.14 -44.30
CA GLU E 3 20.71 1.00 -44.13
C GLU E 3 21.43 1.36 -45.44
N ALA E 4 20.99 0.77 -46.56
CA ALA E 4 21.67 0.94 -47.87
C ALA E 4 21.86 2.39 -48.30
N LEU E 5 20.76 3.16 -48.28
CA LEU E 5 20.74 4.60 -48.65
C LEU E 5 21.64 5.43 -47.74
N MET E 6 21.51 5.18 -46.44
CA MET E 6 22.27 5.89 -45.45
C MET E 6 23.80 5.69 -45.59
N SER E 7 24.25 4.51 -46.04
CA SER E 7 25.71 4.23 -46.16
C SER E 7 26.30 4.60 -47.51
N SER E 8 25.48 4.57 -48.55
CA SER E 8 25.92 5.04 -49.86
C SER E 8 26.68 6.36 -49.80
N GLY E 9 26.29 7.24 -48.87
CA GLY E 9 26.89 8.56 -48.77
C GLY E 9 26.58 9.36 -50.02
N ARG E 10 25.34 9.24 -50.49
CA ARG E 10 24.85 10.00 -51.63
C ARG E 10 23.82 11.05 -51.21
N VAL E 11 23.42 11.04 -49.94
CA VAL E 11 22.45 12.02 -49.45
C VAL E 11 23.02 12.61 -48.17
N ASP E 12 22.62 13.85 -47.89
CA ASP E 12 23.11 14.62 -46.72
C ASP E 12 22.93 13.90 -45.40
N ASN E 13 23.64 14.34 -44.38
CA ASN E 13 23.47 13.76 -43.04
C ASN E 13 22.07 13.96 -42.42
N LEU E 14 21.29 14.92 -42.92
CA LEU E 14 19.92 15.10 -42.48
C LEU E 14 19.13 13.91 -42.94
N ALA E 15 19.08 13.71 -44.26
CA ALA E 15 18.42 12.53 -44.84
C ALA E 15 18.85 11.24 -44.17
N VAL E 16 20.15 11.07 -43.94
CA VAL E 16 20.64 9.88 -43.25
C VAL E 16 19.92 9.62 -41.93
N VAL E 17 19.72 10.67 -41.14
CA VAL E 17 19.23 10.46 -39.81
C VAL E 17 17.70 10.33 -39.88
N MET E 18 17.06 11.03 -40.82
CA MET E 18 15.65 10.75 -41.11
C MET E 18 15.45 9.28 -41.45
N GLY E 19 16.43 8.70 -42.12
CA GLY E 19 16.43 7.30 -42.50
C GLY E 19 16.23 6.28 -41.41
N LEU E 20 16.53 6.63 -40.17
CA LEU E 20 16.22 5.75 -39.03
C LEU E 20 14.72 5.46 -38.87
N HIS E 21 13.88 6.29 -39.47
CA HIS E 21 12.43 6.15 -39.39
C HIS E 21 11.84 6.19 -40.79
N PRO E 22 11.82 5.03 -41.46
CA PRO E 22 11.34 4.89 -42.83
C PRO E 22 9.99 5.50 -43.12
N ASP E 23 9.03 5.25 -42.24
CA ASP E 23 7.66 5.73 -42.44
C ASP E 23 7.55 7.24 -42.27
N TYR E 24 8.46 7.83 -41.48
CA TYR E 24 8.64 9.30 -41.47
C TYR E 24 9.44 9.74 -42.68
N PHE E 25 10.52 9.01 -43.00
CA PHE E 25 11.41 9.39 -44.11
C PHE E 25 10.68 9.62 -45.42
N THR E 26 9.75 8.72 -45.76
CA THR E 26 9.03 8.84 -47.03
C THR E 26 8.22 10.12 -47.10
N SER E 27 7.50 10.43 -46.01
CA SER E 27 6.67 11.65 -45.94
C SER E 27 7.54 12.90 -45.95
N PHE E 28 8.67 12.81 -45.24
CA PHE E 28 9.63 13.91 -45.19
C PHE E 28 10.24 14.18 -46.56
N TRP E 29 10.68 13.11 -47.22
CA TRP E 29 11.23 13.23 -48.56
C TRP E 29 10.23 13.81 -49.54
N ARG E 30 8.96 13.42 -49.45
CA ARG E 30 7.99 13.87 -50.46
C ARG E 30 7.88 15.39 -50.45
N LEU E 31 7.87 15.98 -49.24
CA LEU E 31 7.77 17.42 -49.08
C LEU E 31 9.10 18.08 -49.39
N HIS E 32 10.18 17.54 -48.81
CA HIS E 32 11.50 18.13 -49.04
C HIS E 32 11.77 18.25 -50.51
N TYR E 33 11.49 17.18 -51.26
CA TYR E 33 11.59 17.19 -52.72
C TYR E 33 10.71 18.27 -53.36
N LEU E 34 9.43 18.32 -52.97
CA LEU E 34 8.48 19.32 -53.48
C LEU E 34 8.97 20.78 -53.35
N LEU E 35 9.43 21.15 -52.16
CA LEU E 35 9.74 22.54 -51.90
C LEU E 35 10.95 22.95 -52.70
N LEU E 36 12.03 22.20 -52.56
CA LEU E 36 13.33 22.71 -52.96
C LEU E 36 13.77 22.25 -54.37
N HIS E 37 13.11 21.22 -54.91
CA HIS E 37 13.54 20.60 -56.17
C HIS E 37 12.41 20.34 -57.20
N THR E 38 11.25 20.99 -57.03
CA THR E 38 10.06 20.83 -57.89
C THR E 38 9.48 22.21 -58.18
N ASP E 39 8.96 22.38 -59.39
CA ASP E 39 8.33 23.64 -59.79
C ASP E 39 7.14 24.00 -58.92
N GLY E 40 6.78 25.27 -59.01
CA GLY E 40 5.78 25.88 -58.13
C GLY E 40 5.95 27.39 -58.23
N PRO E 41 5.09 28.15 -57.55
CA PRO E 41 4.98 29.61 -57.76
C PRO E 41 6.25 30.47 -57.57
N LEU E 42 7.27 29.97 -56.84
CA LEU E 42 8.53 30.71 -56.64
C LEU E 42 9.67 30.03 -57.36
N ALA E 43 10.53 30.84 -58.01
CA ALA E 43 11.78 30.35 -58.60
C ALA E 43 12.70 29.71 -57.55
N SER E 44 13.54 28.79 -58.00
CA SER E 44 14.34 27.95 -57.09
C SER E 44 15.34 28.80 -56.28
N SER E 45 16.00 29.76 -56.94
CA SER E 45 16.83 30.74 -56.22
C SER E 45 16.10 31.33 -55.01
N TRP E 46 14.91 31.86 -55.26
CA TRP E 46 14.08 32.46 -54.19
C TRP E 46 13.77 31.47 -53.07
N ARG E 47 13.34 30.28 -53.46
CA ARG E 47 12.99 29.24 -52.49
C ARG E 47 14.14 28.93 -51.56
N HIS E 48 15.32 28.74 -52.13
CA HIS E 48 16.52 28.50 -51.33
C HIS E 48 16.89 29.73 -50.54
N TYR E 49 16.77 30.92 -51.13
CA TYR E 49 17.13 32.13 -50.38
C TYR E 49 16.23 32.34 -49.16
N ILE E 50 14.95 31.93 -49.29
CA ILE E 50 13.99 31.99 -48.18
C ILE E 50 14.45 31.03 -47.08
N ALA E 51 14.86 29.84 -47.53
CA ALA E 51 15.37 28.79 -46.65
C ALA E 51 16.57 29.24 -45.84
N ILE E 52 17.40 30.09 -46.45
CA ILE E 52 18.54 30.69 -45.74
C ILE E 52 18.05 31.62 -44.62
N MET E 53 17.13 32.51 -44.99
CA MET E 53 16.57 33.46 -44.05
C MET E 53 15.96 32.68 -42.91
N ALA E 54 15.28 31.59 -43.27
CA ALA E 54 14.65 30.72 -42.30
C ALA E 54 15.64 30.07 -41.34
N ALA E 55 16.68 29.46 -41.87
CA ALA E 55 17.64 28.74 -41.02
C ALA E 55 18.51 29.69 -40.19
N ALA E 56 18.75 30.87 -40.77
CA ALA E 56 19.53 31.90 -40.10
C ALA E 56 18.93 32.26 -38.77
N ARG E 57 17.61 32.28 -38.67
CA ARG E 57 16.97 32.52 -37.39
C ARG E 57 17.58 31.72 -36.24
N HIS E 58 18.03 30.48 -36.50
CA HIS E 58 18.67 29.65 -35.46
C HIS E 58 20.14 29.35 -35.68
N GLN E 59 20.86 30.26 -36.32
CA GLN E 59 22.32 30.12 -36.44
C GLN E 59 22.67 28.74 -37.02
N CYS E 60 21.83 28.25 -37.93
CA CYS E 60 21.92 26.86 -38.38
C CYS E 60 22.84 26.74 -39.58
N SER E 61 24.15 26.75 -39.31
CA SER E 61 25.16 26.72 -40.38
C SER E 61 24.93 25.55 -41.32
N TYR E 62 24.45 24.42 -40.78
CA TYR E 62 24.14 23.28 -41.63
C TYR E 62 23.23 23.70 -42.77
N LEU E 63 22.05 24.16 -42.41
CA LEU E 63 20.98 24.43 -43.38
C LEU E 63 21.22 25.70 -44.15
N VAL E 64 21.86 26.68 -43.51
CA VAL E 64 22.26 27.90 -44.21
C VAL E 64 23.22 27.53 -45.33
N GLY E 65 24.27 26.78 -44.97
CA GLY E 65 25.29 26.34 -45.92
C GLY E 65 24.70 25.58 -47.09
N SER E 66 23.94 24.53 -46.77
CA SER E 66 23.24 23.75 -47.76
C SER E 66 22.58 24.69 -48.75
N HIS E 67 21.59 25.44 -48.30
CA HIS E 67 20.81 26.30 -49.22
C HIS E 67 21.64 27.46 -49.78
N MET E 68 22.67 27.92 -49.06
CA MET E 68 23.67 28.84 -49.64
C MET E 68 24.18 28.26 -50.96
N ALA E 69 24.64 27.01 -50.89
CA ALA E 69 25.22 26.36 -52.05
C ALA E 69 24.16 26.13 -53.09
N GLU E 70 23.04 25.53 -52.69
CA GLU E 70 21.94 25.19 -53.63
C GLU E 70 21.37 26.48 -54.26
N PHE E 71 21.42 27.57 -53.50
CA PHE E 71 21.08 28.89 -54.02
C PHE E 71 21.98 29.24 -55.17
N LEU E 72 23.29 29.11 -54.99
CA LEU E 72 24.25 29.40 -56.06
C LEU E 72 24.10 28.46 -57.26
N GLN E 73 24.02 27.15 -56.97
CA GLN E 73 23.95 26.10 -58.00
C GLN E 73 22.78 26.35 -58.95
N THR E 74 21.66 26.85 -58.42
CA THR E 74 20.44 27.02 -59.21
C THR E 74 20.24 28.39 -59.90
N GLY E 75 21.31 29.17 -60.06
CA GLY E 75 21.22 30.47 -60.69
C GLY E 75 21.06 31.62 -59.71
N GLY E 76 21.30 31.39 -58.43
CA GLY E 76 21.12 32.45 -57.43
C GLY E 76 22.11 33.56 -57.69
N ASP E 77 21.63 34.80 -57.66
CA ASP E 77 22.51 35.94 -57.82
C ASP E 77 23.42 36.03 -56.57
N PRO E 78 24.74 35.79 -56.73
CA PRO E 78 25.61 35.61 -55.57
C PRO E 78 25.63 36.76 -54.60
N GLU E 79 25.31 37.95 -55.10
CA GLU E 79 25.33 39.15 -54.25
C GLU E 79 24.44 38.99 -53.04
N TRP E 80 23.31 38.29 -53.22
CA TRP E 80 22.38 38.14 -52.11
C TRP E 80 23.05 37.44 -50.94
N LEU E 81 24.00 36.54 -51.22
CA LEU E 81 24.72 35.88 -50.12
C LEU E 81 25.57 36.84 -49.28
N LEU E 82 25.76 38.06 -49.75
CA LEU E 82 26.48 39.06 -48.96
C LEU E 82 25.69 39.50 -47.75
N GLY E 83 24.37 39.42 -47.86
CA GLY E 83 23.48 39.74 -46.74
C GLY E 83 22.08 40.05 -47.22
N LEU E 84 21.18 40.17 -46.27
CA LEU E 84 19.76 40.33 -46.56
C LEU E 84 19.51 41.69 -47.24
N HIS E 85 20.20 42.71 -46.71
CA HIS E 85 20.23 44.06 -47.27
C HIS E 85 20.43 44.12 -48.79
N ARG E 86 21.09 43.12 -49.38
CA ARG E 86 21.33 43.06 -50.83
C ARG E 86 20.27 42.33 -51.62
N ALA E 87 19.35 41.68 -50.92
CA ALA E 87 18.32 40.89 -51.57
C ALA E 87 17.22 41.82 -52.08
N PRO E 88 16.37 41.33 -53.02
CA PRO E 88 15.15 42.06 -53.38
C PRO E 88 14.38 42.44 -52.14
N GLU E 89 13.67 43.56 -52.20
CA GLU E 89 12.98 44.06 -51.02
C GLU E 89 11.77 43.18 -50.71
N LYS E 90 11.21 42.57 -51.76
CA LYS E 90 10.15 41.59 -51.59
C LYS E 90 10.56 40.46 -50.62
N LEU E 91 11.75 39.88 -50.77
CA LEU E 91 12.25 38.93 -49.77
C LEU E 91 12.47 39.58 -48.41
N ARG E 92 13.00 40.79 -48.34
CA ARG E 92 13.16 41.46 -47.03
C ARG E 92 11.86 41.68 -46.25
N LYS E 93 10.75 41.90 -46.97
CA LYS E 93 9.43 42.00 -46.33
C LYS E 93 9.07 40.78 -45.49
N LEU E 94 9.60 39.63 -45.88
CA LEU E 94 9.40 38.35 -45.19
C LEU E 94 10.03 38.27 -43.79
N SER E 95 10.89 39.23 -43.44
CA SER E 95 11.72 39.11 -42.25
C SER E 95 10.97 39.16 -40.94
N GLU E 96 9.79 39.82 -40.92
CA GLU E 96 9.00 39.90 -39.67
C GLU E 96 8.21 38.63 -39.51
N ILE E 97 7.40 38.30 -40.50
CA ILE E 97 6.67 37.04 -40.43
C ILE E 97 7.65 35.88 -40.15
N ASN E 98 8.82 35.88 -40.80
CA ASN E 98 9.82 34.84 -40.54
C ASN E 98 10.23 34.82 -39.08
N LYS E 99 10.71 35.97 -38.60
CA LYS E 99 11.17 36.10 -37.21
C LYS E 99 10.16 35.59 -36.22
N LEU E 100 8.89 35.93 -36.46
CA LEU E 100 7.80 35.56 -35.57
C LEU E 100 7.52 34.10 -35.67
N LEU E 101 7.34 33.63 -36.91
CA LEU E 101 7.06 32.23 -37.20
C LEU E 101 8.03 31.28 -36.47
N ALA E 102 9.32 31.65 -36.48
CA ALA E 102 10.34 30.88 -35.75
C ALA E 102 10.10 30.93 -34.23
N HIS E 103 9.97 32.14 -33.71
CA HIS E 103 10.15 32.37 -32.28
C HIS E 103 8.89 32.62 -31.42
N ARG E 104 7.88 33.27 -31.99
CA ARG E 104 6.65 33.60 -31.26
C ARG E 104 5.52 33.64 -32.26
N PRO E 105 5.18 32.51 -32.88
CA PRO E 105 4.27 32.53 -34.04
C PRO E 105 2.84 33.00 -33.74
N TRP E 106 2.46 32.94 -32.48
CA TRP E 106 1.22 33.54 -32.01
C TRP E 106 1.08 35.07 -32.22
N LEU E 107 2.19 35.81 -32.33
CA LEU E 107 2.14 37.26 -32.63
C LEU E 107 1.86 37.60 -34.09
N ILE E 108 1.78 36.58 -34.96
CA ILE E 108 1.32 36.80 -36.34
C ILE E 108 -0.12 37.32 -36.28
N THR E 109 -0.44 38.23 -37.19
CA THR E 109 -1.69 38.96 -37.21
C THR E 109 -2.02 39.24 -38.66
N LYS E 110 -3.26 38.98 -39.07
CA LYS E 110 -3.85 39.49 -40.33
C LYS E 110 -3.16 40.71 -40.93
N GLU E 111 -2.74 41.65 -40.06
CA GLU E 111 -2.01 42.88 -40.45
C GLU E 111 -0.63 42.63 -41.05
N HIS E 112 0.11 41.67 -40.48
CA HIS E 112 1.34 41.13 -41.10
C HIS E 112 1.11 40.51 -42.49
N ILE E 113 0.02 39.75 -42.64
CA ILE E 113 -0.40 39.18 -43.93
C ILE E 113 -0.77 40.28 -44.94
N GLN E 114 -1.42 41.32 -44.43
CA GLN E 114 -1.75 42.49 -45.25
C GLN E 114 -0.50 43.27 -45.70
N ALA E 115 0.54 43.33 -44.88
CA ALA E 115 1.76 44.00 -45.27
C ALA E 115 2.40 43.33 -46.48
N LEU E 116 2.36 42.01 -46.52
CA LEU E 116 3.16 41.25 -47.47
C LEU E 116 2.50 41.34 -48.82
N LEU E 117 1.20 41.00 -48.83
CA LEU E 117 0.33 41.24 -49.97
C LEU E 117 0.06 42.74 -49.87
N LYS E 118 -0.24 43.44 -50.96
CA LYS E 118 -0.66 44.86 -50.89
C LYS E 118 0.34 45.93 -50.33
N THR E 119 1.65 45.90 -50.63
CA THR E 119 2.53 47.05 -50.21
C THR E 119 3.55 47.55 -51.26
N GLY E 120 4.67 46.86 -51.43
CA GLY E 120 5.85 47.42 -52.13
C GLY E 120 5.69 47.71 -53.62
N GLU E 121 6.81 47.89 -54.31
CA GLU E 121 6.83 47.81 -55.77
C GLU E 121 6.28 46.41 -56.02
N HIS E 122 7.01 45.40 -55.55
CA HIS E 122 6.68 44.00 -55.78
C HIS E 122 6.07 43.39 -54.49
N THR E 123 4.85 42.89 -54.65
CA THR E 123 4.00 42.47 -53.54
C THR E 123 3.83 40.97 -53.69
N TRP E 124 3.54 40.28 -52.60
CA TRP E 124 3.29 38.84 -52.64
C TRP E 124 1.85 38.52 -53.02
N SER E 125 1.65 37.51 -53.87
CA SER E 125 0.36 36.85 -54.01
C SER E 125 0.24 35.84 -52.87
N LEU E 126 -0.96 35.30 -52.66
CA LEU E 126 -1.18 34.28 -51.63
C LEU E 126 -0.52 33.01 -52.10
N ALA E 127 -0.82 32.63 -53.34
CA ALA E 127 -0.16 31.52 -53.98
C ALA E 127 1.28 31.38 -53.45
N GLU E 128 2.02 32.50 -53.56
CA GLU E 128 3.44 32.56 -53.22
C GLU E 128 3.67 32.60 -51.73
N LEU E 129 3.00 33.53 -51.07
CA LEU E 129 3.11 33.67 -49.64
C LEU E 129 2.89 32.35 -48.91
N ILE E 130 1.95 31.52 -49.38
CA ILE E 130 1.67 30.25 -48.73
C ILE E 130 2.85 29.34 -48.88
N GLN E 131 3.35 29.20 -50.11
CA GLN E 131 4.56 28.41 -50.35
C GLN E 131 5.73 28.89 -49.48
N ALA E 132 5.91 30.20 -49.39
CA ALA E 132 6.98 30.76 -48.59
C ALA E 132 6.83 30.45 -47.09
N LEU E 133 5.61 30.42 -46.60
CA LEU E 133 5.40 30.11 -45.19
C LEU E 133 5.73 28.67 -44.92
N VAL E 134 5.46 27.80 -45.90
CA VAL E 134 5.73 26.38 -45.75
C VAL E 134 7.26 26.27 -45.69
N LEU E 135 7.94 26.80 -46.73
CA LEU E 135 9.43 26.88 -46.77
C LEU E 135 10.09 27.40 -45.52
N LEU E 136 9.46 28.40 -44.90
CA LEU E 136 10.00 29.03 -43.70
C LEU E 136 9.92 28.07 -42.50
N THR E 137 8.74 27.55 -42.23
CA THR E 137 8.55 26.67 -41.07
C THR E 137 9.15 25.28 -41.24
N HIS E 138 9.31 24.88 -42.50
CA HIS E 138 10.04 23.67 -42.83
C HIS E 138 11.46 23.81 -42.32
N CYS E 139 12.08 24.95 -42.64
CA CYS E 139 13.48 25.18 -42.31
C CYS E 139 13.69 25.49 -40.84
N HIS E 140 12.67 26.05 -40.18
CA HIS E 140 12.73 26.23 -38.73
C HIS E 140 12.70 24.90 -38.08
N SER E 141 11.75 24.07 -38.49
CA SER E 141 11.58 22.75 -37.89
C SER E 141 12.79 21.87 -38.17
N LEU E 142 13.31 21.94 -39.38
CA LEU E 142 14.56 21.26 -39.73
C LEU E 142 15.74 21.75 -38.91
N SER E 143 15.78 23.05 -38.61
CA SER E 143 16.78 23.57 -37.66
C SER E 143 16.65 22.86 -36.31
N SER E 144 15.42 22.72 -35.80
CA SER E 144 15.21 22.01 -34.54
C SER E 144 15.79 20.61 -34.63
N PHE E 145 15.44 19.90 -35.70
CA PHE E 145 15.98 18.55 -35.98
C PHE E 145 17.51 18.48 -36.00
N VAL E 146 18.13 19.45 -36.69
CA VAL E 146 19.57 19.44 -36.94
C VAL E 146 20.31 19.48 -35.60
N PHE E 147 19.98 20.47 -34.78
CA PHE E 147 20.64 20.63 -33.47
C PHE E 147 20.19 19.49 -32.59
N GLY E 148 18.88 19.23 -32.59
CA GLY E 148 18.31 18.19 -31.77
C GLY E 148 19.06 16.89 -31.89
N CYS E 149 19.26 16.43 -33.14
CA CYS E 149 19.92 15.14 -33.45
C CYS E 149 21.43 15.20 -33.75
N GLY E 150 22.08 16.32 -33.42
CA GLY E 150 23.52 16.43 -33.55
C GLY E 150 24.07 16.55 -34.95
N ILE E 151 23.21 16.64 -35.96
CA ILE E 151 23.67 16.50 -37.34
C ILE E 151 24.78 17.49 -37.67
N LEU E 152 25.96 16.95 -38.03
CA LEU E 152 27.13 17.73 -38.46
C LEU E 152 27.05 18.02 -39.93
N PRO E 153 27.82 19.00 -40.42
CA PRO E 153 27.75 19.29 -41.85
C PRO E 153 28.73 18.40 -42.60
N GLU E 154 28.55 18.28 -43.90
CA GLU E 154 29.33 17.35 -44.70
C GLU E 154 30.78 17.88 -44.83
N GLY E 155 31.77 17.02 -44.57
CA GLY E 155 33.19 17.35 -44.67
C GLY E 155 33.99 17.18 -43.39
N ASP E 156 33.55 17.86 -42.33
CA ASP E 156 34.41 18.14 -41.17
C ASP E 156 34.14 17.18 -39.99
N PRO E 168 31.61 10.59 -38.47
CA PRO E 168 30.16 10.31 -38.24
C PRO E 168 29.22 11.21 -39.14
N PRO E 169 27.86 11.04 -39.10
CA PRO E 169 26.92 12.08 -39.61
C PRO E 169 26.24 12.92 -38.49
N SER E 170 26.47 12.57 -37.21
CA SER E 170 25.88 13.26 -36.06
C SER E 170 26.78 13.08 -34.84
N GLU E 171 26.95 14.16 -34.07
CA GLU E 171 27.83 14.17 -32.91
C GLU E 171 27.16 13.57 -31.69
N GLN E 172 25.88 13.21 -31.80
CA GLN E 172 25.11 12.75 -30.65
C GLN E 172 24.65 11.29 -30.84
N SER E 173 23.93 11.00 -31.95
CA SER E 173 23.57 9.64 -32.40
C SER E 173 24.82 9.02 -33.05
N SER E 174 24.74 7.80 -33.60
CA SER E 174 25.96 7.08 -34.11
C SER E 174 25.71 5.88 -35.10
N PRO E 175 24.93 6.10 -36.21
CA PRO E 175 24.52 4.98 -37.09
C PRO E 175 25.68 4.20 -37.73
N ARG E 191 14.52 0.77 -11.73
CA ARG E 191 14.73 1.29 -13.06
C ARG E 191 13.55 2.18 -13.49
N ASP E 192 13.89 3.46 -13.71
CA ASP E 192 12.95 4.53 -14.14
C ASP E 192 12.11 4.28 -15.41
N VAL E 193 12.59 3.39 -16.28
CA VAL E 193 11.82 3.04 -17.47
C VAL E 193 10.56 2.29 -17.07
N GLU E 194 10.67 1.41 -16.06
CA GLU E 194 9.50 0.67 -15.54
C GLU E 194 8.51 1.58 -14.84
N ALA E 195 9.01 2.64 -14.19
CA ALA E 195 8.12 3.66 -13.61
C ALA E 195 7.20 4.21 -14.70
N LEU E 196 7.83 4.77 -15.73
CA LEU E 196 7.13 5.40 -16.84
C LEU E 196 6.04 4.48 -17.39
N MET E 197 6.43 3.25 -17.72
CA MET E 197 5.51 2.24 -18.23
C MET E 197 4.31 2.05 -17.32
N GLU E 198 4.57 2.01 -16.01
CA GLU E 198 3.48 1.92 -15.03
C GLU E 198 2.63 3.18 -15.04
N ARG E 199 3.26 4.36 -15.01
CA ARG E 199 2.51 5.63 -15.02
C ARG E 199 1.65 5.73 -16.31
N MET E 200 2.16 5.21 -17.44
CA MET E 200 1.44 5.14 -18.72
C MET E 200 0.22 4.25 -18.63
N GLN E 201 0.43 3.05 -18.09
CA GLN E 201 -0.62 2.04 -17.82
C GLN E 201 -1.86 2.61 -17.13
N GLN E 202 -1.62 3.24 -15.97
CA GLN E 202 -2.70 3.80 -15.13
C GLN E 202 -3.60 4.80 -15.85
N LEU E 203 -3.02 5.53 -16.79
CA LEU E 203 -3.78 6.47 -17.58
C LEU E 203 -4.76 5.75 -18.50
N GLN E 204 -4.44 4.52 -18.94
CA GLN E 204 -5.35 3.77 -19.82
C GLN E 204 -6.56 3.11 -19.13
N GLU E 205 -7.64 2.97 -19.92
CA GLU E 205 -9.01 2.73 -19.45
C GLU E 205 -9.62 1.49 -20.13
N GLU E 216 -12.54 24.30 -15.67
CA GLU E 216 -12.32 24.65 -14.27
C GLU E 216 -10.82 24.44 -13.92
N GLU E 217 -10.42 23.46 -13.08
CA GLU E 217 -8.98 23.16 -12.86
C GLU E 217 -8.35 22.35 -14.04
N MET E 218 -9.10 22.22 -15.15
CA MET E 218 -8.55 21.79 -16.44
C MET E 218 -7.78 22.88 -17.18
N GLU E 219 -8.43 24.03 -17.41
CA GLU E 219 -7.75 25.25 -17.89
C GLU E 219 -6.58 25.71 -16.96
N SER E 220 -6.63 25.33 -15.68
CA SER E 220 -5.65 25.72 -14.66
C SER E 220 -4.32 24.96 -14.68
N ARG E 221 -4.34 23.65 -14.96
CA ARG E 221 -3.08 22.84 -15.03
C ARG E 221 -2.28 23.10 -16.30
N PHE E 222 -2.97 23.67 -17.31
CA PHE E 222 -2.33 24.14 -18.52
C PHE E 222 -1.49 25.39 -18.22
N GLU E 223 -2.09 26.42 -17.65
CA GLU E 223 -1.36 27.67 -17.34
C GLU E 223 -0.12 27.37 -16.49
N LEU E 224 -0.24 26.33 -15.67
CA LEU E 224 0.79 25.90 -14.75
C LEU E 224 2.01 25.28 -15.49
N GLU E 225 1.70 24.59 -16.59
CA GLU E 225 2.69 24.04 -17.53
C GLU E 225 3.27 25.15 -18.40
N LYS E 226 2.39 26.01 -18.89
CA LYS E 226 2.73 27.02 -19.86
C LYS E 226 3.69 28.07 -19.30
N SER E 227 3.54 28.39 -18.01
CA SER E 227 4.41 29.35 -17.29
C SER E 227 5.82 28.80 -17.09
N GLU E 228 5.86 27.55 -16.63
CA GLU E 228 7.05 26.77 -16.24
C GLU E 228 8.25 26.84 -17.23
N SER E 229 9.35 27.48 -16.78
CA SER E 229 10.48 27.84 -17.66
C SER E 229 11.67 26.89 -17.53
N LEU E 230 12.25 26.53 -18.68
CA LEU E 230 13.34 25.56 -18.75
C LEU E 230 14.18 25.81 -20.03
N PRO E 245 27.43 34.36 -36.35
CA PRO E 245 28.60 35.13 -36.77
C PRO E 245 28.52 35.57 -38.24
N ASP E 246 28.59 34.63 -39.19
CA ASP E 246 28.32 34.91 -40.62
C ASP E 246 26.84 35.21 -40.80
N MET E 247 26.00 34.39 -40.17
CA MET E 247 24.60 34.22 -40.56
C MET E 247 23.67 35.36 -40.17
N LEU E 248 24.13 36.22 -39.26
CA LEU E 248 23.36 37.39 -38.84
C LEU E 248 23.07 38.36 -40.00
N CYS E 249 23.82 38.20 -41.11
CA CYS E 249 23.64 38.95 -42.34
C CYS E 249 22.30 38.71 -43.02
N PHE E 250 21.57 37.66 -42.61
CA PHE E 250 20.31 37.27 -43.27
C PHE E 250 19.06 37.43 -42.39
N VAL E 251 19.21 38.10 -41.24
CA VAL E 251 18.14 38.23 -40.26
C VAL E 251 17.85 39.69 -39.83
N GLU E 252 16.63 39.89 -39.32
CA GLU E 252 16.24 41.11 -38.61
C GLU E 252 16.45 40.82 -37.14
N ASP E 253 16.26 41.81 -36.28
CA ASP E 253 16.18 41.63 -34.81
C ASP E 253 16.96 40.40 -34.27
N PRO E 254 18.24 40.29 -34.62
CA PRO E 254 18.93 38.99 -34.59
C PRO E 254 18.91 38.19 -33.28
N THR E 255 18.55 38.78 -32.14
CA THR E 255 18.43 38.01 -30.90
C THR E 255 16.99 37.77 -30.39
N PHE E 256 15.97 38.18 -31.16
CA PHE E 256 14.55 38.02 -30.77
C PHE E 256 14.19 36.60 -30.31
N GLY E 257 14.17 36.40 -28.99
CA GLY E 257 14.00 35.06 -28.42
C GLY E 257 12.61 34.51 -28.64
N TYR E 258 12.40 33.30 -28.16
CA TYR E 258 11.09 32.85 -27.68
C TYR E 258 10.87 33.63 -26.37
N GLU E 259 11.91 33.66 -25.53
CA GLU E 259 11.97 34.47 -24.29
C GLU E 259 12.07 35.95 -24.60
N ASP E 260 11.25 36.71 -23.88
CA ASP E 260 11.28 38.15 -23.89
C ASP E 260 12.05 38.63 -22.66
N PHE E 261 13.11 39.39 -22.94
CA PHE E 261 13.87 40.08 -21.91
C PHE E 261 13.43 41.55 -21.75
N THR E 262 12.43 42.03 -22.51
CA THR E 262 11.70 43.25 -22.15
C THR E 262 11.03 43.10 -20.77
N ARG E 263 10.59 41.88 -20.45
CA ARG E 263 9.70 41.65 -19.31
C ARG E 263 10.34 40.74 -18.29
N ARG E 264 10.38 41.21 -17.04
CA ARG E 264 10.62 40.33 -15.89
C ARG E 264 9.74 39.09 -16.06
N GLY E 265 10.25 37.94 -15.60
CA GLY E 265 9.54 36.68 -15.78
C GLY E 265 9.66 36.17 -17.21
N ALA E 266 9.54 34.85 -17.36
CA ALA E 266 9.72 34.19 -18.65
C ALA E 266 8.56 34.51 -19.61
N GLN E 267 8.77 34.18 -20.88
CA GLN E 267 7.68 34.16 -21.83
C GLN E 267 6.69 33.09 -21.37
N ALA E 268 5.42 33.41 -21.62
CA ALA E 268 4.33 32.46 -21.57
C ALA E 268 3.28 33.03 -22.54
N PRO E 269 3.13 32.44 -23.73
CA PRO E 269 2.22 33.02 -24.71
C PRO E 269 0.76 33.01 -24.25
N PRO E 270 -0.11 33.77 -24.93
CA PRO E 270 -1.51 33.69 -24.55
C PRO E 270 -1.99 32.27 -24.75
N THR E 271 -2.98 31.87 -23.97
CA THR E 271 -3.69 30.61 -24.21
C THR E 271 -4.37 30.70 -25.58
N PHE E 272 -4.50 29.56 -26.24
CA PHE E 272 -5.28 29.48 -27.46
C PHE E 272 -6.00 28.17 -27.44
N ARG E 273 -7.31 28.29 -27.41
CA ARG E 273 -8.18 27.15 -27.36
C ARG E 273 -8.04 26.52 -28.74
N ALA E 274 -7.48 25.30 -28.75
CA ALA E 274 -7.13 24.58 -29.97
C ALA E 274 -8.22 24.64 -30.99
N GLN E 275 -9.44 24.41 -30.51
CA GLN E 275 -10.64 24.13 -31.32
C GLN E 275 -10.90 25.23 -32.32
N ASP E 276 -10.83 26.48 -31.86
CA ASP E 276 -11.03 27.64 -32.75
C ASP E 276 -10.35 27.47 -34.14
N TYR E 277 -9.11 26.96 -34.15
CA TYR E 277 -8.35 26.69 -35.39
C TYR E 277 -7.48 25.44 -35.24
N THR E 278 -7.93 24.36 -35.85
CA THR E 278 -7.19 23.12 -35.90
C THR E 278 -6.81 22.91 -37.33
N TRP E 279 -5.76 22.11 -37.50
CA TRP E 279 -5.28 21.76 -38.83
C TRP E 279 -6.38 21.03 -39.59
N GLU E 280 -7.04 20.10 -38.89
CA GLU E 280 -7.85 19.08 -39.56
C GLU E 280 -9.06 19.62 -40.34
N ASP E 281 -9.62 20.75 -39.92
CA ASP E 281 -10.82 21.31 -40.55
C ASP E 281 -10.78 22.85 -40.54
N HIS E 282 -9.75 23.36 -41.19
CA HIS E 282 -9.59 24.80 -41.45
C HIS E 282 -8.25 24.99 -42.12
N GLY E 283 -7.19 24.70 -41.37
CA GLY E 283 -5.82 24.90 -41.81
C GLY E 283 -5.58 24.13 -43.08
N TYR E 284 -5.93 22.84 -43.04
CA TYR E 284 -5.77 21.95 -44.18
C TYR E 284 -6.44 22.53 -45.43
N SER E 285 -7.75 22.76 -45.34
CA SER E 285 -8.52 23.23 -46.50
C SER E 285 -8.10 24.64 -46.95
N LEU E 286 -7.70 25.51 -46.03
CA LEU E 286 -7.10 26.78 -46.43
C LEU E 286 -5.83 26.57 -47.22
N ILE E 287 -4.98 25.63 -46.77
CA ILE E 287 -3.73 25.39 -47.50
C ILE E 287 -4.05 24.93 -48.90
N GLN E 288 -4.84 23.85 -49.04
CA GLN E 288 -5.00 23.28 -50.39
C GLN E 288 -5.91 24.07 -51.34
N ARG E 289 -6.63 25.07 -50.83
CA ARG E 289 -7.22 26.03 -51.76
C ARG E 289 -6.09 26.80 -52.45
N LEU E 290 -5.08 27.18 -51.66
CA LEU E 290 -4.01 28.08 -52.11
C LEU E 290 -2.70 27.41 -52.52
N TYR E 291 -2.43 26.20 -52.02
CA TYR E 291 -1.16 25.49 -52.30
C TYR E 291 -1.44 24.00 -52.34
N PRO E 292 -2.16 23.55 -53.38
CA PRO E 292 -2.82 22.23 -53.43
C PRO E 292 -1.84 21.06 -53.21
N GLU E 293 -0.79 21.08 -54.02
CA GLU E 293 0.25 20.08 -54.05
C GLU E 293 0.82 19.89 -52.63
N GLY E 294 1.28 20.97 -52.02
CA GLY E 294 1.94 20.91 -50.72
C GLY E 294 1.01 20.77 -49.53
N GLY E 295 -0.28 21.05 -49.72
CA GLY E 295 -1.24 20.88 -48.65
C GLY E 295 -1.36 19.43 -48.25
N GLN E 296 -1.64 18.60 -49.24
CA GLN E 296 -1.69 17.15 -49.06
C GLN E 296 -0.46 16.61 -48.32
N LEU E 297 0.72 16.94 -48.85
CA LEU E 297 1.99 16.45 -48.31
C LEU E 297 2.25 16.86 -46.87
N LEU E 298 1.83 18.06 -46.51
CA LEU E 298 1.86 18.49 -45.12
C LEU E 298 0.99 17.59 -44.23
N ASP E 299 -0.26 17.39 -44.61
CA ASP E 299 -1.17 16.52 -43.84
C ASP E 299 -0.64 15.12 -43.76
N GLU E 300 -0.16 14.57 -44.87
CA GLU E 300 0.45 13.24 -44.82
C GLU E 300 1.59 13.19 -43.79
N LYS E 301 2.44 14.22 -43.73
CA LYS E 301 3.63 14.23 -42.88
C LYS E 301 3.32 14.47 -41.41
N PHE E 302 2.42 15.43 -41.13
CA PHE E 302 1.88 15.61 -39.75
C PHE E 302 1.33 14.27 -39.26
N GLN E 303 0.38 13.76 -40.05
CA GLN E 303 -0.30 12.52 -39.81
C GLN E 303 0.68 11.39 -39.55
N ALA E 304 1.70 11.28 -40.41
CA ALA E 304 2.70 10.19 -40.33
C ALA E 304 3.44 10.22 -39.01
N ALA E 305 3.86 11.42 -38.60
CA ALA E 305 4.69 11.59 -37.41
C ALA E 305 3.94 11.40 -36.12
N TYR E 306 2.70 11.90 -36.09
CA TYR E 306 1.87 11.78 -34.90
C TYR E 306 1.67 10.33 -34.59
N SER E 307 1.35 9.56 -35.64
CA SER E 307 1.03 8.13 -35.52
C SER E 307 2.22 7.16 -35.53
N LEU E 308 3.37 7.54 -36.08
CA LEU E 308 4.61 6.72 -35.99
C LEU E 308 4.84 6.22 -34.58
N THR E 309 4.72 4.89 -34.43
CA THR E 309 5.06 4.14 -33.20
C THR E 309 5.60 2.78 -33.58
N TYR E 310 6.71 2.35 -32.99
CA TYR E 310 7.18 0.96 -33.18
C TYR E 310 6.80 0.10 -32.00
N ASN E 311 5.67 0.41 -31.35
CA ASN E 311 5.26 -0.16 -30.05
C ASN E 311 6.37 -0.65 -29.12
N THR E 312 7.32 0.25 -28.81
CA THR E 312 8.37 0.00 -27.82
C THR E 312 8.57 1.17 -26.84
N ILE E 313 9.14 0.86 -25.68
CA ILE E 313 9.58 1.85 -24.71
C ILE E 313 10.98 1.45 -24.27
N ALA E 314 11.99 2.14 -24.80
CA ALA E 314 13.39 1.75 -24.67
C ALA E 314 13.56 0.29 -25.08
N MET E 315 13.99 -0.62 -24.18
CA MET E 315 14.12 -2.06 -24.48
C MET E 315 12.80 -2.84 -24.54
N HIS E 316 11.84 -2.50 -23.68
CA HIS E 316 10.52 -3.16 -23.72
C HIS E 316 9.77 -2.98 -25.04
N SER E 317 8.85 -3.91 -25.33
CA SER E 317 8.04 -3.95 -26.59
C SER E 317 6.57 -4.37 -26.36
N GLY E 318 5.73 -4.16 -27.36
CA GLY E 318 4.28 -4.32 -27.21
C GLY E 318 3.69 -3.39 -26.16
N VAL E 319 4.22 -2.17 -26.08
CA VAL E 319 3.69 -1.13 -25.22
C VAL E 319 2.99 -0.17 -26.17
N ASP E 320 1.91 0.45 -25.69
CA ASP E 320 1.19 1.49 -26.45
C ASP E 320 1.67 2.82 -25.91
N THR E 321 2.51 3.46 -26.69
CA THR E 321 3.14 4.71 -26.31
C THR E 321 2.24 5.93 -26.49
N SER E 322 1.05 5.74 -27.07
CA SER E 322 0.24 6.85 -27.55
C SER E 322 0.02 7.96 -26.53
N VAL E 323 -0.09 7.62 -25.25
CA VAL E 323 -0.23 8.66 -24.20
C VAL E 323 1.04 9.48 -24.03
N LEU E 324 2.19 8.80 -24.10
CA LEU E 324 3.51 9.40 -23.94
C LEU E 324 3.84 10.31 -25.12
N ARG E 325 3.34 9.97 -26.31
CA ARG E 325 3.55 10.78 -27.51
C ARG E 325 2.52 11.90 -27.68
N ARG E 326 1.30 11.70 -27.17
CA ARG E 326 0.36 12.80 -27.07
C ARG E 326 0.91 13.80 -26.07
N ALA E 327 1.42 13.29 -24.95
CA ALA E 327 2.05 14.13 -23.95
C ALA E 327 3.17 14.96 -24.56
N ILE E 328 4.03 14.32 -25.36
CA ILE E 328 5.10 15.06 -26.04
C ILE E 328 4.53 16.09 -27.00
N TRP E 329 3.56 15.67 -27.81
CA TRP E 329 2.96 16.55 -28.81
C TRP E 329 2.25 17.72 -28.16
N ASN E 330 1.56 17.45 -27.05
CA ASN E 330 0.75 18.48 -26.40
C ASN E 330 1.57 19.47 -25.56
N TYR E 331 2.67 19.01 -24.95
CA TYR E 331 3.63 19.89 -24.23
C TYR E 331 4.28 20.93 -25.14
N ILE E 332 4.59 20.55 -26.37
CA ILE E 332 5.14 21.49 -27.35
C ILE E 332 4.07 22.47 -27.78
N HIS E 333 2.86 21.99 -27.91
CA HIS E 333 1.78 22.87 -28.32
C HIS E 333 1.40 23.82 -27.22
N CYS E 334 1.45 23.33 -25.98
CA CYS E 334 1.41 24.18 -24.80
C CYS E 334 2.49 25.28 -24.81
N VAL E 335 3.71 24.91 -25.13
CA VAL E 335 4.81 25.86 -25.18
C VAL E 335 4.53 26.97 -26.20
N PHE E 336 3.99 26.60 -27.35
CA PHE E 336 3.65 27.57 -28.39
C PHE E 336 2.20 28.05 -28.22
N GLY E 337 1.62 27.84 -27.03
CA GLY E 337 0.33 28.44 -26.65
C GLY E 337 -0.98 27.76 -27.02
N ILE E 338 -0.99 26.46 -27.28
CA ILE E 338 -2.20 25.77 -27.77
C ILE E 338 -2.75 24.71 -26.76
N ARG E 339 -3.96 25.00 -26.25
CA ARG E 339 -4.64 24.21 -25.20
C ARG E 339 -5.70 23.36 -25.84
N TYR E 340 -5.50 22.05 -25.78
CA TYR E 340 -6.47 21.06 -26.22
C TYR E 340 -7.40 20.78 -25.05
N ASP E 341 -8.70 21.06 -25.22
CA ASP E 341 -9.63 21.16 -24.07
C ASP E 341 -9.71 19.89 -23.27
N ASP E 342 -9.86 18.78 -23.99
CA ASP E 342 -9.99 17.48 -23.35
C ASP E 342 -8.76 17.04 -22.57
N TYR E 343 -7.57 17.50 -22.94
CA TYR E 343 -6.34 16.94 -22.39
C TYR E 343 -6.14 17.34 -20.93
N ASP E 344 -6.19 16.33 -20.05
CA ASP E 344 -5.76 16.47 -18.65
C ASP E 344 -4.27 16.79 -18.67
N TYR E 345 -3.95 18.08 -18.71
CA TYR E 345 -2.56 18.47 -18.94
C TYR E 345 -1.60 18.06 -17.78
N GLY E 346 -2.15 17.56 -16.68
CA GLY E 346 -1.36 16.91 -15.64
C GLY E 346 -0.61 15.68 -16.12
N GLU E 347 -1.20 14.95 -17.08
CA GLU E 347 -0.55 13.81 -17.75
C GLU E 347 0.90 14.13 -18.12
N VAL E 348 1.12 15.35 -18.63
CA VAL E 348 2.45 15.82 -19.07
C VAL E 348 3.52 15.73 -18.00
N ASN E 349 3.23 16.26 -16.81
CA ASN E 349 4.18 16.17 -15.70
C ASN E 349 4.52 14.74 -15.29
N GLN E 350 3.57 13.81 -15.51
CA GLN E 350 3.73 12.42 -15.10
C GLN E 350 4.58 11.61 -16.04
N LEU E 351 4.38 11.83 -17.34
CA LEU E 351 5.05 11.03 -18.36
C LEU E 351 6.38 11.65 -18.77
N LEU E 352 6.37 12.95 -19.08
CA LEU E 352 7.57 13.64 -19.56
C LEU E 352 8.47 14.03 -18.39
N GLU E 353 9.59 13.32 -18.22
CA GLU E 353 10.53 13.63 -17.14
C GLU E 353 11.14 14.99 -17.33
N ARG E 354 11.90 15.44 -16.35
CA ARG E 354 12.38 16.82 -16.36
C ARG E 354 13.34 17.09 -17.50
N ASN E 355 14.37 16.24 -17.63
CA ASN E 355 15.43 16.53 -18.61
C ASN E 355 14.91 16.42 -20.03
N LEU E 356 13.83 15.65 -20.21
CA LEU E 356 13.16 15.55 -21.49
C LEU E 356 12.41 16.82 -21.80
N LYS E 357 11.76 17.40 -20.79
CA LYS E 357 11.09 18.68 -20.98
C LYS E 357 12.10 19.76 -21.34
N VAL E 358 13.22 19.76 -20.63
CA VAL E 358 14.31 20.69 -20.92
C VAL E 358 14.72 20.57 -22.36
N TYR E 359 15.08 19.34 -22.75
CA TYR E 359 15.57 19.03 -24.09
C TYR E 359 14.55 19.41 -25.16
N ILE E 360 13.31 18.96 -24.97
CA ILE E 360 12.23 19.27 -25.87
C ILE E 360 12.12 20.78 -26.05
N LYS E 361 12.04 21.50 -24.93
CA LYS E 361 11.83 22.94 -25.00
C LYS E 361 13.00 23.57 -25.72
N THR E 362 14.21 23.18 -25.32
CA THR E 362 15.44 23.70 -25.91
C THR E 362 15.52 23.45 -27.43
N VAL E 363 15.25 22.24 -27.88
CA VAL E 363 15.23 21.95 -29.31
C VAL E 363 14.09 22.68 -30.01
N ALA E 364 12.93 22.75 -29.35
CA ALA E 364 11.76 23.46 -29.87
C ALA E 364 11.90 24.99 -29.97
N CYS E 365 12.52 25.61 -28.96
CA CYS E 365 12.59 27.09 -28.83
C CYS E 365 13.96 27.71 -29.06
N TYR E 366 15.00 27.02 -28.59
CA TYR E 366 16.39 27.47 -28.63
C TYR E 366 17.33 26.37 -29.15
N PRO E 367 17.03 25.85 -30.35
CA PRO E 367 17.80 24.73 -30.86
C PRO E 367 19.29 25.03 -30.94
N GLU E 368 19.61 26.23 -31.44
CA GLU E 368 20.86 26.97 -31.15
C GLU E 368 21.66 26.41 -29.96
N LYS E 369 21.01 26.36 -28.79
CA LYS E 369 21.64 26.00 -27.53
C LYS E 369 21.52 24.53 -27.13
N THR E 370 21.12 23.64 -28.04
CA THR E 370 21.02 22.22 -27.68
C THR E 370 22.42 21.69 -27.60
N THR E 371 22.68 20.77 -26.67
CA THR E 371 24.04 20.29 -26.42
C THR E 371 24.06 18.82 -26.09
N ARG E 372 25.21 18.22 -26.37
CA ARG E 372 25.38 16.78 -26.24
C ARG E 372 25.04 16.32 -24.81
N ARG E 373 25.47 17.06 -23.79
CA ARG E 373 25.15 16.70 -22.41
C ARG E 373 23.64 16.67 -22.20
N MET E 374 22.94 17.63 -22.80
CA MET E 374 21.49 17.77 -22.66
C MET E 374 20.75 16.62 -23.30
N TYR E 375 21.24 16.22 -24.47
CA TYR E 375 20.76 15.03 -25.20
C TYR E 375 20.95 13.77 -24.39
N ASN E 376 22.19 13.47 -24.00
CA ASN E 376 22.48 12.27 -23.18
C ASN E 376 21.63 12.14 -21.90
N LEU E 377 21.47 13.25 -21.19
CA LEU E 377 20.90 13.23 -19.86
C LEU E 377 19.50 12.63 -19.73
N PHE E 378 18.65 12.96 -20.69
CA PHE E 378 17.25 12.55 -20.63
C PHE E 378 17.12 11.17 -21.19
N TRP E 379 16.23 10.40 -20.60
CA TRP E 379 15.98 9.04 -21.04
C TRP E 379 17.31 8.31 -21.08
N ARG E 380 18.02 8.32 -19.94
CA ARG E 380 19.34 7.68 -19.83
C ARG E 380 19.27 6.31 -20.59
N HIS E 381 18.20 5.55 -20.38
CA HIS E 381 18.11 4.19 -20.91
C HIS E 381 17.37 3.97 -22.25
N PHE E 382 16.90 5.01 -22.93
CA PHE E 382 16.22 4.80 -24.23
C PHE E 382 17.22 4.69 -25.38
N ARG E 383 16.77 4.06 -26.46
CA ARG E 383 17.59 3.91 -27.67
C ARG E 383 17.74 5.27 -28.34
N HIS E 384 18.82 5.45 -29.09
CA HIS E 384 19.01 6.68 -29.85
C HIS E 384 17.93 6.92 -30.89
N SER E 385 17.49 5.86 -31.56
CA SER E 385 16.43 5.99 -32.52
C SER E 385 15.16 6.60 -31.88
N GLU E 386 14.93 6.33 -30.60
CA GLU E 386 13.81 6.94 -29.87
C GLU E 386 13.97 8.43 -29.62
N LYS E 387 15.20 8.87 -29.42
CA LYS E 387 15.46 10.29 -29.29
C LYS E 387 15.27 11.04 -30.64
N VAL E 388 15.67 10.39 -31.73
CA VAL E 388 15.43 10.93 -33.06
C VAL E 388 13.94 10.94 -33.27
N HIS E 389 13.26 9.92 -32.76
CA HIS E 389 11.80 9.86 -32.83
C HIS E 389 11.25 11.12 -32.19
N VAL E 390 11.58 11.32 -30.90
CA VAL E 390 11.15 12.49 -30.11
C VAL E 390 11.36 13.74 -30.95
N ASN E 391 12.56 13.85 -31.47
CA ASN E 391 12.89 14.97 -32.31
C ASN E 391 11.95 15.32 -33.46
N LEU E 392 11.38 14.30 -34.09
CA LEU E 392 10.57 14.55 -35.27
C LEU E 392 9.13 14.68 -34.87
N LEU E 393 8.73 13.88 -33.91
CA LEU E 393 7.48 14.14 -33.25
C LEU E 393 7.42 15.63 -32.90
N LEU E 394 8.53 16.12 -32.36
CA LEU E 394 8.66 17.52 -31.95
C LEU E 394 8.66 18.50 -33.12
N LEU E 395 9.62 18.37 -34.03
CA LEU E 395 9.71 19.26 -35.18
C LEU E 395 8.36 19.44 -35.90
N GLU E 396 7.60 18.36 -36.00
CA GLU E 396 6.29 18.43 -36.65
C GLU E 396 5.32 19.21 -35.78
N ALA E 397 5.37 18.93 -34.49
CA ALA E 397 4.47 19.60 -33.55
C ALA E 397 4.70 21.10 -33.56
N ARG E 398 5.97 21.49 -33.44
CA ARG E 398 6.38 22.91 -33.55
C ARG E 398 5.85 23.59 -34.82
N MET E 399 6.09 22.92 -35.93
CA MET E 399 5.70 23.40 -37.23
C MET E 399 4.18 23.55 -37.35
N GLN E 400 3.44 22.55 -36.88
CA GLN E 400 1.99 22.65 -36.92
C GLN E 400 1.55 23.93 -36.20
N ALA E 401 1.97 24.06 -34.95
CA ALA E 401 1.66 25.25 -34.16
C ALA E 401 1.85 26.53 -34.98
N ALA E 402 3.06 26.67 -35.53
CA ALA E 402 3.45 27.89 -36.24
C ALA E 402 2.68 28.07 -37.52
N LEU E 403 2.53 26.99 -38.26
CA LEU E 403 1.80 27.06 -39.51
C LEU E 403 0.31 27.38 -39.29
N LEU E 404 -0.28 26.87 -38.21
CA LEU E 404 -1.67 27.20 -37.84
C LEU E 404 -1.86 28.65 -37.52
N TYR E 405 -1.00 29.18 -36.66
CA TYR E 405 -1.04 30.61 -36.35
C TYR E 405 -0.94 31.46 -37.61
N ALA E 406 -0.10 31.02 -38.53
CA ALA E 406 0.10 31.74 -39.77
C ALA E 406 -1.15 31.73 -40.64
N LEU E 407 -1.68 30.55 -40.90
CA LEU E 407 -2.90 30.38 -41.68
C LEU E 407 -4.09 31.11 -41.06
N ARG E 408 -4.15 31.12 -39.72
CA ARG E 408 -5.27 31.73 -39.01
C ARG E 408 -5.27 33.23 -39.26
N ALA E 409 -4.10 33.86 -39.21
CA ALA E 409 -3.96 35.26 -39.69
C ALA E 409 -4.37 35.44 -41.16
N ILE E 410 -4.02 34.49 -42.01
CA ILE E 410 -4.47 34.51 -43.41
C ILE E 410 -6.01 34.41 -43.50
N THR E 411 -6.63 33.65 -42.59
CA THR E 411 -8.10 33.58 -42.54
C THR E 411 -8.68 34.92 -42.07
N ARG E 412 -8.14 35.51 -41.01
CA ARG E 412 -8.60 36.84 -40.58
C ARG E 412 -8.48 37.89 -41.69
N TYR E 413 -7.42 37.84 -42.48
CA TYR E 413 -7.28 38.75 -43.62
C TYR E 413 -8.34 38.46 -44.68
N MET E 414 -8.30 37.25 -45.26
CA MET E 414 -9.21 36.81 -46.36
C MET E 414 -10.71 37.09 -46.08
N THR E 415 -11.30 36.32 -45.15
CA THR E 415 -12.67 36.56 -44.67
C THR E 415 -12.63 37.64 -43.59
#